data_2YMD
#
_entry.id   2YMD
#
_cell.length_a   203.565
_cell.length_b   140.064
_cell.length_c   126.528
_cell.angle_alpha   90.00
_cell.angle_beta   99.08
_cell.angle_gamma   90.00
#
_symmetry.space_group_name_H-M   'C 1 2 1'
#
loop_
_entity.id
_entity.type
_entity.pdbx_description
1 polymer 'SOLUBLE ACETYLCHOLINE RECEPTOR'
2 non-polymer SEROTONIN
3 non-polymer GLYCEROL
4 non-polymer 'PHOSPHATE ION'
5 water water
#
_entity_poly.entity_id   1
_entity_poly.type   'polypeptide(L)'
_entity_poly.pdbx_seq_one_letter_code
;QANLMRLKSDLFNRSPMYPGPTKDDPLTVTLGFTLQDIVKVDSSTNEVDLVYWEQQRWKLNSLMWDPNEYGNITDFRTSA
ADIWTPDITAYESTRPVQVLSPQIAVVTHDGSVMFIPAQRLSFMCDPTGVDSEEGVTCALTFGSWVYSGFEIDLKTDTDQ
VDLSSYYASSKYEILSATQTRQVQHYSCCPEPYIDVNLVVKFRERRAGNGFF
;
_entity_poly.pdbx_strand_id   A,B,C,D,E,F,G,H,I,J
#
loop_
_chem_comp.id
_chem_comp.type
_chem_comp.name
_chem_comp.formula
GOL non-polymer GLYCEROL 'C3 H8 O3'
PO4 non-polymer 'PHOSPHATE ION' 'O4 P -3'
SRO non-polymer SEROTONIN 'C10 H12 N2 O'
#
# COMPACT_ATOMS: atom_id res chain seq x y z
N GLN A 1 33.96 -27.52 -39.15
CA GLN A 1 34.48 -26.83 -40.32
C GLN A 1 33.87 -27.35 -41.63
N ALA A 2 34.72 -27.68 -42.60
CA ALA A 2 34.25 -28.13 -43.90
C ALA A 2 33.33 -29.37 -43.81
N ASN A 3 33.76 -30.37 -43.04
CA ASN A 3 32.97 -31.58 -42.89
C ASN A 3 31.59 -31.33 -42.26
N LEU A 4 31.55 -30.47 -41.24
CA LEU A 4 30.27 -30.16 -40.60
C LEU A 4 29.32 -29.41 -41.55
N MET A 5 29.85 -28.46 -42.32
CA MET A 5 29.04 -27.75 -43.29
C MET A 5 28.40 -28.73 -44.26
N ARG A 6 29.20 -29.68 -44.75
CA ARG A 6 28.71 -30.76 -45.61
C ARG A 6 27.58 -31.55 -44.96
N LEU A 7 27.80 -31.94 -43.71
CA LEU A 7 26.83 -32.71 -42.96
C LEU A 7 25.50 -31.97 -42.82
N LYS A 8 25.58 -30.72 -42.38
CA LYS A 8 24.37 -29.93 -42.13
C LYS A 8 23.64 -29.68 -43.44
N SER A 9 24.39 -29.43 -44.50
CA SER A 9 23.79 -29.26 -45.81
C SER A 9 23.09 -30.55 -46.24
N ASP A 10 23.73 -31.68 -46.01
CA ASP A 10 23.16 -32.95 -46.45
C ASP A 10 21.89 -33.28 -45.65
N LEU A 11 21.94 -33.07 -44.34
CA LEU A 11 20.77 -33.34 -43.50
C LEU A 11 19.59 -32.40 -43.74
N PHE A 12 19.88 -31.13 -44.03
CA PHE A 12 18.83 -30.10 -44.00
C PHE A 12 18.41 -29.52 -45.34
N ASN A 13 19.16 -29.81 -46.41
CA ASN A 13 18.90 -29.14 -47.68
C ASN A 13 18.29 -30.01 -48.80
N ARG A 14 17.75 -31.18 -48.47
CA ARG A 14 17.26 -32.04 -49.55
C ARG A 14 15.91 -32.74 -49.35
N SER A 15 15.63 -33.22 -48.16
CA SER A 15 14.37 -33.92 -47.91
C SER A 15 13.38 -33.04 -47.16
N PRO A 16 12.07 -33.34 -47.31
CA PRO A 16 11.06 -32.68 -46.48
C PRO A 16 11.31 -32.93 -45.01
N MET A 17 10.91 -32.00 -44.16
CA MET A 17 11.08 -32.21 -42.74
C MET A 17 10.11 -33.28 -42.25
N TYR A 18 10.57 -34.04 -41.26
CA TYR A 18 9.77 -34.98 -40.51
C TYR A 18 8.43 -34.33 -40.14
N PRO A 19 7.31 -35.00 -40.45
CA PRO A 19 5.99 -34.39 -40.26
C PRO A 19 5.41 -34.71 -38.90
N GLY A 20 6.26 -35.12 -37.96
CA GLY A 20 5.76 -35.53 -36.66
C GLY A 20 5.39 -37.00 -36.66
N PRO A 21 5.11 -37.56 -35.48
CA PRO A 21 4.76 -38.97 -35.33
C PRO A 21 3.33 -39.29 -35.75
N THR A 22 3.08 -40.57 -36.00
CA THR A 22 1.76 -41.09 -36.31
C THR A 22 1.56 -42.38 -35.53
N LYS A 23 0.35 -42.94 -35.60
CA LYS A 23 0.06 -44.21 -34.94
C LYS A 23 0.98 -45.32 -35.48
N ASP A 24 1.22 -45.31 -36.78
CA ASP A 24 2.09 -46.30 -37.42
C ASP A 24 3.55 -46.11 -37.01
N ASP A 25 3.94 -44.87 -36.76
CA ASP A 25 5.33 -44.54 -36.42
C ASP A 25 5.40 -43.64 -35.19
N PRO A 26 5.17 -44.21 -34.01
CA PRO A 26 5.12 -43.38 -32.81
C PRO A 26 6.52 -42.96 -32.37
N LEU A 27 6.59 -41.96 -31.51
CA LEU A 27 7.87 -41.41 -31.08
C LEU A 27 7.92 -41.38 -29.57
N THR A 28 9.05 -41.78 -29.01
CA THR A 28 9.24 -41.68 -27.57
C THR A 28 10.00 -40.40 -27.25
N VAL A 29 9.44 -39.59 -26.35
CA VAL A 29 10.09 -38.37 -25.91
C VAL A 29 10.38 -38.50 -24.44
N THR A 30 11.65 -38.39 -24.07
CA THR A 30 12.05 -38.47 -22.68
C THR A 30 12.19 -37.07 -22.10
N LEU A 31 11.62 -36.88 -20.92
CA LEU A 31 11.50 -35.57 -20.28
C LEU A 31 12.16 -35.61 -18.91
N GLY A 32 12.84 -34.54 -18.53
CA GLY A 32 13.40 -34.44 -17.19
C GLY A 32 13.50 -32.98 -16.81
N PHE A 33 13.34 -32.68 -15.53
CA PHE A 33 13.36 -31.28 -15.10
C PHE A 33 14.52 -30.94 -14.18
N THR A 34 15.11 -29.79 -14.43
CA THR A 34 16.08 -29.21 -13.52
C THR A 34 15.42 -27.96 -12.93
N LEU A 35 15.05 -28.03 -11.66
CA LEU A 35 14.35 -26.91 -11.04
C LEU A 35 15.35 -25.94 -10.48
N GLN A 36 15.38 -24.72 -11.03
CA GLN A 36 16.40 -23.74 -10.65
C GLN A 36 15.96 -22.74 -9.57
N ASP A 37 14.69 -22.35 -9.59
CA ASP A 37 14.25 -21.33 -8.65
C ASP A 37 12.74 -21.27 -8.62
N ILE A 38 12.17 -21.15 -7.42
CA ILE A 38 10.81 -20.68 -7.28
C ILE A 38 10.96 -19.19 -7.00
N VAL A 39 10.59 -18.37 -7.99
CA VAL A 39 10.88 -16.96 -7.95
C VAL A 39 9.88 -16.18 -7.12
N LYS A 40 8.60 -16.47 -7.34
CA LYS A 40 7.54 -15.61 -6.85
C LYS A 40 6.30 -16.42 -6.57
N VAL A 41 5.58 -16.07 -5.51
CA VAL A 41 4.21 -16.57 -5.31
C VAL A 41 3.27 -15.38 -5.28
N ASP A 42 2.04 -15.60 -5.69
CA ASP A 42 1.05 -14.53 -5.66
C ASP A 42 -0.19 -15.06 -4.99
N SER A 43 -0.41 -14.70 -3.73
CA SER A 43 -1.56 -15.19 -2.99
C SER A 43 -2.86 -14.50 -3.40
N SER A 44 -2.76 -13.42 -4.16
CA SER A 44 -3.97 -12.73 -4.62
C SER A 44 -4.58 -13.43 -5.83
N THR A 45 -3.77 -14.21 -6.54
CA THR A 45 -4.24 -14.80 -7.78
C THR A 45 -4.03 -16.30 -7.80
N ASN A 46 -3.37 -16.82 -6.77
CA ASN A 46 -2.92 -18.21 -6.75
C ASN A 46 -2.16 -18.60 -8.01
N GLU A 47 -1.10 -17.83 -8.26
CA GLU A 47 -0.12 -18.16 -9.30
C GLU A 47 1.27 -18.21 -8.66
N VAL A 48 2.07 -19.16 -9.11
CA VAL A 48 3.47 -19.26 -8.69
C VAL A 48 4.38 -19.33 -9.93
N ASP A 49 5.53 -18.67 -9.84
CA ASP A 49 6.47 -18.57 -10.95
C ASP A 49 7.69 -19.47 -10.71
N LEU A 50 7.97 -20.37 -11.63
CA LEU A 50 9.13 -21.27 -11.55
C LEU A 50 10.15 -20.95 -12.63
N VAL A 51 11.42 -21.21 -12.33
CA VAL A 51 12.44 -21.25 -13.35
C VAL A 51 13.03 -22.65 -13.36
N TYR A 52 13.01 -23.28 -14.54
CA TYR A 52 13.46 -24.65 -14.69
C TYR A 52 14.10 -24.83 -16.05
N TRP A 53 14.91 -25.88 -16.18
CA TRP A 53 15.42 -26.32 -17.49
C TRP A 53 14.69 -27.60 -17.83
N GLU A 54 14.12 -27.67 -19.02
CA GLU A 54 13.32 -28.82 -19.41
C GLU A 54 14.08 -29.69 -20.39
N GLN A 55 14.68 -30.77 -19.90
CA GLN A 55 15.46 -31.64 -20.75
C GLN A 55 14.57 -32.55 -21.58
N GLN A 56 14.71 -32.44 -22.89
CA GLN A 56 13.96 -33.27 -23.82
C GLN A 56 14.90 -34.10 -24.70
N ARG A 57 14.56 -35.38 -24.88
CA ARG A 57 15.29 -36.25 -25.80
C ARG A 57 14.35 -37.07 -26.67
N TRP A 58 14.72 -37.25 -27.94
CA TRP A 58 13.99 -38.12 -28.85
C TRP A 58 14.94 -38.48 -29.98
N LYS A 59 14.55 -39.43 -30.82
CA LYS A 59 15.41 -39.90 -31.89
C LYS A 59 14.68 -40.03 -33.23
N LEU A 60 15.29 -39.52 -34.29
CA LEU A 60 14.71 -39.59 -35.63
C LEU A 60 15.65 -40.30 -36.61
N ASN A 61 15.12 -41.26 -37.36
CA ASN A 61 15.91 -41.95 -38.38
C ASN A 61 16.48 -40.95 -39.39
N SER A 62 15.68 -39.95 -39.75
CA SER A 62 16.07 -38.95 -40.73
C SER A 62 17.23 -38.06 -40.26
N LEU A 63 17.60 -38.15 -38.98
CA LEU A 63 18.72 -37.35 -38.50
C LEU A 63 20.00 -38.18 -38.35
N MET A 64 19.98 -39.42 -38.84
CA MET A 64 21.15 -40.30 -38.75
C MET A 64 22.21 -40.04 -39.83
N TRP A 65 23.47 -40.30 -39.51
CA TRP A 65 24.53 -40.26 -40.52
C TRP A 65 25.65 -41.18 -40.12
N ASP A 66 26.50 -41.50 -41.10
CA ASP A 66 27.70 -42.31 -40.88
C ASP A 66 28.86 -41.35 -40.64
N PRO A 67 29.39 -41.34 -39.40
CA PRO A 67 30.52 -40.48 -39.04
C PRO A 67 31.70 -40.60 -40.00
N ASN A 68 31.92 -41.81 -40.51
CA ASN A 68 33.01 -42.05 -41.45
C ASN A 68 32.94 -41.19 -42.71
N GLU A 69 31.72 -40.80 -43.09
CA GLU A 69 31.52 -40.03 -44.30
C GLU A 69 31.64 -38.53 -44.03
N TYR A 70 31.77 -38.16 -42.77
CA TYR A 70 31.82 -36.74 -42.40
C TYR A 70 32.96 -36.41 -41.44
N GLY A 71 34.15 -36.87 -41.78
CA GLY A 71 35.34 -36.58 -40.99
C GLY A 71 35.23 -37.03 -39.54
N ASN A 72 34.51 -38.12 -39.31
CA ASN A 72 34.31 -38.69 -37.97
C ASN A 72 33.46 -37.86 -37.00
N ILE A 73 32.69 -36.92 -37.53
CA ILE A 73 31.78 -36.16 -36.66
C ILE A 73 30.73 -37.10 -36.11
N THR A 74 30.56 -37.08 -34.78
CA THR A 74 29.60 -37.96 -34.13
C THR A 74 28.42 -37.20 -33.53
N ASP A 75 28.54 -35.88 -33.45
CA ASP A 75 27.43 -35.04 -33.00
C ASP A 75 27.67 -33.58 -33.38
N PHE A 76 26.62 -32.77 -33.35
CA PHE A 76 26.78 -31.35 -33.61
C PHE A 76 25.67 -30.52 -32.95
N ARG A 77 25.98 -29.24 -32.70
CA ARG A 77 25.00 -28.30 -32.20
C ARG A 77 24.29 -27.66 -33.39
N THR A 78 23.00 -27.43 -33.25
CA THR A 78 22.26 -26.76 -34.30
C THR A 78 21.04 -26.05 -33.72
N SER A 79 20.68 -24.93 -34.35
CA SER A 79 19.53 -24.16 -33.92
C SER A 79 18.30 -25.07 -33.89
N ALA A 80 17.53 -24.98 -32.82
CA ALA A 80 16.33 -25.81 -32.69
C ALA A 80 15.32 -25.56 -33.82
N ALA A 81 15.39 -24.39 -34.44
CA ALA A 81 14.59 -24.08 -35.62
C ALA A 81 14.94 -24.94 -36.84
N ASP A 82 16.08 -25.63 -36.79
CA ASP A 82 16.50 -26.43 -37.93
C ASP A 82 15.84 -27.81 -37.95
N ILE A 83 15.24 -28.18 -36.82
CA ILE A 83 14.74 -29.55 -36.67
C ILE A 83 13.34 -29.55 -36.10
N TRP A 84 12.66 -30.68 -36.25
CA TRP A 84 11.35 -30.87 -35.66
C TRP A 84 11.52 -30.92 -34.15
N THR A 85 10.59 -30.32 -33.42
CA THR A 85 10.61 -30.43 -31.96
C THR A 85 9.21 -30.77 -31.45
N PRO A 86 9.15 -31.55 -30.35
CA PRO A 86 7.84 -31.96 -29.80
C PRO A 86 7.09 -30.83 -29.10
N ASP A 87 5.76 -30.89 -29.13
CA ASP A 87 4.92 -29.83 -28.56
C ASP A 87 4.63 -30.05 -27.07
N ILE A 88 5.67 -30.28 -26.28
CA ILE A 88 5.49 -30.54 -24.86
C ILE A 88 5.04 -29.24 -24.20
N THR A 89 3.91 -29.29 -23.51
CA THR A 89 3.27 -28.07 -23.04
C THR A 89 2.91 -28.20 -21.58
N ALA A 90 3.10 -27.12 -20.83
CA ALA A 90 2.60 -27.08 -19.45
C ALA A 90 1.08 -26.87 -19.45
N TYR A 91 0.35 -27.74 -18.77
CA TYR A 91 -1.12 -27.72 -18.83
C TYR A 91 -1.82 -26.74 -17.89
N GLU A 92 -1.11 -26.22 -16.89
CA GLU A 92 -1.74 -25.30 -15.94
C GLU A 92 -1.06 -23.93 -15.90
N SER A 93 -0.43 -23.54 -17.01
CA SER A 93 0.19 -22.23 -17.07
C SER A 93 -0.89 -21.13 -17.02
N THR A 94 -0.51 -19.93 -16.55
CA THR A 94 -1.41 -18.78 -16.60
C THR A 94 -0.86 -17.63 -17.41
N ARG A 95 0.38 -17.75 -17.89
CA ARG A 95 1.00 -16.78 -18.80
C ARG A 95 1.80 -17.55 -19.82
N PRO A 96 2.04 -16.95 -21.01
CA PRO A 96 2.90 -17.61 -22.00
C PRO A 96 4.25 -17.89 -21.39
N VAL A 97 4.86 -19.02 -21.74
CA VAL A 97 6.19 -19.33 -21.23
C VAL A 97 7.20 -18.28 -21.70
N GLN A 98 8.16 -17.95 -20.83
CA GLN A 98 9.27 -17.10 -21.24
C GLN A 98 10.55 -17.91 -21.35
N VAL A 99 11.20 -17.85 -22.51
CA VAL A 99 12.42 -18.62 -22.75
C VAL A 99 13.65 -17.85 -22.30
N LEU A 100 14.51 -18.50 -21.53
CA LEU A 100 15.62 -17.79 -20.89
C LEU A 100 16.98 -18.13 -21.47
N SER A 101 17.01 -19.08 -22.39
CA SER A 101 18.26 -19.54 -22.93
C SER A 101 18.16 -19.60 -24.45
N PRO A 102 19.30 -19.72 -25.13
CA PRO A 102 19.29 -20.05 -26.55
C PRO A 102 18.48 -21.31 -26.77
N GLN A 103 17.94 -21.48 -27.96
CA GLN A 103 17.24 -22.71 -28.28
C GLN A 103 18.03 -23.42 -29.37
N ILE A 104 18.95 -24.27 -28.92
CA ILE A 104 19.90 -24.92 -29.79
C ILE A 104 19.95 -26.33 -29.28
N ALA A 105 19.94 -27.29 -30.19
CA ALA A 105 19.95 -28.70 -29.79
C ALA A 105 21.28 -29.37 -30.17
N VAL A 106 21.54 -30.50 -29.56
CA VAL A 106 22.66 -31.36 -29.94
C VAL A 106 22.09 -32.61 -30.60
N VAL A 107 22.48 -32.84 -31.86
CA VAL A 107 22.06 -34.01 -32.62
C VAL A 107 23.24 -34.98 -32.70
N THR A 108 22.98 -36.26 -32.47
CA THR A 108 24.02 -37.29 -32.49
C THR A 108 23.79 -38.19 -33.71
N HIS A 109 24.86 -38.86 -34.18
CA HIS A 109 24.85 -39.57 -35.46
C HIS A 109 23.85 -40.71 -35.53
N ASP A 110 23.38 -41.19 -34.38
CA ASP A 110 22.34 -42.22 -34.33
C ASP A 110 20.94 -41.59 -34.48
N GLY A 111 20.91 -40.29 -34.75
CA GLY A 111 19.66 -39.59 -34.92
C GLY A 111 19.04 -39.07 -33.63
N SER A 112 19.67 -39.29 -32.49
CA SER A 112 19.06 -38.81 -31.23
C SER A 112 19.31 -37.32 -31.03
N VAL A 113 18.40 -36.67 -30.33
CA VAL A 113 18.48 -35.23 -30.13
C VAL A 113 18.36 -34.95 -28.64
N MET A 114 19.20 -34.04 -28.14
CA MET A 114 19.05 -33.50 -26.79
C MET A 114 18.80 -31.99 -26.88
N PHE A 115 17.78 -31.51 -26.17
CA PHE A 115 17.36 -30.11 -26.23
C PHE A 115 16.92 -29.69 -24.84
N ILE A 116 17.58 -28.68 -24.26
CA ILE A 116 17.30 -28.29 -22.87
C ILE A 116 17.12 -26.79 -22.74
N PRO A 117 15.94 -26.29 -23.08
CA PRO A 117 15.67 -24.85 -22.91
C PRO A 117 15.41 -24.50 -21.44
N ALA A 118 15.92 -23.35 -20.98
CA ALA A 118 15.51 -22.78 -19.69
C ALA A 118 14.27 -21.92 -19.88
N GLN A 119 13.35 -22.02 -18.92
CA GLN A 119 12.05 -21.37 -19.05
C GLN A 119 11.64 -20.76 -17.72
N ARG A 120 10.87 -19.67 -17.79
CA ARG A 120 10.13 -19.20 -16.63
C ARG A 120 8.65 -19.35 -16.93
N LEU A 121 7.90 -19.89 -15.99
CA LEU A 121 6.47 -20.11 -16.18
C LEU A 121 5.67 -19.71 -14.96
N SER A 122 4.55 -19.01 -15.17
CA SER A 122 3.56 -18.80 -14.11
C SER A 122 2.53 -19.91 -14.24
N PHE A 123 2.19 -20.54 -13.13
CA PHE A 123 1.19 -21.61 -13.17
C PHE A 123 0.25 -21.60 -11.98
N MET A 124 -0.84 -22.35 -12.11
CA MET A 124 -1.87 -22.41 -11.08
C MET A 124 -1.39 -23.13 -9.82
N CYS A 125 -1.31 -22.39 -8.72
CA CYS A 125 -0.77 -22.93 -7.47
C CYS A 125 -1.15 -22.00 -6.31
N ASP A 126 -1.83 -22.56 -5.30
CA ASP A 126 -2.24 -21.83 -4.11
C ASP A 126 -1.10 -21.91 -3.09
N PRO A 127 -0.44 -20.77 -2.82
CA PRO A 127 0.71 -20.78 -1.92
C PRO A 127 0.33 -20.57 -0.44
N THR A 128 -0.96 -20.53 -0.12
CA THR A 128 -1.37 -20.34 1.27
C THR A 128 -0.72 -21.40 2.17
N GLY A 129 0.01 -20.95 3.19
CA GLY A 129 0.72 -21.88 4.07
C GLY A 129 2.20 -22.04 3.75
N VAL A 130 2.68 -21.35 2.73
CA VAL A 130 4.09 -21.43 2.36
C VAL A 130 5.05 -20.96 3.47
N ASP A 131 4.54 -20.09 4.35
CA ASP A 131 5.33 -19.57 5.46
C ASP A 131 5.26 -20.46 6.71
N SER A 132 5.05 -21.75 6.54
CA SER A 132 5.01 -22.66 7.67
C SER A 132 6.10 -23.70 7.53
N GLU A 133 6.29 -24.49 8.57
CA GLU A 133 7.27 -25.57 8.54
C GLU A 133 6.87 -26.64 7.52
N GLU A 134 5.58 -26.91 7.42
CA GLU A 134 5.10 -27.98 6.56
C GLU A 134 5.09 -27.54 5.11
N GLY A 135 5.02 -26.23 4.88
CA GLY A 135 5.04 -25.68 3.55
C GLY A 135 3.78 -25.99 2.76
N VAL A 136 3.92 -26.00 1.44
CA VAL A 136 2.77 -26.18 0.55
C VAL A 136 3.19 -27.09 -0.61
N THR A 137 2.22 -27.72 -1.26
CA THR A 137 2.52 -28.58 -2.42
C THR A 137 1.75 -28.07 -3.63
N CYS A 138 2.44 -28.01 -4.76
CA CYS A 138 1.75 -27.72 -6.00
C CYS A 138 2.19 -28.69 -7.09
N ALA A 139 1.36 -28.84 -8.11
CA ALA A 139 1.63 -29.80 -9.17
C ALA A 139 1.40 -29.14 -10.51
N LEU A 140 2.23 -29.50 -11.48
CA LEU A 140 2.15 -28.92 -12.79
C LEU A 140 2.34 -30.08 -13.76
N THR A 141 1.41 -30.28 -14.68
CA THR A 141 1.54 -31.36 -15.65
C THR A 141 2.04 -30.90 -17.02
N PHE A 142 2.91 -31.71 -17.62
CA PHE A 142 3.48 -31.44 -18.92
C PHE A 142 3.19 -32.61 -19.85
N GLY A 143 2.84 -32.30 -21.08
CA GLY A 143 2.54 -33.34 -22.05
C GLY A 143 2.37 -32.73 -23.42
N SER A 144 2.29 -33.56 -24.45
CA SER A 144 2.00 -33.10 -25.79
C SER A 144 0.64 -32.43 -25.76
N TRP A 145 0.47 -31.34 -26.51
CA TRP A 145 -0.83 -30.69 -26.58
C TRP A 145 -1.77 -31.48 -27.49
N VAL A 146 -1.23 -32.05 -28.57
CA VAL A 146 -2.09 -32.61 -29.62
C VAL A 146 -1.93 -34.09 -29.92
N TYR A 147 -0.87 -34.71 -29.40
CA TYR A 147 -0.60 -36.12 -29.70
C TYR A 147 -0.96 -37.03 -28.52
N SER A 148 -1.81 -38.01 -28.78
CA SER A 148 -2.17 -39.00 -27.77
C SER A 148 -0.99 -39.93 -27.49
N GLY A 149 -1.18 -40.82 -26.53
CA GLY A 149 -0.18 -41.81 -26.20
C GLY A 149 0.14 -42.76 -27.35
N PHE A 150 -0.72 -42.78 -28.36
CA PHE A 150 -0.49 -43.58 -29.56
C PHE A 150 0.53 -42.96 -30.53
N GLU A 151 0.80 -41.67 -30.38
CA GLU A 151 1.73 -40.97 -31.25
C GLU A 151 2.99 -40.54 -30.50
N ILE A 152 2.80 -40.05 -29.28
CA ILE A 152 3.92 -39.62 -28.45
C ILE A 152 3.86 -40.35 -27.10
N ASP A 153 4.87 -41.18 -26.87
CA ASP A 153 5.06 -41.85 -25.60
C ASP A 153 6.06 -41.03 -24.81
N LEU A 154 5.59 -40.39 -23.76
CA LEU A 154 6.45 -39.61 -22.89
C LEU A 154 7.04 -40.54 -21.86
N LYS A 155 8.32 -40.36 -21.55
CA LYS A 155 9.02 -41.18 -20.57
C LYS A 155 9.90 -40.31 -19.70
N THR A 156 10.32 -40.84 -18.56
CA THR A 156 11.33 -40.20 -17.73
C THR A 156 12.42 -41.23 -17.49
N ASP A 157 13.64 -40.77 -17.24
CA ASP A 157 14.72 -41.67 -16.87
C ASP A 157 14.76 -41.81 -15.36
N THR A 158 14.12 -40.88 -14.67
CA THR A 158 14.10 -40.86 -13.21
C THR A 158 12.89 -40.07 -12.72
N ASP A 159 12.36 -40.42 -11.56
CA ASP A 159 11.29 -39.60 -10.99
C ASP A 159 11.83 -38.52 -10.06
N GLN A 160 13.15 -38.42 -9.95
CA GLN A 160 13.75 -37.41 -9.09
C GLN A 160 14.05 -36.16 -9.90
N VAL A 161 13.44 -35.04 -9.52
CA VAL A 161 13.75 -33.75 -10.13
C VAL A 161 15.18 -33.36 -9.76
N ASP A 162 15.93 -32.89 -10.74
CA ASP A 162 17.31 -32.44 -10.51
C ASP A 162 17.33 -31.12 -9.71
N LEU A 163 17.81 -31.17 -8.48
CA LEU A 163 17.88 -29.98 -7.64
C LEU A 163 19.31 -29.46 -7.45
N SER A 164 20.26 -30.04 -8.18
CA SER A 164 21.67 -29.69 -8.02
C SER A 164 22.03 -28.25 -8.45
N SER A 165 21.16 -27.60 -9.21
CA SER A 165 21.42 -26.22 -9.58
C SER A 165 20.39 -25.28 -8.93
N TYR A 166 19.68 -25.77 -7.91
CA TYR A 166 18.65 -24.93 -7.30
C TYR A 166 19.30 -23.76 -6.56
N TYR A 167 18.74 -22.57 -6.76
CA TYR A 167 19.31 -21.34 -6.18
C TYR A 167 19.29 -21.35 -4.66
N ALA A 168 20.48 -21.34 -4.06
CA ALA A 168 20.63 -21.53 -2.62
C ALA A 168 20.03 -20.38 -1.80
N SER A 169 19.88 -19.21 -2.41
CA SER A 169 19.35 -18.08 -1.65
C SER A 169 17.99 -17.66 -2.14
N SER A 170 17.28 -18.61 -2.74
CA SER A 170 15.89 -18.42 -3.12
C SER A 170 15.06 -18.02 -1.89
N LYS A 171 13.97 -17.28 -2.12
CA LYS A 171 13.01 -17.00 -1.06
C LYS A 171 12.39 -18.30 -0.56
N TYR A 172 12.40 -19.32 -1.41
CA TYR A 172 11.75 -20.59 -1.10
C TYR A 172 12.72 -21.77 -1.13
N GLU A 173 12.62 -22.65 -0.13
CA GLU A 173 13.41 -23.88 -0.16
C GLU A 173 12.55 -25.06 -0.58
N ILE A 174 13.18 -26.03 -1.27
CA ILE A 174 12.47 -27.19 -1.77
C ILE A 174 12.52 -28.31 -0.76
N LEU A 175 11.35 -28.84 -0.42
CA LEU A 175 11.25 -29.94 0.54
C LEU A 175 11.26 -31.26 -0.23
N SER A 176 10.63 -31.27 -1.38
CA SER A 176 10.68 -32.43 -2.29
C SER A 176 10.25 -32.02 -3.69
N ALA A 177 10.73 -32.76 -4.68
CA ALA A 177 10.34 -32.52 -6.06
C ALA A 177 10.42 -33.81 -6.86
N THR A 178 9.28 -34.22 -7.41
CA THR A 178 9.21 -35.47 -8.17
C THR A 178 8.61 -35.23 -9.55
N GLN A 179 8.93 -36.12 -10.48
CA GLN A 179 8.37 -36.01 -11.83
C GLN A 179 7.84 -37.38 -12.20
N THR A 180 6.53 -37.47 -12.43
CA THR A 180 5.85 -38.76 -12.52
C THR A 180 4.97 -38.84 -13.76
N ARG A 181 5.11 -39.94 -14.48
CA ARG A 181 4.36 -40.25 -15.68
C ARG A 181 2.92 -40.62 -15.29
N GLN A 182 1.95 -40.12 -16.05
CA GLN A 182 0.55 -40.50 -15.83
C GLN A 182 -0.32 -40.39 -17.07
N VAL A 183 -1.47 -41.04 -17.04
CA VAL A 183 -2.36 -41.03 -18.18
C VAL A 183 -3.48 -40.05 -17.91
N GLN A 184 -3.81 -39.24 -18.91
CA GLN A 184 -4.91 -38.28 -18.80
C GLN A 184 -5.89 -38.47 -19.93
N HIS A 185 -7.13 -38.08 -19.66
CA HIS A 185 -8.12 -37.91 -20.72
C HIS A 185 -8.68 -36.51 -20.70
N TYR A 186 -8.94 -35.97 -21.88
CA TYR A 186 -9.53 -34.65 -21.97
C TYR A 186 -10.90 -34.84 -22.62
N SER A 187 -11.86 -33.97 -22.31
CA SER A 187 -13.24 -34.14 -22.75
C SER A 187 -13.38 -34.26 -24.27
N CYS A 188 -12.47 -33.61 -24.99
CA CYS A 188 -12.55 -33.55 -26.44
C CYS A 188 -12.40 -34.91 -27.12
N CYS A 189 -11.62 -35.80 -26.51
CA CYS A 189 -11.07 -36.96 -27.23
C CYS A 189 -11.10 -38.25 -26.41
N PRO A 190 -11.28 -39.40 -27.09
CA PRO A 190 -11.34 -40.67 -26.35
C PRO A 190 -9.96 -41.26 -26.00
N GLU A 191 -8.92 -40.85 -26.72
CA GLU A 191 -7.60 -41.47 -26.58
C GLU A 191 -6.88 -41.04 -25.31
N PRO A 192 -6.06 -41.95 -24.74
CA PRO A 192 -5.25 -41.56 -23.59
C PRO A 192 -4.11 -40.66 -24.03
N TYR A 193 -3.82 -39.65 -23.20
CA TYR A 193 -2.73 -38.73 -23.46
C TYR A 193 -1.75 -38.96 -22.33
N ILE A 194 -0.46 -38.89 -22.61
CA ILE A 194 0.53 -39.13 -21.57
C ILE A 194 1.06 -37.80 -21.06
N ASP A 195 1.22 -37.68 -19.75
CA ASP A 195 1.82 -36.48 -19.24
C ASP A 195 2.82 -36.79 -18.14
N VAL A 196 3.63 -35.80 -17.81
CA VAL A 196 4.52 -35.90 -16.69
C VAL A 196 4.10 -34.87 -15.66
N ASN A 197 3.85 -35.35 -14.45
CA ASN A 197 3.38 -34.55 -13.34
C ASN A 197 4.56 -34.12 -12.48
N LEU A 198 4.85 -32.81 -12.50
CA LEU A 198 5.90 -32.23 -11.70
C LEU A 198 5.29 -31.76 -10.40
N VAL A 199 5.66 -32.41 -9.30
CA VAL A 199 5.06 -32.15 -8.00
C VAL A 199 6.10 -31.59 -7.04
N VAL A 200 5.84 -30.39 -6.55
CA VAL A 200 6.87 -29.68 -5.79
C VAL A 200 6.31 -29.25 -4.44
N LYS A 201 7.00 -29.66 -3.38
CA LYS A 201 6.66 -29.27 -2.03
C LYS A 201 7.72 -28.28 -1.57
N PHE A 202 7.30 -27.12 -1.09
CA PHE A 202 8.24 -26.07 -0.78
C PHE A 202 7.71 -25.14 0.32
N ARG A 203 8.61 -24.34 0.88
CA ARG A 203 8.27 -23.41 1.95
C ARG A 203 9.22 -22.23 1.95
N GLU A 204 8.88 -21.18 2.69
CA GLU A 204 9.75 -20.00 2.77
C GLU A 204 11.06 -20.39 3.39
N ARG A 205 12.15 -19.97 2.76
CA ARG A 205 13.49 -20.33 3.24
C ARG A 205 13.73 -19.57 4.52
N ARG A 206 14.06 -20.30 5.57
CA ARG A 206 14.27 -19.69 6.88
C ARG A 206 15.69 -19.96 7.41
N ALA A 207 16.58 -20.35 6.52
CA ALA A 207 17.97 -20.65 6.86
C ALA A 207 18.85 -20.68 5.60
N GLY A 208 20.08 -20.19 5.71
CA GLY A 208 20.99 -20.17 4.58
C GLY A 208 21.79 -18.89 4.47
N ASN A 209 21.63 -18.19 3.34
CA ASN A 209 22.33 -16.93 3.09
C ASN A 209 22.01 -15.89 4.14
N GLY A 210 23.00 -15.61 4.99
CA GLY A 210 22.78 -14.78 6.14
C GLY A 210 21.96 -15.58 7.14
N PHE A 211 20.67 -15.25 7.23
CA PHE A 211 19.77 -15.80 8.25
C PHE A 211 20.48 -15.99 9.59
N PHE A 212 21.00 -14.88 10.09
CA PHE A 212 21.94 -14.83 11.19
C PHE A 212 21.38 -15.35 12.50
N GLN B 1 6.45 -42.24 -42.00
CA GLN B 1 6.61 -40.80 -42.21
C GLN B 1 6.32 -40.46 -43.67
N ALA B 2 6.67 -41.39 -44.56
CA ALA B 2 6.68 -41.12 -46.01
C ALA B 2 5.30 -40.81 -46.58
N ASN B 3 4.32 -41.62 -46.18
CA ASN B 3 2.97 -41.38 -46.63
C ASN B 3 2.43 -40.03 -46.18
N LEU B 4 2.71 -39.67 -44.92
CA LEU B 4 2.23 -38.41 -44.38
C LEU B 4 2.89 -37.23 -45.07
N MET B 5 4.18 -37.38 -45.36
CA MET B 5 4.90 -36.33 -46.07
C MET B 5 4.27 -36.08 -47.43
N ARG B 6 3.87 -37.15 -48.11
CA ARG B 6 3.23 -36.99 -49.42
C ARG B 6 1.86 -36.34 -49.30
N LEU B 7 1.09 -36.75 -48.31
CA LEU B 7 -0.22 -36.15 -48.09
C LEU B 7 -0.12 -34.64 -47.82
N LYS B 8 0.79 -34.23 -46.94
CA LYS B 8 0.95 -32.81 -46.62
C LYS B 8 1.43 -32.02 -47.83
N SER B 9 2.29 -32.62 -48.62
CA SER B 9 2.79 -31.96 -49.81
C SER B 9 1.64 -31.78 -50.79
N ASP B 10 0.87 -32.83 -50.99
CA ASP B 10 -0.23 -32.79 -51.96
C ASP B 10 -1.33 -31.80 -51.56
N LEU B 11 -1.68 -31.77 -50.27
CA LEU B 11 -2.67 -30.84 -49.74
C LEU B 11 -2.24 -29.36 -49.74
N PHE B 12 -0.98 -29.09 -49.40
CA PHE B 12 -0.56 -27.73 -49.08
C PHE B 12 0.34 -27.05 -50.12
N ASN B 13 0.75 -27.79 -51.16
CA ASN B 13 1.70 -27.20 -52.11
C ASN B 13 1.16 -27.03 -53.53
N ARG B 14 -0.09 -27.43 -53.75
CA ARG B 14 -0.60 -27.56 -55.12
C ARG B 14 -1.69 -26.56 -55.53
N SER B 15 -2.31 -25.90 -54.56
CA SER B 15 -3.46 -25.06 -54.84
C SER B 15 -3.48 -23.88 -53.87
N PRO B 16 -4.13 -22.77 -54.25
CA PRO B 16 -4.20 -21.64 -53.31
C PRO B 16 -4.98 -22.02 -52.07
N MET B 17 -4.71 -21.35 -50.95
CA MET B 17 -5.46 -21.66 -49.75
C MET B 17 -6.91 -21.22 -49.93
N TYR B 18 -7.80 -21.95 -49.27
CA TYR B 18 -9.19 -21.60 -49.12
C TYR B 18 -9.27 -20.11 -48.76
N PRO B 19 -10.10 -19.35 -49.48
CA PRO B 19 -10.15 -17.91 -49.23
C PRO B 19 -11.20 -17.54 -48.19
N GLY B 20 -11.63 -18.49 -47.37
CA GLY B 20 -12.65 -18.21 -46.38
C GLY B 20 -14.02 -18.36 -47.02
N PRO B 21 -15.07 -18.36 -46.20
CA PRO B 21 -16.44 -18.59 -46.68
C PRO B 21 -17.02 -17.38 -47.42
N THR B 22 -18.12 -17.62 -48.13
CA THR B 22 -18.84 -16.58 -48.83
C THR B 22 -20.32 -16.85 -48.66
N LYS B 23 -21.16 -15.93 -49.12
CA LYS B 23 -22.61 -16.12 -49.10
C LYS B 23 -23.02 -17.38 -49.85
N ASP B 24 -22.40 -17.61 -51.00
CA ASP B 24 -22.65 -18.78 -51.83
C ASP B 24 -22.20 -20.07 -51.16
N ASP B 25 -21.14 -19.97 -50.36
CA ASP B 25 -20.57 -21.15 -49.70
C ASP B 25 -20.27 -20.87 -48.23
N PRO B 26 -21.31 -20.76 -47.40
CA PRO B 26 -21.12 -20.46 -45.98
C PRO B 26 -20.50 -21.64 -45.22
N LEU B 27 -20.11 -21.37 -43.98
CA LEU B 27 -19.44 -22.36 -43.15
C LEU B 27 -19.99 -22.26 -41.74
N THR B 28 -20.23 -23.39 -41.09
CA THR B 28 -20.64 -23.38 -39.70
C THR B 28 -19.47 -23.81 -38.82
N VAL B 29 -19.17 -23.00 -37.81
CA VAL B 29 -18.11 -23.30 -36.87
C VAL B 29 -18.76 -23.72 -35.55
N THR B 30 -18.40 -24.89 -35.06
CA THR B 30 -18.83 -25.33 -33.73
C THR B 30 -17.84 -24.89 -32.67
N LEU B 31 -18.35 -24.29 -31.59
CA LEU B 31 -17.52 -23.78 -30.48
C LEU B 31 -17.92 -24.43 -29.17
N GLY B 32 -16.92 -24.65 -28.31
CA GLY B 32 -17.18 -25.20 -26.99
C GLY B 32 -16.08 -24.69 -26.10
N PHE B 33 -16.43 -24.34 -24.86
CA PHE B 33 -15.42 -23.79 -23.96
C PHE B 33 -15.18 -24.71 -22.78
N THR B 34 -13.92 -24.79 -22.38
CA THR B 34 -13.52 -25.46 -21.16
C THR B 34 -12.91 -24.39 -20.29
N LEU B 35 -13.56 -24.07 -19.18
CA LEU B 35 -13.06 -23.01 -18.31
C LEU B 35 -12.06 -23.60 -17.34
N GLN B 36 -10.83 -23.07 -17.34
CA GLN B 36 -9.79 -23.65 -16.48
C GLN B 36 -9.57 -22.87 -15.17
N ASP B 37 -9.62 -21.55 -15.24
CA ASP B 37 -9.31 -20.76 -14.05
C ASP B 37 -9.75 -19.32 -14.26
N ILE B 38 -10.40 -18.75 -13.24
CA ILE B 38 -10.51 -17.29 -13.17
C ILE B 38 -9.33 -16.86 -12.31
N VAL B 39 -8.37 -16.20 -12.93
CA VAL B 39 -7.09 -15.93 -12.29
C VAL B 39 -7.19 -14.71 -11.39
N LYS B 40 -7.83 -13.67 -11.90
CA LYS B 40 -7.73 -12.35 -11.29
C LYS B 40 -8.97 -11.54 -11.58
N VAL B 41 -9.41 -10.76 -10.59
CA VAL B 41 -10.37 -9.70 -10.84
C VAL B 41 -9.73 -8.36 -10.50
N ASP B 42 -10.16 -7.31 -11.19
CA ASP B 42 -9.62 -5.98 -10.94
C ASP B 42 -10.80 -5.04 -10.76
N SER B 43 -11.04 -4.64 -9.51
CA SER B 43 -12.20 -3.83 -9.20
C SER B 43 -11.96 -2.35 -9.47
N SER B 44 -10.71 -1.98 -9.75
CA SER B 44 -10.44 -0.58 -10.02
C SER B 44 -10.62 -0.30 -11.51
N THR B 45 -10.70 -1.37 -12.32
CA THR B 45 -10.85 -1.22 -13.76
C THR B 45 -12.00 -2.04 -14.35
N ASN B 46 -12.66 -2.83 -13.51
CA ASN B 46 -13.67 -3.78 -13.99
C ASN B 46 -13.21 -4.65 -15.17
N GLU B 47 -12.12 -5.36 -14.94
CA GLU B 47 -11.58 -6.36 -15.84
C GLU B 47 -11.44 -7.64 -15.04
N VAL B 48 -11.72 -8.76 -15.70
CA VAL B 48 -11.52 -10.09 -15.10
C VAL B 48 -10.70 -10.94 -16.07
N ASP B 49 -9.79 -11.75 -15.53
CA ASP B 49 -8.87 -12.56 -16.36
C ASP B 49 -9.25 -14.03 -16.31
N LEU B 50 -9.50 -14.63 -17.47
CA LEU B 50 -9.89 -16.05 -17.53
C LEU B 50 -8.87 -16.84 -18.29
N VAL B 51 -8.69 -18.10 -17.89
CA VAL B 51 -7.93 -19.07 -18.67
C VAL B 51 -8.91 -20.16 -19.10
N TYR B 52 -8.98 -20.40 -20.40
CA TYR B 52 -9.94 -21.35 -20.93
C TYR B 52 -9.36 -22.01 -22.17
N TRP B 53 -9.94 -23.15 -22.55
CA TRP B 53 -9.63 -23.77 -23.83
C TRP B 53 -10.84 -23.53 -24.70
N GLU B 54 -10.59 -23.14 -25.95
CA GLU B 54 -11.66 -22.89 -26.89
C GLU B 54 -11.64 -23.92 -28.02
N GLN B 55 -12.51 -24.90 -27.94
CA GLN B 55 -12.61 -25.93 -28.98
C GLN B 55 -13.35 -25.38 -30.19
N GLN B 56 -12.71 -25.46 -31.35
CA GLN B 56 -13.29 -25.02 -32.60
C GLN B 56 -13.35 -26.19 -33.57
N ARG B 57 -14.46 -26.33 -34.29
CA ARG B 57 -14.57 -27.36 -35.32
C ARG B 57 -15.24 -26.80 -36.56
N TRP B 58 -14.75 -27.24 -37.71
CA TRP B 58 -15.36 -26.89 -38.98
C TRP B 58 -14.90 -27.91 -40.01
N LYS B 59 -15.42 -27.79 -41.22
CA LYS B 59 -15.07 -28.77 -42.25
C LYS B 59 -14.93 -28.08 -43.59
N LEU B 60 -13.88 -28.42 -44.33
CA LEU B 60 -13.65 -27.85 -45.66
C LEU B 60 -13.47 -28.96 -46.67
N ASN B 61 -14.16 -28.86 -47.79
CA ASN B 61 -14.01 -29.87 -48.84
C ASN B 61 -12.57 -29.95 -49.35
N SER B 62 -11.90 -28.80 -49.37
CA SER B 62 -10.53 -28.69 -49.89
C SER B 62 -9.50 -29.42 -49.02
N LEU B 63 -9.90 -29.85 -47.82
CA LEU B 63 -9.00 -30.63 -46.97
C LEU B 63 -9.29 -32.14 -47.02
N MET B 64 -10.12 -32.58 -47.96
CA MET B 64 -10.46 -34.00 -48.05
C MET B 64 -9.37 -34.77 -48.78
N TRP B 65 -9.12 -36.02 -48.38
CA TRP B 65 -8.30 -36.94 -49.19
C TRP B 65 -8.83 -38.36 -49.09
N ASP B 66 -8.42 -39.20 -50.02
CA ASP B 66 -8.74 -40.62 -49.99
C ASP B 66 -7.63 -41.34 -49.23
N PRO B 67 -7.96 -41.90 -48.06
CA PRO B 67 -6.96 -42.60 -47.23
C PRO B 67 -6.25 -43.72 -47.99
N ASN B 68 -6.93 -44.40 -48.89
CA ASN B 68 -6.31 -45.50 -49.66
C ASN B 68 -5.07 -45.02 -50.43
N GLU B 69 -5.05 -43.75 -50.82
CA GLU B 69 -3.95 -43.22 -51.63
C GLU B 69 -2.78 -42.76 -50.74
N TYR B 70 -2.97 -42.80 -49.43
CA TYR B 70 -1.95 -42.31 -48.51
C TYR B 70 -1.70 -43.28 -47.36
N GLY B 71 -1.53 -44.56 -47.69
CA GLY B 71 -1.23 -45.59 -46.71
C GLY B 71 -2.25 -45.65 -45.58
N ASN B 72 -3.52 -45.38 -45.91
CA ASN B 72 -4.62 -45.41 -44.97
C ASN B 72 -4.56 -44.43 -43.80
N ILE B 73 -3.82 -43.35 -43.99
CA ILE B 73 -3.87 -42.23 -43.04
C ILE B 73 -5.27 -41.62 -43.03
N THR B 74 -5.90 -41.54 -41.86
CA THR B 74 -7.24 -41.00 -41.79
C THR B 74 -7.30 -39.60 -41.16
N ASP B 75 -6.21 -39.22 -40.49
CA ASP B 75 -6.10 -37.88 -39.93
C ASP B 75 -4.64 -37.51 -39.65
N PHE B 76 -4.39 -36.23 -39.44
CA PHE B 76 -3.05 -35.79 -39.11
C PHE B 76 -3.04 -34.47 -38.33
N ARG B 77 -1.93 -34.23 -37.65
CA ARG B 77 -1.72 -32.97 -36.93
C ARG B 77 -0.89 -32.08 -37.78
N THR B 78 -1.26 -30.80 -37.83
CA THR B 78 -0.44 -29.85 -38.54
C THR B 78 -0.57 -28.48 -37.93
N SER B 79 0.48 -27.68 -38.08
CA SER B 79 0.47 -26.33 -37.58
C SER B 79 -0.78 -25.61 -38.06
N ALA B 80 -1.43 -24.87 -37.17
CA ALA B 80 -2.64 -24.13 -37.55
C ALA B 80 -2.34 -23.09 -38.64
N ALA B 81 -1.08 -22.71 -38.79
CA ALA B 81 -0.70 -21.75 -39.81
C ALA B 81 -0.74 -22.34 -41.23
N ASP B 82 -0.83 -23.66 -41.34
CA ASP B 82 -0.84 -24.33 -42.64
C ASP B 82 -2.24 -24.33 -43.26
N ILE B 83 -3.25 -23.99 -42.48
CA ILE B 83 -4.63 -24.08 -42.92
C ILE B 83 -5.40 -22.81 -42.62
N TRP B 84 -6.54 -22.63 -43.27
CA TRP B 84 -7.44 -21.53 -42.92
C TRP B 84 -8.04 -21.78 -41.54
N THR B 85 -8.11 -20.74 -40.72
CA THR B 85 -8.80 -20.83 -39.43
C THR B 85 -9.77 -19.67 -39.28
N PRO B 86 -10.91 -19.89 -38.61
CA PRO B 86 -11.94 -18.85 -38.50
C PRO B 86 -11.54 -17.76 -37.51
N ASP B 87 -11.97 -16.54 -37.80
CA ASP B 87 -11.58 -15.35 -37.04
C ASP B 87 -12.47 -15.14 -35.82
N ILE B 88 -12.68 -16.21 -35.05
CA ILE B 88 -13.51 -16.14 -33.85
C ILE B 88 -12.84 -15.25 -32.80
N THR B 89 -13.57 -14.23 -32.36
CA THR B 89 -12.98 -13.16 -31.56
C THR B 89 -13.84 -12.88 -30.33
N ALA B 90 -13.21 -12.75 -29.18
CA ALA B 90 -13.91 -12.26 -28.00
C ALA B 90 -14.23 -10.79 -28.20
N TYR B 91 -15.50 -10.41 -28.08
CA TYR B 91 -15.91 -9.05 -28.39
C TYR B 91 -15.69 -8.01 -27.29
N GLU B 92 -15.45 -8.46 -26.07
CA GLU B 92 -15.26 -7.54 -24.95
C GLU B 92 -13.90 -7.66 -24.27
N SER B 93 -12.88 -8.08 -25.01
CA SER B 93 -11.54 -8.16 -24.44
C SER B 93 -11.00 -6.75 -24.15
N THR B 94 -10.06 -6.66 -23.21
CA THR B 94 -9.41 -5.39 -22.89
C THR B 94 -7.90 -5.45 -23.08
N ARG B 95 -7.38 -6.63 -23.41
CA ARG B 95 -5.96 -6.83 -23.71
C ARG B 95 -5.85 -7.89 -24.81
N PRO B 96 -4.74 -7.87 -25.57
CA PRO B 96 -4.59 -8.92 -26.58
C PRO B 96 -4.64 -10.29 -25.90
N VAL B 97 -5.25 -11.26 -26.56
CA VAL B 97 -5.27 -12.62 -26.01
C VAL B 97 -3.85 -13.16 -25.83
N GLN B 98 -3.61 -13.91 -24.75
CA GLN B 98 -2.32 -14.59 -24.62
C GLN B 98 -2.51 -16.07 -24.86
N VAL B 99 -1.82 -16.62 -25.86
CA VAL B 99 -1.96 -18.03 -26.18
C VAL B 99 -1.04 -18.87 -25.29
N LEU B 100 -1.59 -19.94 -24.71
CA LEU B 100 -0.85 -20.71 -23.69
C LEU B 100 -0.46 -22.10 -24.17
N SER B 101 -0.78 -22.41 -25.41
CA SER B 101 -0.54 -23.75 -25.95
C SER B 101 -0.01 -23.63 -27.38
N PRO B 102 0.54 -24.72 -27.91
CA PRO B 102 0.83 -24.74 -29.34
C PRO B 102 -0.46 -24.52 -30.09
N GLN B 103 -0.34 -24.05 -31.32
CA GLN B 103 -1.51 -23.87 -32.14
C GLN B 103 -1.41 -24.84 -33.31
N ILE B 104 -1.94 -26.04 -33.08
CA ILE B 104 -1.83 -27.15 -33.99
C ILE B 104 -3.21 -27.74 -34.11
N ALA B 105 -3.65 -27.99 -35.34
CA ALA B 105 -4.97 -28.55 -35.59
C ALA B 105 -4.88 -30.02 -35.99
N VAL B 106 -5.97 -30.74 -35.80
CA VAL B 106 -6.09 -32.08 -36.34
C VAL B 106 -7.03 -32.02 -37.53
N VAL B 107 -6.56 -32.52 -38.67
CA VAL B 107 -7.35 -32.56 -39.88
C VAL B 107 -7.71 -34.00 -40.19
N THR B 108 -8.98 -34.24 -40.52
CA THR B 108 -9.46 -35.59 -40.79
C THR B 108 -9.78 -35.74 -42.29
N HIS B 109 -9.71 -36.96 -42.79
CA HIS B 109 -9.78 -37.21 -44.23
C HIS B 109 -11.07 -36.70 -44.88
N ASP B 110 -12.11 -36.47 -44.08
CA ASP B 110 -13.36 -35.94 -44.62
C ASP B 110 -13.33 -34.41 -44.65
N GLY B 111 -12.17 -33.83 -44.41
CA GLY B 111 -12.03 -32.39 -44.46
C GLY B 111 -12.38 -31.70 -43.15
N SER B 112 -12.82 -32.46 -42.15
CA SER B 112 -13.12 -31.84 -40.86
C SER B 112 -11.85 -31.49 -40.06
N VAL B 113 -11.95 -30.43 -39.26
CA VAL B 113 -10.82 -29.88 -38.53
C VAL B 113 -11.23 -29.71 -37.05
N MET B 114 -10.30 -30.00 -36.15
CA MET B 114 -10.46 -29.69 -34.74
C MET B 114 -9.26 -28.90 -34.27
N PHE B 115 -9.52 -27.79 -33.57
CA PHE B 115 -8.46 -26.89 -33.15
C PHE B 115 -8.83 -26.38 -31.75
N ILE B 116 -7.96 -26.62 -30.77
CA ILE B 116 -8.25 -26.27 -29.38
C ILE B 116 -7.11 -25.51 -28.69
N PRO B 117 -7.03 -24.21 -28.91
CA PRO B 117 -6.01 -23.39 -28.24
C PRO B 117 -6.38 -23.09 -26.79
N ALA B 118 -5.37 -23.00 -25.93
CA ALA B 118 -5.57 -22.50 -24.56
C ALA B 118 -5.22 -21.02 -24.58
N GLN B 119 -6.03 -20.22 -23.88
CA GLN B 119 -5.92 -18.77 -23.92
C GLN B 119 -6.13 -18.17 -22.53
N ARG B 120 -5.42 -17.08 -22.25
CA ARG B 120 -5.75 -16.20 -21.13
C ARG B 120 -6.27 -14.90 -21.71
N LEU B 121 -7.40 -14.43 -21.19
CA LEU B 121 -8.03 -13.22 -21.71
C LEU B 121 -8.47 -12.30 -20.59
N SER B 122 -8.18 -11.01 -20.72
CA SER B 122 -8.75 -10.00 -19.83
C SER B 122 -10.00 -9.47 -20.51
N PHE B 123 -11.10 -9.36 -19.77
CA PHE B 123 -12.33 -8.89 -20.41
C PHE B 123 -13.15 -8.00 -19.50
N MET B 124 -14.10 -7.27 -20.11
CA MET B 124 -14.92 -6.33 -19.37
C MET B 124 -15.90 -7.01 -18.42
N CYS B 125 -15.71 -6.78 -17.11
CA CYS B 125 -16.50 -7.49 -16.12
C CYS B 125 -16.38 -6.77 -14.78
N ASP B 126 -17.52 -6.34 -14.25
CA ASP B 126 -17.59 -5.65 -12.96
C ASP B 126 -17.68 -6.71 -11.87
N PRO B 127 -16.61 -6.84 -11.07
CA PRO B 127 -16.56 -7.91 -10.06
C PRO B 127 -17.16 -7.53 -8.71
N THR B 128 -17.87 -6.40 -8.62
CA THR B 128 -18.48 -5.99 -7.36
C THR B 128 -19.44 -7.07 -6.87
N GLY B 129 -19.24 -7.51 -5.62
CA GLY B 129 -20.09 -8.54 -5.05
C GLY B 129 -19.50 -9.95 -5.10
N VAL B 130 -18.34 -10.09 -5.74
CA VAL B 130 -17.70 -11.40 -5.88
C VAL B 130 -17.40 -12.04 -4.51
N ASP B 131 -17.28 -11.22 -3.47
CA ASP B 131 -16.99 -11.75 -2.15
C ASP B 131 -18.26 -12.04 -1.35
N SER B 132 -19.40 -12.17 -2.03
CA SER B 132 -20.67 -12.44 -1.35
C SER B 132 -21.18 -13.84 -1.71
N GLU B 133 -22.21 -14.29 -1.01
CA GLU B 133 -22.76 -15.61 -1.30
C GLU B 133 -23.33 -15.68 -2.70
N GLU B 134 -23.96 -14.60 -3.14
CA GLU B 134 -24.61 -14.60 -4.46
C GLU B 134 -23.60 -14.47 -5.60
N GLY B 135 -22.42 -13.93 -5.29
CA GLY B 135 -21.37 -13.83 -6.29
C GLY B 135 -21.70 -12.81 -7.37
N VAL B 136 -21.13 -13.01 -8.55
CA VAL B 136 -21.32 -12.06 -9.63
C VAL B 136 -21.53 -12.80 -10.94
N THR B 137 -22.15 -12.13 -11.90
CA THR B 137 -22.35 -12.68 -13.22
C THR B 137 -21.64 -11.82 -14.25
N CYS B 138 -20.87 -12.45 -15.13
CA CYS B 138 -20.26 -11.71 -16.23
C CYS B 138 -20.45 -12.48 -17.51
N ALA B 139 -20.44 -11.76 -18.62
CA ALA B 139 -20.70 -12.37 -19.91
C ALA B 139 -19.69 -11.87 -20.91
N LEU B 140 -19.37 -12.75 -21.85
CA LEU B 140 -18.39 -12.47 -22.88
C LEU B 140 -18.92 -13.13 -24.15
N THR B 141 -19.01 -12.38 -25.24
CA THR B 141 -19.49 -12.94 -26.51
C THR B 141 -18.34 -13.24 -27.47
N PHE B 142 -18.44 -14.36 -28.19
CA PHE B 142 -17.41 -14.75 -29.14
C PHE B 142 -18.08 -14.90 -30.49
N GLY B 143 -17.46 -14.35 -31.52
CA GLY B 143 -17.97 -14.54 -32.87
C GLY B 143 -16.96 -14.06 -33.88
N SER B 144 -17.23 -14.31 -35.16
CA SER B 144 -16.39 -13.76 -36.20
C SER B 144 -16.34 -12.23 -36.09
N TRP B 145 -15.16 -11.67 -36.33
CA TRP B 145 -15.02 -10.22 -36.36
C TRP B 145 -15.60 -9.62 -37.65
N VAL B 146 -15.38 -10.30 -38.76
CA VAL B 146 -15.64 -9.69 -40.07
C VAL B 146 -16.73 -10.36 -40.93
N TYR B 147 -17.09 -11.60 -40.60
CA TYR B 147 -18.15 -12.27 -41.36
C TYR B 147 -19.50 -12.19 -40.68
N SER B 148 -20.54 -11.87 -41.44
CA SER B 148 -21.90 -11.92 -40.90
C SER B 148 -22.40 -13.35 -40.93
N GLY B 149 -23.64 -13.54 -40.47
CA GLY B 149 -24.28 -14.84 -40.46
C GLY B 149 -24.51 -15.43 -41.84
N PHE B 150 -24.35 -14.61 -42.87
CA PHE B 150 -24.51 -15.10 -44.24
C PHE B 150 -23.28 -15.90 -44.69
N GLU B 151 -22.16 -15.70 -44.00
CA GLU B 151 -20.92 -16.41 -44.33
C GLU B 151 -20.49 -17.39 -43.24
N ILE B 152 -20.60 -16.97 -41.99
CA ILE B 152 -20.25 -17.84 -40.86
C ILE B 152 -21.40 -17.97 -39.87
N ASP B 153 -21.86 -19.19 -39.68
CA ASP B 153 -22.82 -19.49 -38.64
C ASP B 153 -22.07 -20.17 -37.51
N LEU B 154 -22.58 -20.06 -36.28
CA LEU B 154 -21.95 -20.72 -35.16
C LEU B 154 -22.92 -21.69 -34.54
N LYS B 155 -22.40 -22.69 -33.86
CA LYS B 155 -23.22 -23.50 -32.99
C LYS B 155 -22.41 -24.06 -31.84
N THR B 156 -23.09 -24.56 -30.81
CA THR B 156 -22.44 -25.28 -29.73
C THR B 156 -22.99 -26.70 -29.76
N ASP B 157 -22.26 -27.65 -29.17
CA ASP B 157 -22.77 -29.02 -29.00
C ASP B 157 -23.60 -29.15 -27.73
N THR B 158 -23.28 -28.32 -26.74
CA THR B 158 -24.04 -28.27 -25.50
C THR B 158 -24.02 -26.83 -25.02
N ASP B 159 -25.01 -26.43 -24.22
CA ASP B 159 -24.99 -25.09 -23.65
C ASP B 159 -24.26 -25.10 -22.32
N GLN B 160 -23.78 -26.28 -21.95
CA GLN B 160 -23.07 -26.48 -20.69
C GLN B 160 -21.56 -26.32 -20.92
N VAL B 161 -21.00 -25.27 -20.34
CA VAL B 161 -19.56 -25.05 -20.38
C VAL B 161 -18.88 -26.18 -19.60
N ASP B 162 -17.75 -26.67 -20.09
CA ASP B 162 -17.03 -27.77 -19.48
C ASP B 162 -16.24 -27.28 -18.28
N LEU B 163 -16.66 -27.71 -17.10
CA LEU B 163 -16.02 -27.30 -15.85
C LEU B 163 -15.22 -28.44 -15.22
N SER B 164 -15.01 -29.52 -15.97
CA SER B 164 -14.40 -30.72 -15.39
C SER B 164 -12.90 -30.58 -15.10
N SER B 165 -12.27 -29.53 -15.64
CA SER B 165 -10.83 -29.30 -15.46
C SER B 165 -10.59 -28.00 -14.71
N TYR B 166 -11.64 -27.42 -14.14
CA TYR B 166 -11.49 -26.13 -13.48
C TYR B 166 -10.58 -26.30 -12.26
N TYR B 167 -9.64 -25.38 -12.10
CA TYR B 167 -8.65 -25.44 -11.02
C TYR B 167 -9.35 -25.33 -9.67
N ALA B 168 -9.26 -26.40 -8.87
CA ALA B 168 -10.03 -26.49 -7.63
C ALA B 168 -9.54 -25.54 -6.54
N SER B 169 -8.29 -25.11 -6.61
CA SER B 169 -7.79 -24.19 -5.60
C SER B 169 -7.70 -22.76 -6.12
N SER B 170 -8.43 -22.47 -7.19
CA SER B 170 -8.59 -21.10 -7.68
C SER B 170 -9.04 -20.16 -6.56
N LYS B 171 -8.73 -18.87 -6.70
CA LYS B 171 -9.28 -17.87 -5.78
C LYS B 171 -10.79 -17.79 -5.91
N TYR B 172 -11.30 -18.19 -7.08
CA TYR B 172 -12.73 -18.07 -7.42
C TYR B 172 -13.36 -19.39 -7.75
N GLU B 173 -14.53 -19.66 -7.16
CA GLU B 173 -15.27 -20.86 -7.52
C GLU B 173 -16.34 -20.52 -8.52
N ILE B 174 -16.63 -21.46 -9.42
CA ILE B 174 -17.61 -21.24 -10.47
C ILE B 174 -18.93 -21.78 -10.01
N LEU B 175 -19.97 -20.95 -10.09
CA LEU B 175 -21.29 -21.41 -9.68
C LEU B 175 -21.94 -22.07 -10.89
N SER B 176 -21.84 -21.40 -12.02
CA SER B 176 -22.36 -21.95 -13.27
C SER B 176 -21.74 -21.22 -14.45
N ALA B 177 -21.79 -21.87 -15.61
CA ALA B 177 -21.26 -21.28 -16.82
C ALA B 177 -21.98 -21.87 -18.04
N THR B 178 -22.55 -20.99 -18.85
CA THR B 178 -23.28 -21.42 -20.03
C THR B 178 -22.67 -20.82 -21.29
N GLN B 179 -22.91 -21.49 -22.41
CA GLN B 179 -22.45 -21.03 -23.72
C GLN B 179 -23.64 -21.17 -24.67
N THR B 180 -24.10 -20.05 -25.22
CA THR B 180 -25.34 -20.05 -25.98
C THR B 180 -25.23 -19.25 -27.26
N ARG B 181 -25.66 -19.83 -28.39
CA ARG B 181 -25.71 -19.13 -29.65
C ARG B 181 -26.69 -17.95 -29.60
N GLN B 182 -26.26 -16.81 -30.13
CA GLN B 182 -27.11 -15.62 -30.21
C GLN B 182 -26.91 -14.89 -31.52
N VAL B 183 -27.84 -13.99 -31.82
CA VAL B 183 -27.73 -13.10 -32.97
C VAL B 183 -27.55 -11.65 -32.51
N GLN B 184 -26.53 -10.97 -33.04
CA GLN B 184 -26.28 -9.58 -32.67
C GLN B 184 -26.03 -8.67 -33.87
N HIS B 185 -26.29 -7.38 -33.69
CA HIS B 185 -26.03 -6.37 -34.70
C HIS B 185 -25.08 -5.31 -34.14
N TYR B 186 -24.26 -4.71 -35.00
CA TYR B 186 -23.39 -3.61 -34.61
C TYR B 186 -23.62 -2.44 -35.57
N SER B 187 -23.29 -1.22 -35.14
CA SER B 187 -23.64 -0.02 -35.91
C SER B 187 -23.10 0.04 -37.34
N CYS B 188 -21.89 -0.47 -37.55
CA CYS B 188 -21.24 -0.37 -38.85
C CYS B 188 -22.04 -1.03 -39.95
N CYS B 189 -22.68 -2.15 -39.62
CA CYS B 189 -23.28 -3.04 -40.62
C CYS B 189 -24.73 -3.38 -40.26
N PRO B 190 -25.59 -3.60 -41.27
CA PRO B 190 -26.99 -3.93 -41.00
C PRO B 190 -27.26 -5.43 -40.93
N GLU B 191 -26.31 -6.27 -41.35
CA GLU B 191 -26.50 -7.73 -41.36
C GLU B 191 -26.33 -8.36 -39.97
N PRO B 192 -27.10 -9.43 -39.71
CA PRO B 192 -26.98 -10.19 -38.46
C PRO B 192 -25.60 -10.84 -38.35
N TYR B 193 -24.96 -10.68 -37.18
CA TYR B 193 -23.73 -11.39 -36.89
C TYR B 193 -24.06 -12.41 -35.78
N ILE B 194 -23.45 -13.58 -35.83
CA ILE B 194 -23.73 -14.62 -34.86
C ILE B 194 -22.65 -14.63 -33.78
N ASP B 195 -23.04 -14.89 -32.54
CA ASP B 195 -22.04 -15.08 -31.50
C ASP B 195 -22.41 -16.22 -30.58
N VAL B 196 -21.45 -16.65 -29.77
CA VAL B 196 -21.74 -17.53 -28.66
C VAL B 196 -21.49 -16.71 -27.40
N ASN B 197 -22.55 -16.60 -26.59
CA ASN B 197 -22.51 -15.86 -25.34
C ASN B 197 -22.07 -16.77 -24.19
N LEU B 198 -20.89 -16.49 -23.65
CA LEU B 198 -20.37 -17.22 -22.51
C LEU B 198 -20.75 -16.45 -21.25
N VAL B 199 -21.61 -17.04 -20.43
CA VAL B 199 -22.06 -16.41 -19.19
C VAL B 199 -21.53 -17.17 -17.99
N VAL B 200 -20.78 -16.49 -17.14
CA VAL B 200 -20.16 -17.13 -15.99
C VAL B 200 -20.63 -16.49 -14.70
N LYS B 201 -21.11 -17.30 -13.78
CA LYS B 201 -21.47 -16.84 -12.44
C LYS B 201 -20.46 -17.42 -11.46
N PHE B 202 -19.85 -16.57 -10.67
CA PHE B 202 -18.75 -17.01 -9.81
C PHE B 202 -18.66 -16.13 -8.57
N ARG B 203 -17.90 -16.60 -7.58
CA ARG B 203 -17.72 -15.88 -6.31
C ARG B 203 -16.37 -16.26 -5.73
N GLU B 204 -15.91 -15.53 -4.72
CA GLU B 204 -14.66 -15.86 -4.05
C GLU B 204 -14.74 -17.22 -3.37
N ARG B 205 -13.69 -18.00 -3.48
CA ARG B 205 -13.58 -19.25 -2.75
C ARG B 205 -12.77 -19.01 -1.49
N ARG B 206 -13.46 -18.90 -0.36
CA ARG B 206 -12.77 -18.58 0.88
C ARG B 206 -12.43 -19.80 1.75
N ALA B 207 -13.16 -20.89 1.58
CA ALA B 207 -12.96 -22.08 2.40
C ALA B 207 -11.96 -23.07 1.78
N GLY B 208 -10.96 -23.45 2.55
CA GLY B 208 -9.97 -24.42 2.09
C GLY B 208 -8.81 -24.53 3.05
N ASN B 209 -8.60 -25.72 3.61
CA ASN B 209 -7.51 -25.93 4.55
C ASN B 209 -6.50 -26.98 4.08
N GLY B 210 -6.35 -27.12 2.76
CA GLY B 210 -5.38 -28.00 2.16
C GLY B 210 -5.43 -29.43 2.66
N GLN C 1 -14.44 -19.64 -52.69
CA GLN C 1 -14.32 -20.76 -53.61
C GLN C 1 -13.52 -20.36 -54.85
N ALA C 2 -13.80 -21.01 -55.97
CA ALA C 2 -12.97 -20.90 -57.17
C ALA C 2 -12.87 -19.49 -57.73
N ASN C 3 -14.02 -18.85 -57.93
CA ASN C 3 -14.07 -17.49 -58.43
C ASN C 3 -13.34 -16.48 -57.54
N LEU C 4 -13.50 -16.62 -56.22
CA LEU C 4 -12.83 -15.73 -55.29
C LEU C 4 -11.32 -15.92 -55.29
N MET C 5 -10.90 -17.17 -55.37
CA MET C 5 -9.48 -17.50 -55.51
C MET C 5 -8.88 -16.81 -56.73
N ARG C 6 -9.57 -16.89 -57.87
CA ARG C 6 -9.13 -16.23 -59.10
C ARG C 6 -9.01 -14.73 -58.88
N LEU C 7 -10.06 -14.14 -58.29
CA LEU C 7 -10.09 -12.70 -58.06
C LEU C 7 -8.94 -12.23 -57.18
N LYS C 8 -8.69 -12.92 -56.06
CA LYS C 8 -7.61 -12.54 -55.16
C LYS C 8 -6.25 -12.72 -55.82
N SER C 9 -6.12 -13.75 -56.64
CA SER C 9 -4.86 -13.98 -57.35
C SER C 9 -4.65 -12.84 -58.34
N ASP C 10 -5.69 -12.49 -59.08
CA ASP C 10 -5.58 -11.44 -60.08
C ASP C 10 -5.28 -10.08 -59.45
N LEU C 11 -5.89 -9.78 -58.31
CA LEU C 11 -5.65 -8.49 -57.65
C LEU C 11 -4.29 -8.43 -56.96
N PHE C 12 -3.88 -9.53 -56.34
CA PHE C 12 -2.72 -9.49 -55.44
C PHE C 12 -1.41 -10.07 -55.99
N ASN C 13 -1.45 -10.74 -57.14
CA ASN C 13 -0.23 -11.37 -57.64
C ASN C 13 0.53 -10.65 -58.75
N ARG C 14 -0.17 -9.91 -59.60
CA ARG C 14 0.41 -9.50 -60.88
C ARG C 14 0.86 -8.03 -61.03
N SER C 15 0.72 -7.23 -59.97
CA SER C 15 1.09 -5.81 -60.06
C SER C 15 1.67 -5.32 -58.74
N PRO C 16 2.54 -4.30 -58.80
CA PRO C 16 3.06 -3.69 -57.57
C PRO C 16 1.94 -3.12 -56.74
N MET C 17 2.07 -3.18 -55.41
CA MET C 17 1.05 -2.61 -54.55
C MET C 17 1.08 -1.10 -54.69
N TYR C 18 -0.11 -0.51 -54.61
CA TYR C 18 -0.30 0.92 -54.48
C TYR C 18 0.74 1.56 -53.55
N PRO C 19 1.45 2.58 -54.04
CA PRO C 19 2.55 3.19 -53.30
C PRO C 19 2.08 4.29 -52.35
N GLY C 20 0.78 4.33 -52.05
CA GLY C 20 0.27 5.39 -51.20
C GLY C 20 -0.13 6.59 -52.04
N PRO C 21 -0.83 7.54 -51.42
CA PRO C 21 -1.33 8.73 -52.12
C PRO C 21 -0.22 9.75 -52.35
N THR C 22 -0.47 10.68 -53.28
CA THR C 22 0.48 11.74 -53.59
C THR C 22 -0.28 13.06 -53.77
N LYS C 23 0.46 14.14 -53.97
CA LYS C 23 -0.14 15.45 -54.24
C LYS C 23 -1.08 15.39 -55.45
N ASP C 24 -0.67 14.66 -56.48
CA ASP C 24 -1.43 14.54 -57.72
C ASP C 24 -2.61 13.59 -57.60
N ASP C 25 -2.49 12.60 -56.72
CA ASP C 25 -3.57 11.65 -56.47
C ASP C 25 -3.81 11.49 -54.98
N PRO C 26 -4.47 12.48 -54.36
CA PRO C 26 -4.73 12.44 -52.93
C PRO C 26 -5.85 11.45 -52.58
N LEU C 27 -6.00 11.16 -51.29
CA LEU C 27 -6.95 10.17 -50.84
C LEU C 27 -7.70 10.73 -49.64
N THR C 28 -9.02 10.53 -49.61
CA THR C 28 -9.77 10.87 -48.41
C THR C 28 -10.09 9.59 -47.62
N VAL C 29 -9.73 9.60 -46.36
CA VAL C 29 -10.05 8.51 -45.46
C VAL C 29 -11.19 8.94 -44.55
N THR C 30 -12.24 8.13 -44.49
CA THR C 30 -13.33 8.41 -43.57
C THR C 30 -13.10 7.67 -42.27
N LEU C 31 -13.27 8.38 -41.16
CA LEU C 31 -13.00 7.82 -39.84
C LEU C 31 -14.24 7.95 -38.99
N GLY C 32 -14.44 6.98 -38.11
CA GLY C 32 -15.51 7.02 -37.14
C GLY C 32 -15.12 6.14 -35.97
N PHE C 33 -15.45 6.58 -34.76
CA PHE C 33 -15.06 5.81 -33.58
C PHE C 33 -16.26 5.21 -32.86
N THR C 34 -16.10 3.96 -32.46
CA THR C 34 -17.04 3.29 -31.56
C THR C 34 -16.28 3.13 -30.25
N LEU C 35 -16.69 3.89 -29.23
CA LEU C 35 -16.01 3.84 -27.94
C LEU C 35 -16.63 2.74 -27.09
N GLN C 36 -15.83 1.73 -26.75
CA GLN C 36 -16.38 0.56 -26.07
C GLN C 36 -16.19 0.60 -24.55
N ASP C 37 -15.08 1.16 -24.08
CA ASP C 37 -14.82 1.19 -22.65
C ASP C 37 -13.70 2.17 -22.30
N ILE C 38 -13.88 2.94 -21.22
CA ILE C 38 -12.76 3.58 -20.58
C ILE C 38 -12.37 2.64 -19.46
N VAL C 39 -11.20 2.03 -19.59
CA VAL C 39 -10.83 0.92 -18.72
C VAL C 39 -10.18 1.38 -17.43
N LYS C 40 -9.23 2.29 -17.56
CA LYS C 40 -8.37 2.65 -16.43
C LYS C 40 -8.02 4.14 -16.49
N VAL C 41 -7.89 4.78 -15.33
CA VAL C 41 -7.23 6.08 -15.25
C VAL C 41 -6.04 5.95 -14.31
N ASP C 42 -4.99 6.70 -14.58
CA ASP C 42 -3.83 6.68 -13.71
C ASP C 42 -3.54 8.13 -13.32
N SER C 43 -3.85 8.50 -12.08
CA SER C 43 -3.66 9.89 -11.65
C SER C 43 -2.22 10.19 -11.23
N SER C 44 -1.37 9.17 -11.19
CA SER C 44 0.04 9.43 -10.88
C SER C 44 0.87 9.67 -12.14
N THR C 45 0.30 9.36 -13.30
CA THR C 45 1.00 9.57 -14.56
C THR C 45 0.18 10.36 -15.57
N ASN C 46 -1.06 10.71 -15.21
CA ASN C 46 -1.97 11.32 -16.17
C ASN C 46 -2.06 10.56 -17.51
N GLU C 47 -2.34 9.26 -17.40
CA GLU C 47 -2.62 8.40 -18.54
C GLU C 47 -4.00 7.80 -18.35
N VAL C 48 -4.76 7.69 -19.44
CA VAL C 48 -6.06 7.03 -19.41
C VAL C 48 -6.09 5.99 -20.51
N ASP C 49 -6.73 4.85 -20.25
CA ASP C 49 -6.77 3.74 -21.21
C ASP C 49 -8.16 3.56 -21.80
N LEU C 50 -8.24 3.54 -23.13
CA LEU C 50 -9.51 3.40 -23.84
C LEU C 50 -9.52 2.12 -24.65
N VAL C 51 -10.70 1.54 -24.82
CA VAL C 51 -10.90 0.51 -25.82
C VAL C 51 -11.92 1.04 -26.82
N TYR C 52 -11.57 1.02 -28.10
CA TYR C 52 -12.45 1.57 -29.14
C TYR C 52 -12.29 0.77 -30.43
N TRP C 53 -13.28 0.90 -31.31
CA TRP C 53 -13.18 0.32 -32.65
C TRP C 53 -13.01 1.51 -33.56
N GLU C 54 -12.01 1.45 -34.42
CA GLU C 54 -11.73 2.58 -35.30
C GLU C 54 -12.12 2.24 -36.72
N GLN C 55 -13.26 2.76 -37.16
CA GLN C 55 -13.75 2.47 -38.51
C GLN C 55 -13.05 3.35 -39.53
N GLN C 56 -12.39 2.72 -40.50
CA GLN C 56 -11.68 3.41 -41.57
C GLN C 56 -12.28 3.03 -42.91
N ARG C 57 -12.49 4.01 -43.79
CA ARG C 57 -12.96 3.73 -45.14
C ARG C 57 -12.16 4.54 -46.13
N TRP C 58 -11.86 3.95 -47.28
CA TRP C 58 -11.18 4.66 -48.36
C TRP C 58 -11.44 3.91 -49.66
N LYS C 59 -11.02 4.48 -50.78
CA LYS C 59 -11.26 3.83 -52.06
C LYS C 59 -10.04 3.88 -52.95
N LEU C 60 -9.68 2.75 -53.57
CA LEU C 60 -8.56 2.70 -54.50
C LEU C 60 -9.01 2.20 -55.87
N ASN C 61 -8.68 2.95 -56.91
CA ASN C 61 -8.95 2.45 -58.26
C ASN C 61 -8.30 1.09 -58.52
N SER C 62 -7.14 0.85 -57.92
CA SER C 62 -6.40 -0.39 -58.16
C SER C 62 -7.06 -1.63 -57.53
N LEU C 63 -8.10 -1.42 -56.71
CA LEU C 63 -8.79 -2.55 -56.10
C LEU C 63 -10.13 -2.83 -56.76
N MET C 64 -10.39 -2.20 -57.90
CA MET C 64 -11.65 -2.40 -58.62
C MET C 64 -11.64 -3.68 -59.43
N TRP C 65 -12.82 -4.26 -59.61
CA TRP C 65 -12.97 -5.37 -60.55
C TRP C 65 -14.39 -5.41 -61.10
N ASP C 66 -14.55 -6.09 -62.23
CA ASP C 66 -15.86 -6.31 -62.83
C ASP C 66 -16.44 -7.60 -62.25
N PRO C 67 -17.52 -7.49 -61.45
CA PRO C 67 -18.12 -8.67 -60.82
C PRO C 67 -18.53 -9.73 -61.84
N ASN C 68 -18.87 -9.31 -63.06
CA ASN C 68 -19.24 -10.25 -64.12
C ASN C 68 -18.13 -11.22 -64.48
N GLU C 69 -16.87 -10.81 -64.32
CA GLU C 69 -15.74 -11.67 -64.67
C GLU C 69 -15.35 -12.59 -63.52
N TYR C 70 -16.03 -12.45 -62.38
CA TYR C 70 -15.69 -13.24 -61.20
C TYR C 70 -16.92 -13.80 -60.50
N GLY C 71 -17.78 -14.46 -61.27
CA GLY C 71 -18.96 -15.12 -60.75
C GLY C 71 -19.84 -14.20 -59.90
N ASN C 72 -19.88 -12.92 -60.25
CA ASN C 72 -20.77 -11.94 -59.62
C ASN C 72 -20.39 -11.57 -58.19
N ILE C 73 -19.15 -11.83 -57.82
CA ILE C 73 -18.59 -11.40 -56.54
C ILE C 73 -18.51 -9.87 -56.48
N THR C 74 -19.13 -9.27 -55.47
CA THR C 74 -19.17 -7.81 -55.35
C THR C 74 -18.34 -7.30 -54.18
N ASP C 75 -17.97 -8.21 -53.28
CA ASP C 75 -17.05 -7.89 -52.20
C ASP C 75 -16.36 -9.12 -51.60
N PHE C 76 -15.30 -8.90 -50.85
CA PHE C 76 -14.64 -9.99 -50.15
C PHE C 76 -13.88 -9.54 -48.92
N ARG C 77 -13.76 -10.45 -47.95
CA ARG C 77 -12.93 -10.25 -46.77
C ARG C 77 -11.52 -10.66 -47.14
N THR C 78 -10.55 -9.85 -46.74
CA THR C 78 -9.16 -10.21 -46.93
C THR C 78 -8.28 -9.67 -45.82
N SER C 79 -7.18 -10.36 -45.54
CA SER C 79 -6.21 -9.89 -44.56
C SER C 79 -5.76 -8.48 -44.89
N ALA C 80 -5.70 -7.61 -43.88
CA ALA C 80 -5.28 -6.22 -44.07
C ALA C 80 -3.85 -6.12 -44.57
N ALA C 81 -3.05 -7.15 -44.29
CA ALA C 81 -1.70 -7.24 -44.81
C ALA C 81 -1.67 -7.32 -46.34
N ASP C 82 -2.78 -7.73 -46.96
CA ASP C 82 -2.81 -7.90 -48.41
C ASP C 82 -2.93 -6.57 -49.15
N ILE C 83 -3.30 -5.51 -48.43
CA ILE C 83 -3.63 -4.25 -49.09
C ILE C 83 -2.94 -3.09 -48.41
N TRP C 84 -2.85 -1.97 -49.11
CA TRP C 84 -2.39 -0.75 -48.49
C TRP C 84 -3.42 -0.29 -47.46
N THR C 85 -2.94 0.16 -46.30
CA THR C 85 -3.82 0.75 -45.29
C THR C 85 -3.23 2.08 -44.88
N PRO C 86 -4.09 3.06 -44.55
CA PRO C 86 -3.61 4.40 -44.18
C PRO C 86 -2.92 4.40 -42.82
N ASP C 87 -1.93 5.26 -42.65
CA ASP C 87 -1.16 5.33 -41.41
C ASP C 87 -1.81 6.25 -40.36
N ILE C 88 -3.11 6.08 -40.16
CA ILE C 88 -3.85 6.85 -39.17
C ILE C 88 -3.31 6.55 -37.78
N THR C 89 -2.89 7.59 -37.08
CA THR C 89 -2.16 7.43 -35.83
C THR C 89 -2.70 8.33 -34.73
N ALA C 90 -2.80 7.79 -33.52
CA ALA C 90 -3.17 8.59 -32.35
C ALA C 90 -1.95 9.39 -31.94
N TYR C 91 -2.10 10.72 -31.84
CA TYR C 91 -0.94 11.58 -31.67
C TYR C 91 -0.47 11.73 -30.23
N GLU C 92 -1.30 11.30 -29.28
CA GLU C 92 -0.95 11.51 -27.88
C GLU C 92 -0.93 10.20 -27.09
N SER C 93 -0.60 9.10 -27.76
CA SER C 93 -0.50 7.82 -27.06
C SER C 93 0.73 7.83 -26.17
N THR C 94 0.72 7.00 -25.12
CA THR C 94 1.90 6.85 -24.27
C THR C 94 2.44 5.41 -24.22
N ARG C 95 1.80 4.50 -24.95
CA ARG C 95 2.25 3.12 -25.09
C ARG C 95 1.89 2.69 -26.49
N PRO C 96 2.60 1.68 -27.05
CA PRO C 96 2.17 1.20 -28.37
C PRO C 96 0.72 0.70 -28.31
N VAL C 97 -0.02 0.95 -29.37
CA VAL C 97 -1.42 0.53 -29.42
C VAL C 97 -1.48 -1.01 -29.35
N GLN C 98 -2.51 -1.54 -28.71
CA GLN C 98 -2.70 -2.99 -28.65
C GLN C 98 -3.93 -3.37 -29.45
N VAL C 99 -3.74 -4.21 -30.46
CA VAL C 99 -4.84 -4.62 -31.32
C VAL C 99 -5.60 -5.78 -30.69
N LEU C 100 -6.92 -5.69 -30.66
CA LEU C 100 -7.72 -6.66 -29.93
C LEU C 100 -8.53 -7.57 -30.85
N SER C 101 -8.42 -7.34 -32.15
CA SER C 101 -9.25 -8.02 -33.13
C SER C 101 -8.39 -8.48 -34.31
N PRO C 102 -8.94 -9.37 -35.14
CA PRO C 102 -8.27 -9.69 -36.39
C PRO C 102 -8.16 -8.41 -37.20
N GLN C 103 -7.21 -8.38 -38.11
CA GLN C 103 -7.05 -7.23 -38.96
C GLN C 103 -7.32 -7.73 -40.36
N ILE C 104 -8.59 -7.67 -40.70
CA ILE C 104 -9.10 -8.18 -41.95
C ILE C 104 -10.03 -7.10 -42.47
N ALA C 105 -9.92 -6.77 -43.75
CA ALA C 105 -10.77 -5.72 -44.33
C ALA C 105 -11.80 -6.32 -45.26
N VAL C 106 -12.84 -5.54 -45.55
CA VAL C 106 -13.76 -5.86 -46.63
C VAL C 106 -13.47 -4.94 -47.82
N VAL C 107 -13.25 -5.55 -48.99
CA VAL C 107 -13.01 -4.82 -50.22
C VAL C 107 -14.20 -5.01 -51.14
N THR C 108 -14.70 -3.90 -51.70
CA THR C 108 -15.86 -3.92 -52.58
C THR C 108 -15.41 -3.68 -54.04
N HIS C 109 -16.20 -4.17 -55.00
CA HIS C 109 -15.81 -4.15 -56.44
C HIS C 109 -15.51 -2.76 -57.01
N ASP C 110 -16.01 -1.71 -56.35
CA ASP C 110 -15.71 -0.36 -56.80
C ASP C 110 -14.38 0.14 -56.23
N GLY C 111 -13.66 -0.75 -55.55
CA GLY C 111 -12.37 -0.40 -54.99
C GLY C 111 -12.44 0.18 -53.57
N SER C 112 -13.64 0.32 -53.02
CA SER C 112 -13.77 0.87 -51.66
C SER C 112 -13.43 -0.19 -50.61
N VAL C 113 -12.91 0.28 -49.48
CA VAL C 113 -12.43 -0.63 -48.44
C VAL C 113 -13.04 -0.21 -47.12
N MET C 114 -13.41 -1.19 -46.30
CA MET C 114 -13.80 -0.92 -44.91
C MET C 114 -12.93 -1.75 -43.97
N PHE C 115 -12.36 -1.11 -42.97
CA PHE C 115 -11.44 -1.78 -42.06
C PHE C 115 -11.72 -1.22 -40.66
N ILE C 116 -12.02 -2.10 -39.71
CA ILE C 116 -12.40 -1.66 -38.36
C ILE C 116 -11.69 -2.45 -37.27
N PRO C 117 -10.44 -2.07 -36.96
CA PRO C 117 -9.77 -2.79 -35.88
C PRO C 117 -10.22 -2.31 -34.51
N ALA C 118 -10.24 -3.22 -33.55
CA ALA C 118 -10.42 -2.88 -32.14
C ALA C 118 -9.04 -2.68 -31.53
N GLN C 119 -8.91 -1.63 -30.71
CA GLN C 119 -7.64 -1.26 -30.12
C GLN C 119 -7.80 -0.88 -28.64
N ARG C 120 -6.78 -1.15 -27.84
CA ARG C 120 -6.66 -0.50 -26.54
C ARG C 120 -5.49 0.46 -26.61
N LEU C 121 -5.70 1.69 -26.13
CA LEU C 121 -4.69 2.72 -26.19
C LEU C 121 -4.59 3.46 -24.87
N SER C 122 -3.36 3.66 -24.38
CA SER C 122 -3.11 4.59 -23.28
C SER C 122 -2.75 5.94 -23.88
N PHE C 123 -3.36 7.00 -23.37
CA PHE C 123 -3.08 8.32 -23.90
C PHE C 123 -3.00 9.37 -22.80
N MET C 124 -2.50 10.55 -23.15
CA MET C 124 -2.26 11.62 -22.19
C MET C 124 -3.58 12.25 -21.80
N CYS C 125 -3.91 12.18 -20.51
CA CYS C 125 -5.20 12.67 -20.02
C CYS C 125 -5.12 12.81 -18.51
N ASP C 126 -5.36 14.02 -18.02
CA ASP C 126 -5.41 14.30 -16.58
C ASP C 126 -6.82 13.98 -16.07
N PRO C 127 -6.96 12.92 -15.27
CA PRO C 127 -8.28 12.49 -14.81
C PRO C 127 -8.72 13.16 -13.50
N THR C 128 -8.00 14.17 -13.02
CA THR C 128 -8.36 14.85 -11.78
C THR C 128 -9.79 15.38 -11.86
N GLY C 129 -10.64 14.95 -10.92
CA GLY C 129 -12.03 15.39 -10.87
C GLY C 129 -13.00 14.40 -11.49
N VAL C 130 -12.49 13.26 -11.91
CA VAL C 130 -13.32 12.23 -12.55
C VAL C 130 -14.38 11.70 -11.58
N ASP C 131 -14.08 11.76 -10.28
CA ASP C 131 -14.99 11.22 -9.27
C ASP C 131 -16.01 12.24 -8.82
N SER C 132 -16.22 13.27 -9.62
CA SER C 132 -17.17 14.32 -9.28
C SER C 132 -18.33 14.29 -10.24
N GLU C 133 -19.36 15.07 -9.94
CA GLU C 133 -20.55 15.12 -10.77
C GLU C 133 -20.26 15.68 -12.15
N GLU C 134 -19.34 16.64 -12.21
CA GLU C 134 -19.02 17.34 -13.45
C GLU C 134 -18.06 16.55 -14.34
N GLY C 135 -17.28 15.66 -13.73
CA GLY C 135 -16.39 14.78 -14.45
C GLY C 135 -15.19 15.46 -15.04
N VAL C 136 -14.66 14.89 -16.12
CA VAL C 136 -13.44 15.40 -16.69
C VAL C 136 -13.54 15.26 -18.21
N THR C 137 -12.76 16.06 -18.92
CA THR C 137 -12.78 16.06 -20.37
C THR C 137 -11.39 15.79 -20.83
N CYS C 138 -11.24 14.88 -21.77
CA CYS C 138 -9.95 14.65 -22.38
C CYS C 138 -10.11 14.60 -23.88
N ALA C 139 -9.02 14.84 -24.58
CA ALA C 139 -9.02 14.89 -26.03
C ALA C 139 -7.84 14.10 -26.59
N LEU C 140 -8.05 13.54 -27.78
CA LEU C 140 -7.08 12.67 -28.42
C LEU C 140 -7.24 12.89 -29.92
N THR C 141 -6.16 13.29 -30.59
CA THR C 141 -6.22 13.50 -32.04
C THR C 141 -5.68 12.31 -32.82
N PHE C 142 -6.31 12.03 -33.97
CA PHE C 142 -5.92 10.94 -34.84
C PHE C 142 -5.70 11.50 -36.22
N GLY C 143 -4.57 11.14 -36.84
CA GLY C 143 -4.37 11.51 -38.23
C GLY C 143 -3.18 10.78 -38.82
N SER C 144 -2.94 11.01 -40.11
CA SER C 144 -1.77 10.46 -40.77
C SER C 144 -0.54 10.90 -40.01
N TRP C 145 0.42 10.01 -39.85
CA TRP C 145 1.66 10.40 -39.20
C TRP C 145 2.56 11.14 -40.18
N VAL C 146 2.55 10.71 -41.44
CA VAL C 146 3.56 11.18 -42.39
C VAL C 146 3.04 11.96 -43.59
N TYR C 147 1.72 11.96 -43.80
CA TYR C 147 1.16 12.62 -44.99
C TYR C 147 0.42 13.89 -44.61
N SER C 148 0.70 14.98 -45.30
CA SER C 148 0.00 16.23 -45.08
C SER C 148 -1.39 16.20 -45.72
N GLY C 149 -2.17 17.26 -45.50
CA GLY C 149 -3.47 17.39 -46.15
C GLY C 149 -3.42 17.39 -47.67
N PHE C 150 -2.24 17.59 -48.24
CA PHE C 150 -2.11 17.54 -49.70
C PHE C 150 -2.22 16.11 -50.24
N GLU C 151 -1.97 15.12 -49.39
CA GLU C 151 -2.02 13.70 -49.80
C GLU C 151 -3.15 12.90 -49.14
N ILE C 152 -3.39 13.16 -47.85
CA ILE C 152 -4.48 12.51 -47.15
C ILE C 152 -5.37 13.54 -46.46
N ASP C 153 -6.64 13.55 -46.85
CA ASP C 153 -7.63 14.33 -46.15
C ASP C 153 -8.45 13.37 -45.30
N LEU C 154 -9.09 13.88 -44.26
CA LEU C 154 -9.93 13.04 -43.41
C LEU C 154 -11.33 13.60 -43.40
N LYS C 155 -12.31 12.74 -43.10
CA LYS C 155 -13.64 13.23 -42.81
C LYS C 155 -14.34 12.25 -41.90
N THR C 156 -15.38 12.72 -41.22
CA THR C 156 -16.24 11.85 -40.45
C THR C 156 -17.60 11.87 -41.13
N ASP C 157 -18.39 10.83 -40.89
CA ASP C 157 -19.77 10.79 -41.40
C ASP C 157 -20.71 11.45 -40.39
N THR C 158 -20.27 11.50 -39.14
CA THR C 158 -21.02 12.14 -38.07
C THR C 158 -20.02 12.67 -37.06
N ASP C 159 -20.39 13.70 -36.31
CA ASP C 159 -19.49 14.20 -35.28
C ASP C 159 -19.75 13.55 -33.92
N GLN C 160 -20.69 12.61 -33.89
CA GLN C 160 -21.00 11.89 -32.66
C GLN C 160 -20.28 10.54 -32.62
N VAL C 161 -19.54 10.29 -31.55
CA VAL C 161 -18.93 8.97 -31.35
C VAL C 161 -20.02 7.96 -31.08
N ASP C 162 -19.89 6.78 -31.68
CA ASP C 162 -20.85 5.71 -31.51
C ASP C 162 -20.70 5.12 -30.11
N LEU C 163 -21.76 5.21 -29.32
CA LEU C 163 -21.71 4.76 -27.92
C LEU C 163 -22.64 3.58 -27.68
N SER C 164 -23.19 3.03 -28.75
CA SER C 164 -24.17 1.94 -28.65
C SER C 164 -23.58 0.62 -28.16
N SER C 165 -22.26 0.51 -28.15
CA SER C 165 -21.59 -0.69 -27.63
C SER C 165 -20.77 -0.37 -26.39
N TYR C 166 -20.99 0.82 -25.81
CA TYR C 166 -20.23 1.20 -24.63
C TYR C 166 -20.59 0.29 -23.45
N TYR C 167 -19.58 -0.21 -22.77
CA TYR C 167 -19.77 -1.18 -21.69
C TYR C 167 -20.53 -0.56 -20.52
N ALA C 168 -21.75 -1.05 -20.29
CA ALA C 168 -22.67 -0.46 -19.33
C ALA C 168 -22.21 -0.58 -17.88
N SER C 169 -21.30 -1.50 -17.59
CA SER C 169 -20.81 -1.61 -16.21
C SER C 169 -19.36 -1.17 -16.09
N SER C 170 -18.93 -0.34 -17.04
CA SER C 170 -17.63 0.32 -16.95
C SER C 170 -17.50 1.06 -15.62
N LYS C 171 -16.27 1.25 -15.15
CA LYS C 171 -16.02 2.11 -13.99
C LYS C 171 -16.44 3.54 -14.32
N TYR C 172 -16.42 3.90 -15.60
CA TYR C 172 -16.67 5.27 -16.04
C TYR C 172 -17.86 5.36 -17.00
N GLU C 173 -18.71 6.35 -16.76
CA GLU C 173 -19.82 6.62 -17.66
C GLU C 173 -19.47 7.81 -18.55
N ILE C 174 -19.98 7.78 -19.78
CA ILE C 174 -19.67 8.82 -20.76
C ILE C 174 -20.75 9.87 -20.73
N LEU C 175 -20.35 11.13 -20.61
CA LEU C 175 -21.27 12.25 -20.58
C LEU C 175 -21.41 12.85 -21.97
N SER C 176 -20.32 12.81 -22.75
CA SER C 176 -20.35 13.21 -24.15
C SER C 176 -19.12 12.66 -24.86
N ALA C 177 -19.26 12.42 -26.16
CA ALA C 177 -18.12 11.96 -26.95
C ALA C 177 -18.30 12.38 -28.40
N THR C 178 -17.42 13.26 -28.86
CA THR C 178 -17.49 13.78 -30.22
C THR C 178 -16.21 13.50 -31.01
N GLN C 179 -16.34 13.49 -32.33
CA GLN C 179 -15.22 13.31 -33.26
C GLN C 179 -15.31 14.39 -34.33
N THR C 180 -14.33 15.28 -34.37
CA THR C 180 -14.41 16.43 -35.25
C THR C 180 -13.14 16.60 -36.08
N ARG C 181 -13.32 16.78 -37.39
CA ARG C 181 -12.21 17.06 -38.30
C ARG C 181 -11.59 18.42 -37.96
N GLN C 182 -10.27 18.46 -37.88
CA GLN C 182 -9.57 19.74 -37.76
C GLN C 182 -8.20 19.78 -38.43
N VAL C 183 -7.61 20.97 -38.49
CA VAL C 183 -6.33 21.20 -39.15
C VAL C 183 -5.22 21.51 -38.14
N GLN C 184 -4.09 20.82 -38.27
CA GLN C 184 -2.95 21.06 -37.38
C GLN C 184 -1.64 21.30 -38.13
N HIS C 185 -0.72 22.01 -37.49
CA HIS C 185 0.64 22.16 -37.98
C HIS C 185 1.60 21.67 -36.89
N TYR C 186 2.68 21.00 -37.30
CA TYR C 186 3.70 20.56 -36.36
C TYR C 186 5.01 21.26 -36.71
N SER C 187 5.91 21.38 -35.74
CA SER C 187 7.14 22.15 -35.92
C SER C 187 8.02 21.68 -37.07
N CYS C 188 8.05 20.37 -37.30
CA CYS C 188 8.90 19.79 -38.33
C CYS C 188 8.62 20.35 -39.71
N CYS C 189 7.34 20.65 -39.97
CA CYS C 189 6.85 20.84 -41.33
C CYS C 189 5.95 22.08 -41.44
N PRO C 190 5.95 22.72 -42.61
CA PRO C 190 5.10 23.91 -42.81
C PRO C 190 3.71 23.59 -43.37
N GLU C 191 3.52 22.38 -43.90
CA GLU C 191 2.22 22.03 -44.52
C GLU C 191 1.14 21.72 -43.48
N PRO C 192 -0.13 21.96 -43.85
CA PRO C 192 -1.27 21.53 -43.01
C PRO C 192 -1.41 20.02 -42.95
N TYR C 193 -1.56 19.48 -41.75
CA TYR C 193 -1.91 18.07 -41.57
C TYR C 193 -3.32 17.99 -41.01
N ILE C 194 -4.08 16.99 -41.42
CA ILE C 194 -5.48 16.88 -41.00
C ILE C 194 -5.57 15.88 -39.87
N ASP C 195 -6.42 16.17 -38.90
CA ASP C 195 -6.70 15.21 -37.84
C ASP C 195 -8.18 15.13 -37.52
N VAL C 196 -8.55 14.08 -36.80
CA VAL C 196 -9.87 13.99 -36.18
C VAL C 196 -9.70 14.05 -34.69
N ASN C 197 -10.31 15.06 -34.07
CA ASN C 197 -10.22 15.30 -32.65
C ASN C 197 -11.30 14.55 -31.90
N LEU C 198 -10.89 13.58 -31.08
CA LEU C 198 -11.83 12.79 -30.28
C LEU C 198 -11.86 13.40 -28.88
N VAL C 199 -13.02 13.93 -28.49
CA VAL C 199 -13.18 14.63 -27.22
C VAL C 199 -14.21 13.90 -26.36
N VAL C 200 -13.77 13.39 -25.22
CA VAL C 200 -14.65 12.57 -24.38
C VAL C 200 -14.73 13.18 -22.98
N LYS C 201 -15.95 13.41 -22.53
CA LYS C 201 -16.19 13.91 -21.19
C LYS C 201 -16.76 12.74 -20.40
N PHE C 202 -16.21 12.48 -19.23
CA PHE C 202 -16.61 11.29 -18.46
C PHE C 202 -16.44 11.45 -16.96
N ARG C 203 -17.05 10.55 -16.22
CA ARG C 203 -16.95 10.55 -14.77
C ARG C 203 -17.15 9.14 -14.21
N GLU C 204 -16.81 8.95 -12.94
CA GLU C 204 -16.99 7.65 -12.31
C GLU C 204 -18.45 7.29 -12.34
N ARG C 205 -18.75 6.08 -12.79
CA ARG C 205 -20.13 5.65 -12.86
C ARG C 205 -20.64 5.48 -11.44
N ARG C 206 -21.75 6.14 -11.15
CA ARG C 206 -22.31 6.13 -9.80
C ARG C 206 -23.76 5.63 -9.82
N ALA C 207 -24.20 5.16 -10.98
CA ALA C 207 -25.55 4.61 -11.13
C ALA C 207 -25.57 3.39 -12.04
N GLY C 208 -26.73 2.79 -12.22
CA GLY C 208 -26.89 1.64 -13.09
C GLY C 208 -26.57 0.32 -12.43
N ASN C 209 -25.96 -0.59 -13.20
CA ASN C 209 -25.67 -1.95 -12.74
C ASN C 209 -24.61 -2.01 -11.65
N GLY C 210 -24.88 -2.78 -10.60
CA GLY C 210 -23.96 -2.91 -9.49
C GLY C 210 -24.13 -1.79 -8.48
N PHE C 211 -25.23 -1.04 -8.60
CA PHE C 211 -25.51 0.07 -7.70
C PHE C 211 -26.89 -0.06 -7.03
N PHE C 212 -27.55 -1.18 -7.30
CA PHE C 212 -28.83 -1.53 -6.68
C PHE C 212 -29.92 -0.51 -6.99
N GLN D 1 0.15 4.80 -58.10
CA GLN D 1 0.29 5.62 -59.30
C GLN D 1 1.62 5.44 -60.02
N ALA D 2 1.55 5.50 -61.35
CA ALA D 2 2.54 4.91 -62.23
C ALA D 2 3.97 5.41 -62.04
N ASN D 3 4.17 6.74 -61.99
CA ASN D 3 5.51 7.29 -61.90
C ASN D 3 6.18 6.97 -60.58
N LEU D 4 5.42 7.02 -59.49
CA LEU D 4 5.97 6.72 -58.19
C LEU D 4 6.39 5.24 -58.10
N MET D 5 5.54 4.36 -58.58
CA MET D 5 5.84 2.93 -58.62
C MET D 5 7.13 2.68 -59.40
N ARG D 6 7.28 3.35 -60.54
CA ARG D 6 8.51 3.29 -61.33
C ARG D 6 9.72 3.73 -60.53
N LEU D 7 9.61 4.89 -59.86
CA LEU D 7 10.70 5.44 -59.08
C LEU D 7 11.13 4.50 -57.95
N LYS D 8 10.16 3.98 -57.23
CA LYS D 8 10.44 3.07 -56.12
C LYS D 8 11.09 1.77 -56.61
N SER D 9 10.57 1.22 -57.71
CA SER D 9 11.16 0.04 -58.28
C SER D 9 12.63 0.30 -58.65
N ASP D 10 12.88 1.40 -59.36
CA ASP D 10 14.24 1.75 -59.76
C ASP D 10 15.20 2.01 -58.60
N LEU D 11 14.73 2.70 -57.56
CA LEU D 11 15.56 2.96 -56.38
C LEU D 11 15.83 1.72 -55.55
N PHE D 12 14.85 0.83 -55.44
CA PHE D 12 14.94 -0.26 -54.46
C PHE D 12 15.10 -1.69 -55.01
N ASN D 13 14.86 -1.90 -56.30
CA ASN D 13 14.87 -3.28 -56.81
C ASN D 13 16.00 -3.61 -57.79
N ARG D 14 17.10 -2.89 -57.73
CA ARG D 14 18.16 -3.13 -58.71
C ARG D 14 19.57 -2.74 -58.26
N SER D 15 19.82 -2.82 -56.96
CA SER D 15 21.15 -2.57 -56.42
C SER D 15 21.20 -3.02 -54.97
N PRO D 16 22.41 -3.37 -54.50
CA PRO D 16 22.59 -3.67 -53.07
C PRO D 16 22.27 -2.44 -52.24
N MET D 17 21.66 -2.64 -51.08
CA MET D 17 21.42 -1.49 -50.23
C MET D 17 22.75 -0.95 -49.76
N TYR D 18 22.82 0.37 -49.69
CA TYR D 18 23.87 1.12 -49.02
C TYR D 18 24.36 0.38 -47.77
N PRO D 19 25.68 0.15 -47.68
CA PRO D 19 26.30 -0.62 -46.59
C PRO D 19 26.61 0.23 -45.36
N GLY D 20 26.00 1.40 -45.25
CA GLY D 20 26.32 2.29 -44.15
C GLY D 20 27.55 3.11 -44.47
N PRO D 21 27.85 4.12 -43.64
CA PRO D 21 28.98 5.03 -43.86
C PRO D 21 30.33 4.37 -43.60
N THR D 22 31.39 4.96 -44.14
CA THR D 22 32.75 4.50 -43.92
C THR D 22 33.63 5.71 -43.64
N LYS D 23 34.90 5.46 -43.30
CA LYS D 23 35.87 6.55 -43.14
C LYS D 23 35.99 7.37 -44.43
N ASP D 24 36.01 6.68 -45.57
CA ASP D 24 36.15 7.36 -46.86
C ASP D 24 34.89 8.09 -47.26
N ASP D 25 33.74 7.61 -46.79
CA ASP D 25 32.47 8.24 -47.14
C ASP D 25 31.61 8.43 -45.89
N PRO D 26 31.97 9.41 -45.04
CA PRO D 26 31.26 9.59 -43.77
C PRO D 26 29.89 10.22 -43.98
N LEU D 27 29.08 10.23 -42.92
CA LEU D 27 27.74 10.76 -42.99
C LEU D 27 27.46 11.65 -41.79
N THR D 28 26.76 12.75 -42.01
CA THR D 28 26.29 13.57 -40.91
C THR D 28 24.77 13.46 -40.77
N VAL D 29 24.34 13.11 -39.56
CA VAL D 29 22.94 12.99 -39.23
C VAL D 29 22.52 14.17 -38.37
N THR D 30 21.48 14.87 -38.79
CA THR D 30 20.93 15.96 -37.98
C THR D 30 19.87 15.38 -37.05
N LEU D 31 19.96 15.71 -35.76
CA LEU D 31 18.99 15.27 -34.76
C LEU D 31 18.24 16.44 -34.15
N GLY D 32 16.97 16.23 -33.83
CA GLY D 32 16.18 17.21 -33.12
C GLY D 32 15.08 16.52 -32.33
N PHE D 33 14.79 17.01 -31.12
CA PHE D 33 13.77 16.38 -30.29
C PHE D 33 12.53 17.24 -30.11
N THR D 34 11.37 16.58 -30.20
CA THR D 34 10.12 17.19 -29.81
C THR D 34 9.70 16.45 -28.54
N LEU D 35 9.83 17.11 -27.40
CA LEU D 35 9.49 16.47 -26.14
C LEU D 35 7.99 16.62 -25.90
N GLN D 36 7.30 15.49 -25.80
CA GLN D 36 5.85 15.52 -25.75
C GLN D 36 5.31 15.35 -24.32
N ASP D 37 5.96 14.53 -23.52
CA ASP D 37 5.44 14.27 -22.18
C ASP D 37 6.53 13.65 -21.32
N ILE D 38 6.66 14.09 -20.09
CA ILE D 38 7.33 13.27 -19.10
C ILE D 38 6.21 12.53 -18.38
N VAL D 39 6.13 11.22 -18.59
CA VAL D 39 4.97 10.45 -18.17
C VAL D 39 5.06 10.05 -16.71
N LYS D 40 6.24 9.60 -16.31
CA LYS D 40 6.37 8.88 -15.05
C LYS D 40 7.77 9.01 -14.48
N VAL D 41 7.86 9.13 -13.15
CA VAL D 41 9.15 8.99 -12.47
C VAL D 41 9.06 7.85 -11.46
N ASP D 42 10.18 7.18 -11.23
CA ASP D 42 10.21 6.08 -10.27
C ASP D 42 11.38 6.34 -9.33
N SER D 43 11.09 6.72 -8.09
CA SER D 43 12.15 7.09 -7.15
C SER D 43 12.77 5.88 -6.46
N SER D 44 12.17 4.71 -6.64
CA SER D 44 12.74 3.53 -6.01
C SER D 44 13.78 2.90 -6.93
N THR D 45 13.77 3.29 -8.20
CA THR D 45 14.72 2.73 -9.17
C THR D 45 15.53 3.80 -9.93
N ASN D 46 15.19 5.06 -9.73
CA ASN D 46 15.77 6.17 -10.49
C ASN D 46 15.68 5.98 -12.00
N GLU D 47 14.44 5.77 -12.46
CA GLU D 47 14.09 5.76 -13.86
C GLU D 47 13.00 6.77 -14.12
N VAL D 48 13.10 7.46 -15.25
CA VAL D 48 12.06 8.38 -15.69
C VAL D 48 11.68 8.02 -17.11
N ASP D 49 10.39 8.14 -17.42
CA ASP D 49 9.88 7.79 -18.74
C ASP D 49 9.50 9.04 -19.53
N LEU D 50 10.04 9.16 -20.74
CA LEU D 50 9.77 10.26 -21.65
C LEU D 50 9.01 9.79 -22.87
N VAL D 51 8.16 10.67 -23.41
CA VAL D 51 7.61 10.44 -24.75
C VAL D 51 8.09 11.61 -25.59
N TYR D 52 8.74 11.30 -26.72
CA TYR D 52 9.28 12.34 -27.59
C TYR D 52 9.19 11.87 -29.02
N TRP D 53 9.37 12.79 -29.96
CA TRP D 53 9.51 12.44 -31.37
C TRP D 53 10.94 12.77 -31.72
N GLU D 54 11.63 11.84 -32.37
CA GLU D 54 13.03 12.04 -32.65
C GLU D 54 13.23 12.35 -34.13
N GLN D 55 13.46 13.62 -34.45
CA GLN D 55 13.65 14.01 -35.84
C GLN D 55 15.06 13.67 -36.32
N GLN D 56 15.13 12.89 -37.40
CA GLN D 56 16.42 12.48 -37.95
C GLN D 56 16.49 12.91 -39.41
N ARG D 57 17.62 13.50 -39.82
CA ARG D 57 17.83 13.86 -41.22
C ARG D 57 19.21 13.45 -41.68
N TRP D 58 19.31 12.94 -42.91
CA TRP D 58 20.61 12.63 -43.50
C TRP D 58 20.44 12.61 -45.02
N LYS D 59 21.52 12.41 -45.73
CA LYS D 59 21.42 12.41 -47.19
C LYS D 59 22.32 11.36 -47.82
N LEU D 60 21.77 10.62 -48.78
CA LEU D 60 22.54 9.60 -49.51
C LEU D 60 22.51 9.85 -50.99
N ASN D 61 23.67 9.79 -51.63
CA ASN D 61 23.73 9.94 -53.08
C ASN D 61 22.93 8.87 -53.78
N SER D 62 22.89 7.68 -53.20
CA SER D 62 22.23 6.54 -53.82
C SER D 62 20.70 6.65 -53.77
N LEU D 63 20.19 7.66 -53.07
CA LEU D 63 18.75 7.91 -53.07
C LEU D 63 18.33 9.08 -53.96
N MET D 64 19.27 9.59 -54.76
CA MET D 64 18.98 10.71 -55.65
C MET D 64 18.24 10.27 -56.90
N TRP D 65 17.43 11.17 -57.46
CA TRP D 65 16.86 10.92 -58.78
C TRP D 65 16.53 12.25 -59.44
N ASP D 66 16.38 12.20 -60.75
CA ASP D 66 16.01 13.37 -61.54
C ASP D 66 14.49 13.34 -61.69
N PRO D 67 13.82 14.35 -61.10
CA PRO D 67 12.35 14.44 -61.13
C PRO D 67 11.79 14.46 -62.55
N ASN D 68 12.54 15.02 -63.50
CA ASN D 68 12.12 15.01 -64.91
C ASN D 68 11.81 13.61 -65.43
N GLU D 69 12.52 12.61 -64.91
CA GLU D 69 12.37 11.24 -65.42
C GLU D 69 11.27 10.49 -64.70
N TYR D 70 10.65 11.15 -63.73
CA TYR D 70 9.62 10.51 -62.93
C TYR D 70 8.38 11.38 -62.72
N GLY D 71 7.94 12.02 -63.80
CA GLY D 71 6.76 12.85 -63.78
C GLY D 71 6.79 13.97 -62.75
N ASN D 72 7.96 14.58 -62.57
CA ASN D 72 8.14 15.71 -61.68
C ASN D 72 8.01 15.37 -60.18
N ILE D 73 8.08 14.09 -59.84
CA ILE D 73 8.08 13.72 -58.42
C ILE D 73 9.34 14.25 -57.74
N THR D 74 9.17 15.03 -56.68
CA THR D 74 10.30 15.62 -55.97
C THR D 74 10.56 14.96 -54.62
N ASP D 75 9.56 14.26 -54.12
CA ASP D 75 9.72 13.49 -52.89
C ASP D 75 8.66 12.41 -52.76
N PHE D 76 8.91 11.47 -51.86
CA PHE D 76 7.93 10.43 -51.57
C PHE D 76 8.03 9.89 -50.15
N ARG D 77 6.93 9.34 -49.67
CA ARG D 77 6.90 8.60 -48.42
C ARG D 77 7.20 7.14 -48.70
N THR D 78 7.96 6.52 -47.82
CA THR D 78 8.21 5.09 -47.93
C THR D 78 8.55 4.48 -46.56
N SER D 79 8.21 3.21 -46.40
CA SER D 79 8.50 2.50 -45.15
C SER D 79 9.98 2.60 -44.83
N ALA D 80 10.30 2.82 -43.56
CA ALA D 80 11.68 3.03 -43.16
C ALA D 80 12.49 1.75 -43.37
N ALA D 81 11.78 0.62 -43.44
CA ALA D 81 12.41 -0.66 -43.76
C ALA D 81 12.95 -0.75 -45.19
N ASP D 82 12.53 0.16 -46.06
CA ASP D 82 13.00 0.14 -47.45
C ASP D 82 14.38 0.78 -47.59
N ILE D 83 14.81 1.53 -46.58
CA ILE D 83 16.03 2.30 -46.72
C ILE D 83 16.97 2.05 -45.55
N TRP D 84 18.22 2.43 -45.73
CA TRP D 84 19.15 2.43 -44.62
C TRP D 84 18.75 3.52 -43.64
N THR D 85 18.81 3.22 -42.34
CA THR D 85 18.59 4.22 -41.30
C THR D 85 19.73 4.16 -40.28
N PRO D 86 20.12 5.33 -39.71
CA PRO D 86 21.23 5.38 -38.76
C PRO D 86 20.88 4.72 -37.42
N ASP D 87 21.89 4.12 -36.78
CA ASP D 87 21.70 3.41 -35.51
C ASP D 87 21.75 4.33 -34.31
N ILE D 88 21.05 5.46 -34.39
CA ILE D 88 21.05 6.44 -33.30
C ILE D 88 20.40 5.83 -32.08
N THR D 89 21.14 5.80 -30.97
CA THR D 89 20.72 5.04 -29.81
C THR D 89 20.82 5.90 -28.56
N ALA D 90 19.81 5.80 -27.69
CA ALA D 90 19.85 6.43 -26.39
C ALA D 90 20.83 5.64 -25.53
N TYR D 91 21.81 6.32 -24.93
CA TYR D 91 22.87 5.60 -24.24
C TYR D 91 22.55 5.22 -22.78
N GLU D 92 21.52 5.81 -22.19
CA GLU D 92 21.22 5.52 -20.79
C GLU D 92 19.82 4.97 -20.57
N SER D 93 19.31 4.23 -21.55
CA SER D 93 17.98 3.65 -21.41
C SER D 93 18.04 2.47 -20.44
N THR D 94 16.89 2.13 -19.85
CA THR D 94 16.79 0.99 -18.93
C THR D 94 15.79 -0.06 -19.41
N ARG D 95 15.09 0.24 -20.50
CA ARG D 95 14.10 -0.69 -21.08
C ARG D 95 14.21 -0.52 -22.58
N PRO D 96 13.84 -1.55 -23.35
CA PRO D 96 13.84 -1.36 -24.81
C PRO D 96 12.91 -0.21 -25.19
N VAL D 97 13.24 0.51 -26.24
CA VAL D 97 12.41 1.64 -26.66
C VAL D 97 11.06 1.12 -27.12
N GLN D 98 10.00 1.90 -26.90
CA GLN D 98 8.68 1.52 -27.42
C GLN D 98 8.29 2.51 -28.51
N VAL D 99 8.01 1.99 -29.70
CA VAL D 99 7.68 2.84 -30.83
C VAL D 99 6.19 3.14 -30.86
N LEU D 100 5.84 4.41 -31.00
CA LEU D 100 4.44 4.84 -30.83
C LEU D 100 3.82 5.30 -32.14
N SER D 101 4.63 5.32 -33.20
CA SER D 101 4.17 5.86 -34.48
C SER D 101 4.52 4.89 -35.60
N PRO D 102 3.92 5.09 -36.79
CA PRO D 102 4.41 4.39 -37.97
C PRO D 102 5.87 4.75 -38.17
N GLN D 103 6.60 3.87 -38.83
CA GLN D 103 7.99 4.15 -39.17
C GLN D 103 8.10 4.26 -40.69
N ILE D 104 7.96 5.48 -41.16
CA ILE D 104 7.87 5.79 -42.57
C ILE D 104 8.65 7.06 -42.75
N ALA D 105 9.50 7.08 -43.77
CA ALA D 105 10.36 8.23 -44.00
C ALA D 105 9.90 9.03 -45.21
N VAL D 106 10.35 10.27 -45.30
CA VAL D 106 10.15 11.05 -46.51
C VAL D 106 11.51 11.16 -47.19
N VAL D 107 11.57 10.76 -48.46
CA VAL D 107 12.80 10.85 -49.24
C VAL D 107 12.62 11.91 -50.31
N THR D 108 13.63 12.78 -50.46
CA THR D 108 13.60 13.88 -51.43
C THR D 108 14.60 13.62 -52.56
N HIS D 109 14.33 14.17 -53.75
CA HIS D 109 15.09 13.87 -54.96
C HIS D 109 16.60 14.13 -54.87
N ASP D 110 17.01 14.93 -53.90
CA ASP D 110 18.44 15.18 -53.73
C ASP D 110 19.08 14.12 -52.82
N GLY D 111 18.31 13.08 -52.50
CA GLY D 111 18.80 11.98 -51.70
C GLY D 111 18.66 12.23 -50.20
N SER D 112 18.09 13.37 -49.82
CA SER D 112 17.89 13.62 -48.39
C SER D 112 16.66 12.90 -47.82
N VAL D 113 16.71 12.59 -46.53
CA VAL D 113 15.68 11.78 -45.89
C VAL D 113 15.28 12.50 -44.62
N MET D 114 13.98 12.49 -44.31
CA MET D 114 13.51 12.89 -42.99
C MET D 114 12.73 11.73 -42.37
N PHE D 115 13.01 11.43 -41.10
CA PHE D 115 12.40 10.31 -40.42
C PHE D 115 12.19 10.74 -38.98
N ILE D 116 10.93 10.74 -38.53
CA ILE D 116 10.59 11.26 -37.19
C ILE D 116 9.69 10.27 -36.44
N PRO D 117 10.29 9.24 -35.86
CA PRO D 117 9.51 8.26 -35.09
C PRO D 117 9.17 8.81 -33.72
N ALA D 118 7.97 8.48 -33.21
CA ALA D 118 7.59 8.78 -31.83
C ALA D 118 7.96 7.60 -30.92
N GLN D 119 8.47 7.91 -29.74
CA GLN D 119 9.04 6.89 -28.87
C GLN D 119 8.69 7.14 -27.42
N ARG D 120 8.49 6.07 -26.66
CA ARG D 120 8.55 6.14 -25.20
C ARG D 120 9.81 5.44 -24.72
N LEU D 121 10.52 6.07 -23.79
CA LEU D 121 11.76 5.52 -23.29
C LEU D 121 11.85 5.69 -21.79
N SER D 122 12.28 4.63 -21.10
CA SER D 122 12.67 4.71 -19.69
C SER D 122 14.17 4.92 -19.64
N PHE D 123 14.65 5.86 -18.84
CA PHE D 123 16.09 6.10 -18.78
C PHE D 123 16.57 6.39 -17.36
N MET D 124 17.89 6.38 -17.19
CA MET D 124 18.48 6.58 -15.87
C MET D 124 18.41 8.05 -15.44
N CYS D 125 17.70 8.29 -14.35
CA CYS D 125 17.44 9.65 -13.91
C CYS D 125 16.94 9.61 -12.46
N ASP D 126 17.61 10.37 -11.59
CA ASP D 126 17.21 10.47 -10.18
C ASP D 126 16.24 11.63 -10.00
N PRO D 127 14.98 11.33 -9.71
CA PRO D 127 13.98 12.39 -9.64
C PRO D 127 13.81 12.98 -8.24
N THR D 128 14.75 12.74 -7.33
CA THR D 128 14.65 13.30 -5.99
C THR D 128 14.62 14.81 -6.06
N GLY D 129 13.58 15.43 -5.51
CA GLY D 129 13.46 16.87 -5.50
C GLY D 129 12.58 17.42 -6.60
N VAL D 130 11.96 16.51 -7.36
CA VAL D 130 11.07 16.89 -8.45
C VAL D 130 9.83 17.66 -7.95
N ASP D 131 9.41 17.43 -6.70
CA ASP D 131 8.26 18.14 -6.15
C ASP D 131 8.63 19.45 -5.44
N SER D 132 9.67 20.10 -5.92
CA SER D 132 10.11 21.38 -5.36
C SER D 132 10.14 22.43 -6.46
N GLU D 133 10.31 23.70 -6.09
CA GLU D 133 10.37 24.77 -7.07
C GLU D 133 11.55 24.64 -8.05
N GLU D 134 12.68 24.19 -7.52
CA GLU D 134 13.90 24.04 -8.29
C GLU D 134 13.80 22.86 -9.25
N GLY D 135 13.00 21.86 -8.88
CA GLY D 135 12.87 20.66 -9.68
C GLY D 135 14.16 19.87 -9.76
N VAL D 136 14.31 19.12 -10.85
CA VAL D 136 15.47 18.27 -11.00
C VAL D 136 15.98 18.34 -12.45
N THR D 137 17.24 17.97 -12.64
CA THR D 137 17.82 17.93 -13.96
C THR D 137 18.20 16.52 -14.28
N CYS D 138 17.88 16.08 -15.48
CA CYS D 138 18.41 14.82 -15.97
C CYS D 138 18.91 15.00 -17.38
N ALA D 139 19.79 14.09 -17.79
CA ALA D 139 20.37 14.15 -19.11
C ALA D 139 20.38 12.76 -19.75
N LEU D 140 20.35 12.76 -21.08
CA LEU D 140 20.27 11.52 -21.83
C LEU D 140 21.05 11.77 -23.12
N THR D 141 22.08 10.96 -23.40
CA THR D 141 22.81 11.11 -24.65
C THR D 141 22.31 10.18 -25.77
N PHE D 142 22.30 10.71 -27.00
CA PHE D 142 21.87 9.95 -28.17
C PHE D 142 22.97 9.98 -29.20
N GLY D 143 23.31 8.82 -29.75
CA GLY D 143 24.34 8.77 -30.78
C GLY D 143 24.41 7.39 -31.40
N SER D 144 25.25 7.24 -32.43
CA SER D 144 25.42 5.93 -33.05
C SER D 144 25.93 4.98 -32.00
N TRP D 145 25.42 3.75 -31.99
CA TRP D 145 25.97 2.74 -31.10
C TRP D 145 27.33 2.25 -31.60
N VAL D 146 27.49 2.12 -32.90
CA VAL D 146 28.64 1.39 -33.43
C VAL D 146 29.60 2.21 -34.31
N TYR D 147 29.18 3.39 -34.76
CA TYR D 147 30.07 4.20 -35.60
C TYR D 147 30.71 5.35 -34.85
N SER D 148 32.02 5.48 -34.99
CA SER D 148 32.72 6.61 -34.41
C SER D 148 32.50 7.85 -35.28
N GLY D 149 33.04 8.98 -34.83
CA GLY D 149 32.98 10.22 -35.57
C GLY D 149 33.65 10.19 -36.94
N PHE D 150 34.47 9.17 -37.20
CA PHE D 150 35.07 9.02 -38.52
C PHE D 150 34.07 8.51 -39.56
N GLU D 151 32.95 7.94 -39.10
CA GLU D 151 31.91 7.44 -40.01
C GLU D 151 30.59 8.19 -39.87
N ILE D 152 30.20 8.48 -38.63
CA ILE D 152 28.98 9.24 -38.38
C ILE D 152 29.26 10.45 -37.51
N ASP D 153 28.95 11.63 -38.03
CA ASP D 153 28.98 12.86 -37.24
C ASP D 153 27.54 13.29 -36.99
N LEU D 154 27.32 14.17 -36.04
CA LEU D 154 25.97 14.62 -35.73
C LEU D 154 25.93 16.14 -35.63
N LYS D 155 24.72 16.69 -35.78
CA LYS D 155 24.50 18.10 -35.48
C LYS D 155 23.03 18.32 -35.12
N THR D 156 22.75 19.44 -34.48
CA THR D 156 21.39 19.87 -34.24
C THR D 156 21.18 21.15 -35.05
N ASP D 157 19.96 21.40 -35.52
CA ASP D 157 19.66 22.69 -36.17
C ASP D 157 19.43 23.78 -35.13
N THR D 158 19.05 23.36 -33.92
CA THR D 158 18.89 24.29 -32.82
C THR D 158 19.22 23.61 -31.50
N ASP D 159 19.73 24.37 -30.53
CA ASP D 159 20.03 23.78 -29.23
C ASP D 159 18.83 23.73 -28.30
N GLN D 160 17.70 24.27 -28.76
CA GLN D 160 16.48 24.32 -27.95
C GLN D 160 15.53 23.22 -28.39
N VAL D 161 15.19 22.35 -27.45
CA VAL D 161 14.27 21.27 -27.71
C VAL D 161 12.90 21.85 -28.09
N ASP D 162 12.22 21.24 -29.07
CA ASP D 162 10.89 21.68 -29.44
C ASP D 162 9.87 21.27 -28.36
N LEU D 163 9.30 22.27 -27.69
CA LEU D 163 8.33 22.03 -26.62
C LEU D 163 6.92 22.42 -27.04
N SER D 164 6.75 22.73 -28.32
CA SER D 164 5.46 23.26 -28.79
C SER D 164 4.35 22.21 -28.79
N SER D 165 4.71 20.94 -28.58
CA SER D 165 3.71 19.89 -28.50
C SER D 165 3.69 19.24 -27.12
N TYR D 166 4.36 19.87 -26.16
CA TYR D 166 4.39 19.29 -24.82
C TYR D 166 2.99 19.28 -24.25
N TYR D 167 2.62 18.16 -23.64
CA TYR D 167 1.29 18.01 -23.06
C TYR D 167 1.08 18.98 -21.89
N ALA D 168 0.18 19.94 -22.05
CA ALA D 168 0.02 21.00 -21.05
C ALA D 168 -0.47 20.49 -19.68
N SER D 169 -1.13 19.34 -19.66
CA SER D 169 -1.60 18.82 -18.37
C SER D 169 -0.79 17.63 -17.83
N SER D 170 0.46 17.51 -18.28
CA SER D 170 1.37 16.49 -17.77
C SER D 170 1.50 16.61 -16.27
N LYS D 171 1.86 15.53 -15.59
CA LYS D 171 2.15 15.62 -14.16
C LYS D 171 3.38 16.48 -13.95
N TYR D 172 4.21 16.60 -14.98
CA TYR D 172 5.46 17.35 -14.87
C TYR D 172 5.51 18.50 -15.88
N GLU D 173 6.04 19.63 -15.44
CA GLU D 173 6.26 20.74 -16.35
C GLU D 173 7.75 20.93 -16.60
N ILE D 174 8.06 21.39 -17.80
CA ILE D 174 9.44 21.55 -18.25
C ILE D 174 9.94 22.95 -17.93
N LEU D 175 11.06 23.02 -17.21
CA LEU D 175 11.68 24.30 -16.87
C LEU D 175 12.68 24.68 -17.96
N SER D 176 13.31 23.68 -18.56
CA SER D 176 14.17 23.90 -19.72
C SER D 176 14.52 22.57 -20.36
N ALA D 177 14.84 22.63 -21.64
CA ALA D 177 15.18 21.44 -22.38
C ALA D 177 16.09 21.83 -23.53
N THR D 178 17.32 21.32 -23.51
CA THR D 178 18.29 21.61 -24.53
C THR D 178 18.81 20.32 -25.18
N GLN D 179 19.33 20.46 -26.40
CA GLN D 179 19.92 19.36 -27.14
C GLN D 179 21.23 19.85 -27.75
N THR D 180 22.34 19.27 -27.30
CA THR D 180 23.67 19.84 -27.56
C THR D 180 24.62 18.76 -28.08
N ARG D 181 25.29 19.05 -29.20
CA ARG D 181 26.30 18.12 -29.74
C ARG D 181 27.50 18.02 -28.82
N GLN D 182 27.93 16.80 -28.53
CA GLN D 182 29.12 16.54 -27.71
C GLN D 182 29.96 15.41 -28.30
N VAL D 183 31.19 15.30 -27.83
CA VAL D 183 32.07 14.19 -28.18
C VAL D 183 32.25 13.30 -26.96
N GLN D 184 32.23 11.99 -27.18
CA GLN D 184 32.44 11.03 -26.10
C GLN D 184 33.43 9.96 -26.50
N HIS D 185 34.13 9.42 -25.49
CA HIS D 185 34.95 8.23 -25.67
C HIS D 185 34.42 7.14 -24.75
N TYR D 186 34.42 5.90 -25.24
CA TYR D 186 33.99 4.76 -24.43
C TYR D 186 35.18 3.81 -24.23
N SER D 187 35.13 3.01 -23.17
CA SER D 187 36.26 2.15 -22.78
C SER D 187 36.73 1.24 -23.90
N CYS D 188 35.79 0.72 -24.67
CA CYS D 188 36.09 -0.27 -25.70
C CYS D 188 37.04 0.24 -26.76
N CYS D 189 37.00 1.54 -27.03
CA CYS D 189 37.52 2.07 -28.29
C CYS D 189 38.27 3.40 -28.15
N PRO D 190 39.35 3.57 -28.93
CA PRO D 190 40.18 4.78 -28.93
C PRO D 190 39.50 5.98 -29.57
N GLU D 191 38.66 5.74 -30.59
CA GLU D 191 38.10 6.81 -31.40
C GLU D 191 37.01 7.63 -30.70
N PRO D 192 36.86 8.92 -31.09
CA PRO D 192 35.77 9.77 -30.60
C PRO D 192 34.41 9.35 -31.17
N TYR D 193 33.37 9.32 -30.33
CA TYR D 193 32.02 9.05 -30.79
C TYR D 193 31.18 10.30 -30.55
N ILE D 194 30.32 10.62 -31.49
CA ILE D 194 29.54 11.85 -31.38
C ILE D 194 28.19 11.53 -30.75
N ASP D 195 27.72 12.43 -29.87
CA ASP D 195 26.38 12.32 -29.33
C ASP D 195 25.67 13.67 -29.27
N VAL D 196 24.35 13.64 -29.12
CA VAL D 196 23.59 14.82 -28.78
C VAL D 196 23.12 14.61 -27.35
N ASN D 197 23.42 15.58 -26.50
CA ASN D 197 23.10 15.47 -25.08
C ASN D 197 21.76 16.18 -24.82
N LEU D 198 20.74 15.41 -24.50
CA LEU D 198 19.42 15.97 -24.20
C LEU D 198 19.35 16.23 -22.71
N VAL D 199 19.26 17.50 -22.33
CA VAL D 199 19.27 17.87 -20.91
C VAL D 199 17.94 18.51 -20.54
N VAL D 200 17.21 17.87 -19.61
CA VAL D 200 15.87 18.33 -19.29
C VAL D 200 15.75 18.67 -17.82
N LYS D 201 15.30 19.89 -17.54
CA LYS D 201 15.05 20.30 -16.17
C LYS D 201 13.52 20.39 -15.98
N PHE D 202 13.01 19.74 -14.94
CA PHE D 202 11.57 19.65 -14.79
C PHE D 202 11.18 19.51 -13.34
N ARG D 203 9.89 19.62 -13.06
CA ARG D 203 9.35 19.52 -11.71
C ARG D 203 7.88 19.14 -11.77
N GLU D 204 7.31 18.73 -10.65
CA GLU D 204 5.89 18.42 -10.62
C GLU D 204 5.10 19.69 -10.89
N ARG D 205 4.17 19.60 -11.83
CA ARG D 205 3.30 20.73 -12.14
C ARG D 205 2.42 21.00 -10.94
N ARG D 206 2.40 22.25 -10.50
CA ARG D 206 1.60 22.67 -9.36
C ARG D 206 0.56 23.73 -9.75
N ALA D 207 0.44 24.01 -11.05
CA ALA D 207 -0.50 24.99 -11.56
C ALA D 207 -1.23 24.48 -12.81
N GLY D 208 -2.30 25.16 -13.20
CA GLY D 208 -3.09 24.76 -14.35
C GLY D 208 -4.20 23.78 -14.00
N ASN D 209 -4.54 22.92 -14.95
CA ASN D 209 -5.60 21.91 -14.76
C ASN D 209 -5.42 21.03 -13.52
N GLY D 210 -6.47 20.93 -12.71
CA GLY D 210 -6.44 20.11 -11.50
C GLY D 210 -6.00 20.86 -10.26
N PHE D 211 -5.52 22.08 -10.45
CA PHE D 211 -4.95 22.87 -9.35
C PHE D 211 -5.72 24.17 -9.09
N PHE D 212 -6.03 24.42 -7.82
CA PHE D 212 -6.78 25.61 -7.43
C PHE D 212 -6.09 26.36 -6.28
N GLN E 1 30.04 2.18 -49.57
CA GLN E 1 30.34 2.46 -50.96
C GLN E 1 30.74 1.21 -51.72
N ALA E 2 31.28 1.40 -52.91
CA ALA E 2 31.47 0.33 -53.88
C ALA E 2 32.34 -0.80 -53.36
N ASN E 3 33.47 -0.47 -52.74
CA ASN E 3 34.40 -1.49 -52.28
C ASN E 3 33.82 -2.30 -51.13
N LEU E 4 33.11 -1.64 -50.22
CA LEU E 4 32.52 -2.33 -49.10
C LEU E 4 31.39 -3.27 -49.55
N MET E 5 30.59 -2.80 -50.51
CA MET E 5 29.54 -3.62 -51.09
C MET E 5 30.13 -4.90 -51.67
N ARG E 6 31.24 -4.75 -52.40
CA ARG E 6 31.94 -5.89 -52.99
C ARG E 6 32.35 -6.86 -51.88
N LEU E 7 32.95 -6.32 -50.82
CA LEU E 7 33.47 -7.15 -49.74
C LEU E 7 32.38 -7.93 -49.02
N LYS E 8 31.27 -7.25 -48.70
CA LYS E 8 30.18 -7.91 -48.01
C LYS E 8 29.58 -8.99 -48.88
N SER E 9 29.41 -8.69 -50.16
CA SER E 9 28.88 -9.66 -51.10
C SER E 9 29.76 -10.91 -51.13
N ASP E 10 31.08 -10.71 -51.21
CA ASP E 10 32.01 -11.82 -51.30
C ASP E 10 32.03 -12.67 -50.01
N LEU E 11 32.05 -12.01 -48.87
CA LEU E 11 32.04 -12.72 -47.58
C LEU E 11 30.75 -13.46 -47.28
N PHE E 12 29.62 -12.90 -47.71
CA PHE E 12 28.32 -13.36 -47.22
C PHE E 12 27.43 -14.08 -48.24
N ASN E 13 27.73 -13.94 -49.53
CA ASN E 13 26.83 -14.48 -50.55
C ASN E 13 27.31 -15.72 -51.29
N ARG E 14 28.47 -16.26 -50.96
CA ARG E 14 29.00 -17.36 -51.76
C ARG E 14 29.41 -18.64 -51.02
N SER E 15 29.36 -18.61 -49.69
CA SER E 15 29.71 -19.79 -48.91
C SER E 15 28.71 -19.95 -47.77
N PRO E 16 28.46 -21.21 -47.33
CA PRO E 16 27.59 -21.43 -46.19
C PRO E 16 28.15 -20.74 -44.96
N MET E 17 27.29 -20.33 -44.04
CA MET E 17 27.78 -19.69 -42.83
C MET E 17 28.56 -20.70 -42.00
N TYR E 18 29.53 -20.17 -41.26
CA TYR E 18 30.30 -20.91 -40.28
C TYR E 18 29.35 -21.64 -39.35
N PRO E 19 29.54 -22.96 -39.22
CA PRO E 19 28.60 -23.79 -38.47
C PRO E 19 28.90 -23.84 -36.97
N GLY E 20 29.67 -22.89 -36.46
CA GLY E 20 30.04 -22.93 -35.06
C GLY E 20 31.26 -23.80 -34.85
N PRO E 21 31.84 -23.72 -33.64
CA PRO E 21 33.06 -24.46 -33.30
C PRO E 21 32.82 -25.94 -33.10
N THR E 22 33.90 -26.72 -33.16
CA THR E 22 33.86 -28.15 -32.94
C THR E 22 35.07 -28.51 -32.09
N LYS E 23 35.12 -29.76 -31.63
CA LYS E 23 36.28 -30.28 -30.92
C LYS E 23 37.56 -30.12 -31.74
N ASP E 24 37.49 -30.38 -33.04
CA ASP E 24 38.66 -30.27 -33.91
C ASP E 24 39.05 -28.81 -34.13
N ASP E 25 38.06 -27.93 -34.10
CA ASP E 25 38.30 -26.52 -34.38
C ASP E 25 37.63 -25.64 -33.34
N PRO E 26 38.19 -25.61 -32.13
CA PRO E 26 37.58 -24.83 -31.04
C PRO E 26 37.81 -23.33 -31.20
N LEU E 27 37.03 -22.56 -30.45
CA LEU E 27 37.05 -21.11 -30.52
C LEU E 27 37.16 -20.54 -29.10
N THR E 28 37.96 -19.50 -28.94
CA THR E 28 38.00 -18.81 -27.65
C THR E 28 37.29 -17.46 -27.76
N VAL E 29 36.31 -17.24 -26.88
CA VAL E 29 35.59 -15.98 -26.84
C VAL E 29 36.08 -15.14 -25.68
N THR E 30 36.53 -13.94 -25.97
CA THR E 30 36.88 -13.04 -24.88
C THR E 30 35.64 -12.27 -24.45
N LEU E 31 35.45 -12.19 -23.13
CA LEU E 31 34.30 -11.50 -22.56
C LEU E 31 34.77 -10.38 -21.64
N GLY E 32 34.02 -9.27 -21.65
CA GLY E 32 34.26 -8.19 -20.71
C GLY E 32 32.95 -7.49 -20.40
N PHE E 33 32.79 -7.01 -19.17
CA PHE E 33 31.55 -6.32 -18.80
C PHE E 33 31.77 -4.86 -18.44
N THR E 34 30.91 -4.01 -18.98
CA THR E 34 30.78 -2.64 -18.55
C THR E 34 29.47 -2.53 -17.80
N LEU E 35 29.55 -2.44 -16.47
CA LEU E 35 28.34 -2.36 -15.65
C LEU E 35 27.83 -0.92 -15.64
N GLN E 36 26.64 -0.67 -16.18
CA GLN E 36 26.14 0.69 -16.29
C GLN E 36 25.23 1.12 -15.13
N ASP E 37 24.43 0.18 -14.63
CA ASP E 37 23.47 0.53 -13.60
C ASP E 37 22.93 -0.72 -12.93
N ILE E 38 22.83 -0.70 -11.60
CA ILE E 38 21.94 -1.63 -10.91
C ILE E 38 20.63 -0.88 -10.73
N VAL E 39 19.62 -1.29 -11.49
CA VAL E 39 18.38 -0.52 -11.55
C VAL E 39 17.44 -0.76 -10.39
N LYS E 40 17.29 -2.02 -10.02
CA LYS E 40 16.22 -2.43 -9.11
C LYS E 40 16.62 -3.66 -8.32
N VAL E 41 16.25 -3.70 -7.05
CA VAL E 41 16.29 -4.96 -6.30
C VAL E 41 14.87 -5.29 -5.87
N ASP E 42 14.56 -6.58 -5.82
CA ASP E 42 13.27 -7.04 -5.36
C ASP E 42 13.50 -8.01 -4.20
N SER E 43 13.27 -7.54 -2.97
CA SER E 43 13.52 -8.37 -1.80
C SER E 43 12.40 -9.37 -1.57
N SER E 44 11.28 -9.23 -2.28
CA SER E 44 10.23 -10.21 -2.13
C SER E 44 10.42 -11.41 -3.07
N THR E 45 11.27 -11.27 -4.10
CA THR E 45 11.51 -12.39 -5.02
C THR E 45 12.99 -12.76 -5.15
N ASN E 46 13.85 -12.02 -4.48
CA ASN E 46 15.31 -12.16 -4.64
C ASN E 46 15.74 -12.15 -6.10
N GLU E 47 15.37 -11.04 -6.75
CA GLU E 47 15.78 -10.76 -8.11
C GLU E 47 16.41 -9.39 -8.08
N VAL E 48 17.48 -9.24 -8.84
CA VAL E 48 18.11 -7.95 -9.01
C VAL E 48 18.26 -7.67 -10.52
N ASP E 49 18.06 -6.42 -10.91
CA ASP E 49 18.08 -6.02 -12.33
C ASP E 49 19.33 -5.18 -12.63
N LEU E 50 20.14 -5.64 -13.59
CA LEU E 50 21.34 -4.91 -14.04
C LEU E 50 21.18 -4.42 -15.45
N VAL E 51 21.83 -3.29 -15.75
CA VAL E 51 22.08 -2.87 -17.13
C VAL E 51 23.59 -2.90 -17.34
N TYR E 52 24.02 -3.62 -18.36
CA TYR E 52 25.45 -3.73 -18.66
C TYR E 52 25.68 -3.81 -20.17
N TRP E 53 26.92 -3.57 -20.59
CA TRP E 53 27.30 -3.80 -21.97
C TRP E 53 28.18 -5.04 -21.94
N GLU E 54 27.88 -6.01 -22.80
CA GLU E 54 28.65 -7.24 -22.80
C GLU E 54 29.58 -7.26 -24.01
N GLN E 55 30.87 -7.05 -23.76
CA GLN E 55 31.84 -7.04 -24.84
C GLN E 55 32.27 -8.46 -25.18
N GLN E 56 32.07 -8.83 -26.45
CA GLN E 56 32.42 -10.15 -26.93
C GLN E 56 33.39 -9.99 -28.08
N ARG E 57 34.46 -10.78 -28.06
CA ARG E 57 35.43 -10.81 -29.16
C ARG E 57 35.75 -12.26 -29.52
N TRP E 58 35.94 -12.52 -30.80
CA TRP E 58 36.37 -13.83 -31.29
C TRP E 58 36.92 -13.64 -32.70
N LYS E 59 37.48 -14.70 -33.27
CA LYS E 59 38.12 -14.60 -34.57
C LYS E 59 37.81 -15.84 -35.42
N LEU E 60 37.40 -15.62 -36.67
CA LEU E 60 37.12 -16.69 -37.62
C LEU E 60 37.98 -16.53 -38.87
N ASN E 61 38.59 -17.62 -39.32
CA ASN E 61 39.33 -17.63 -40.58
C ASN E 61 38.43 -17.25 -41.74
N SER E 62 37.16 -17.66 -41.66
CA SER E 62 36.22 -17.42 -42.74
C SER E 62 35.83 -15.95 -42.89
N LEU E 63 36.21 -15.11 -41.92
CA LEU E 63 35.91 -13.69 -42.04
C LEU E 63 37.11 -12.85 -42.45
N MET E 64 38.20 -13.51 -42.85
CA MET E 64 39.39 -12.81 -43.31
C MET E 64 39.28 -12.34 -44.76
N TRP E 65 39.94 -11.22 -45.07
CA TRP E 65 40.08 -10.75 -46.45
C TRP E 65 41.37 -9.95 -46.57
N ASP E 66 41.83 -9.77 -47.80
CA ASP E 66 43.01 -8.96 -48.09
C ASP E 66 42.52 -7.55 -48.39
N PRO E 67 42.86 -6.59 -47.52
CA PRO E 67 42.47 -5.19 -47.72
C PRO E 67 42.85 -4.64 -49.10
N ASN E 68 43.99 -5.09 -49.63
CA ASN E 68 44.45 -4.65 -50.94
C ASN E 68 43.44 -4.95 -52.05
N GLU E 69 42.66 -5.99 -51.86
CA GLU E 69 41.69 -6.39 -52.87
C GLU E 69 40.39 -5.64 -52.71
N TYR E 70 40.27 -4.85 -51.65
CA TYR E 70 39.01 -4.19 -51.33
C TYR E 70 39.17 -2.70 -50.97
N GLY E 71 39.93 -1.99 -51.79
CA GLY E 71 40.13 -0.55 -51.61
C GLY E 71 40.71 -0.17 -50.26
N ASN E 72 41.56 -1.06 -49.72
CA ASN E 72 42.23 -0.83 -48.43
C ASN E 72 41.29 -0.79 -47.23
N ILE E 73 40.11 -1.38 -47.38
CA ILE E 73 39.22 -1.56 -46.24
C ILE E 73 39.82 -2.54 -45.22
N THR E 74 39.94 -2.10 -43.96
CA THR E 74 40.51 -2.95 -42.91
C THR E 74 39.49 -3.44 -41.89
N ASP E 75 38.31 -2.84 -41.88
CA ASP E 75 37.20 -3.31 -41.04
C ASP E 75 35.88 -2.74 -41.53
N PHE E 76 34.77 -3.29 -41.02
CA PHE E 76 33.44 -2.80 -41.36
C PHE E 76 32.39 -3.15 -40.31
N ARG E 77 31.32 -2.37 -40.26
CA ARG E 77 30.21 -2.67 -39.39
C ARG E 77 29.20 -3.51 -40.15
N THR E 78 28.62 -4.49 -39.48
CA THR E 78 27.57 -5.25 -40.12
C THR E 78 26.63 -5.82 -39.08
N SER E 79 25.37 -5.99 -39.47
CA SER E 79 24.38 -6.56 -38.58
C SER E 79 24.86 -7.91 -38.02
N ALA E 80 24.70 -8.09 -36.71
CA ALA E 80 25.09 -9.32 -36.04
C ALA E 80 24.40 -10.53 -36.67
N ALA E 81 23.24 -10.29 -37.28
CA ALA E 81 22.52 -11.37 -37.94
C ALA E 81 23.25 -11.87 -39.18
N ASP E 82 24.19 -11.07 -39.69
CA ASP E 82 24.93 -11.48 -40.90
C ASP E 82 26.02 -12.51 -40.60
N ILE E 83 26.37 -12.67 -39.33
CA ILE E 83 27.51 -13.50 -38.96
C ILE E 83 27.14 -14.47 -37.85
N TRP E 84 27.97 -15.50 -37.67
CA TRP E 84 27.86 -16.37 -36.50
C TRP E 84 28.18 -15.59 -35.22
N THR E 85 27.39 -15.81 -34.17
CA THR E 85 27.68 -15.20 -32.87
C THR E 85 27.60 -16.30 -31.80
N PRO E 86 28.40 -16.19 -30.73
CA PRO E 86 28.40 -17.23 -29.69
C PRO E 86 27.17 -17.17 -28.80
N ASP E 87 26.75 -18.32 -28.28
CA ASP E 87 25.53 -18.39 -27.49
C ASP E 87 25.80 -18.08 -26.02
N ILE E 88 26.55 -17.01 -25.76
CA ILE E 88 26.93 -16.69 -24.38
C ILE E 88 25.69 -16.32 -23.58
N THR E 89 25.49 -17.01 -22.46
CA THR E 89 24.23 -16.93 -21.74
C THR E 89 24.44 -16.70 -20.25
N ALA E 90 23.62 -15.83 -19.67
CA ALA E 90 23.55 -15.68 -18.21
C ALA E 90 22.85 -16.91 -17.62
N TYR E 91 23.52 -17.61 -16.72
CA TYR E 91 23.00 -18.89 -16.22
C TYR E 91 21.95 -18.78 -15.13
N GLU E 92 21.81 -17.61 -14.51
CA GLU E 92 20.87 -17.45 -13.41
C GLU E 92 19.88 -16.31 -13.66
N SER E 93 19.49 -16.11 -14.92
CA SER E 93 18.52 -15.08 -15.23
C SER E 93 17.12 -15.54 -14.81
N THR E 94 16.22 -14.60 -14.61
CA THR E 94 14.83 -14.92 -14.28
C THR E 94 13.81 -14.34 -15.26
N ARG E 95 14.29 -13.56 -16.23
CA ARG E 95 13.42 -13.01 -17.27
C ARG E 95 14.24 -13.04 -18.54
N PRO E 96 13.58 -13.07 -19.70
CA PRO E 96 14.36 -12.95 -20.95
C PRO E 96 15.16 -11.65 -20.95
N VAL E 97 16.38 -11.72 -21.45
CA VAL E 97 17.22 -10.53 -21.54
C VAL E 97 16.51 -9.47 -22.40
N GLN E 98 16.62 -8.20 -22.03
CA GLN E 98 16.10 -7.13 -22.87
C GLN E 98 17.25 -6.40 -23.51
N VAL E 99 17.27 -6.38 -24.84
CA VAL E 99 18.35 -5.76 -25.59
C VAL E 99 18.09 -4.26 -25.74
N LEU E 100 19.09 -3.44 -25.43
CA LEU E 100 18.86 -2.00 -25.31
C LEU E 100 19.56 -1.20 -26.40
N SER E 101 20.25 -1.90 -27.29
CA SER E 101 21.10 -1.28 -28.30
C SER E 101 20.90 -2.01 -29.62
N PRO E 102 21.33 -1.42 -30.73
CA PRO E 102 21.41 -2.16 -31.98
C PRO E 102 22.33 -3.38 -31.80
N GLN E 103 22.17 -4.36 -32.67
CA GLN E 103 23.03 -5.52 -32.64
C GLN E 103 23.80 -5.57 -33.95
N ILE E 104 24.94 -4.90 -33.93
CA ILE E 104 25.79 -4.70 -35.08
C ILE E 104 27.21 -4.95 -34.61
N ALA E 105 27.97 -5.72 -35.38
CA ALA E 105 29.33 -6.05 -35.00
C ALA E 105 30.33 -5.31 -35.88
N VAL E 106 31.57 -5.22 -35.43
CA VAL E 106 32.67 -4.77 -36.27
C VAL E 106 33.54 -5.97 -36.63
N VAL E 107 33.70 -6.21 -37.92
CA VAL E 107 34.56 -7.27 -38.41
C VAL E 107 35.83 -6.66 -38.98
N THR E 108 36.98 -7.21 -38.60
CA THR E 108 38.29 -6.71 -39.05
C THR E 108 38.92 -7.74 -39.99
N HIS E 109 39.84 -7.29 -40.85
CA HIS E 109 40.31 -8.10 -41.98
C HIS E 109 41.04 -9.37 -41.58
N ASP E 110 41.49 -9.44 -40.33
CA ASP E 110 42.15 -10.64 -39.84
C ASP E 110 41.12 -11.67 -39.37
N GLY E 111 39.84 -11.36 -39.59
CA GLY E 111 38.76 -12.26 -39.20
C GLY E 111 38.27 -12.03 -37.78
N SER E 112 38.82 -11.05 -37.08
CA SER E 112 38.39 -10.81 -35.70
C SER E 112 37.09 -9.99 -35.64
N VAL E 113 36.31 -10.23 -34.60
CA VAL E 113 34.98 -9.62 -34.47
C VAL E 113 34.88 -8.95 -33.10
N MET E 114 34.27 -7.77 -33.06
CA MET E 114 33.93 -7.16 -31.77
C MET E 114 32.44 -6.88 -31.79
N PHE E 115 31.74 -7.31 -30.74
CA PHE E 115 30.29 -7.17 -30.62
C PHE E 115 29.98 -6.77 -29.17
N ILE E 116 29.31 -5.63 -28.98
CA ILE E 116 29.01 -5.15 -27.62
C ILE E 116 27.57 -4.71 -27.44
N PRO E 117 26.67 -5.68 -27.22
CA PRO E 117 25.26 -5.31 -27.00
C PRO E 117 25.03 -4.79 -25.57
N ALA E 118 24.11 -3.84 -25.44
CA ALA E 118 23.67 -3.38 -24.12
C ALA E 118 22.43 -4.19 -23.74
N GLN E 119 22.34 -4.59 -22.47
CA GLN E 119 21.30 -5.51 -22.03
C GLN E 119 20.76 -5.14 -20.66
N ARG E 120 19.47 -5.36 -20.45
CA ARG E 120 18.94 -5.38 -19.09
C ARG E 120 18.57 -6.82 -18.70
N LEU E 121 19.01 -7.23 -17.52
CA LEU E 121 18.79 -8.60 -17.10
C LEU E 121 18.36 -8.63 -15.65
N SER E 122 17.31 -9.40 -15.36
CA SER E 122 16.94 -9.80 -14.01
C SER E 122 17.63 -11.11 -13.69
N PHE E 123 18.27 -11.18 -12.53
CA PHE E 123 18.88 -12.45 -12.13
C PHE E 123 18.68 -12.74 -10.65
N MET E 124 19.01 -13.97 -10.28
CA MET E 124 18.83 -14.45 -8.92
C MET E 124 19.84 -13.86 -7.97
N CYS E 125 19.35 -13.07 -7.02
CA CYS E 125 20.22 -12.40 -6.08
C CYS E 125 19.40 -11.96 -4.86
N ASP E 126 19.84 -12.37 -3.67
CA ASP E 126 19.23 -11.97 -2.39
C ASP E 126 19.83 -10.63 -1.96
N PRO E 127 19.03 -9.56 -2.03
CA PRO E 127 19.53 -8.22 -1.73
C PRO E 127 19.41 -7.84 -0.25
N THR E 128 19.11 -8.79 0.63
CA THR E 128 19.00 -8.48 2.05
C THR E 128 20.31 -7.89 2.57
N GLY E 129 20.23 -6.72 3.20
CA GLY E 129 21.40 -6.03 3.72
C GLY E 129 21.99 -4.98 2.79
N VAL E 130 21.35 -4.78 1.64
CA VAL E 130 21.81 -3.77 0.68
C VAL E 130 21.77 -2.37 1.30
N ASP E 131 20.88 -2.15 2.27
CA ASP E 131 20.74 -0.82 2.86
C ASP E 131 21.70 -0.55 4.03
N SER E 132 22.74 -1.36 4.16
CA SER E 132 23.74 -1.17 5.21
C SER E 132 25.08 -0.76 4.62
N GLU E 133 26.03 -0.41 5.48
CA GLU E 133 27.35 0.03 5.04
C GLU E 133 28.14 -1.09 4.36
N GLU E 134 27.95 -2.32 4.81
CA GLU E 134 28.70 -3.45 4.26
C GLU E 134 28.11 -3.94 2.95
N GLY E 135 26.86 -3.56 2.69
CA GLY E 135 26.19 -3.95 1.47
C GLY E 135 25.98 -5.45 1.29
N VAL E 136 25.85 -5.87 0.04
CA VAL E 136 25.58 -7.26 -0.26
C VAL E 136 26.38 -7.66 -1.51
N THR E 137 26.66 -8.94 -1.62
CA THR E 137 27.35 -9.47 -2.78
C THR E 137 26.46 -10.44 -3.54
N CYS E 138 26.41 -10.28 -4.86
CA CYS E 138 25.75 -11.25 -5.70
C CYS E 138 26.65 -11.70 -6.84
N ALA E 139 26.37 -12.89 -7.36
CA ALA E 139 27.18 -13.44 -8.43
C ALA E 139 26.28 -13.97 -9.53
N LEU E 140 26.80 -13.88 -10.74
CA LEU E 140 26.09 -14.24 -11.94
C LEU E 140 27.12 -14.86 -12.89
N THR E 141 26.85 -16.05 -13.39
CA THR E 141 27.79 -16.71 -14.29
C THR E 141 27.33 -16.62 -15.74
N PHE E 142 28.28 -16.43 -16.65
CA PHE E 142 28.01 -16.30 -18.07
C PHE E 142 28.83 -17.35 -18.80
N GLY E 143 28.19 -18.07 -19.71
CA GLY E 143 28.90 -19.07 -20.50
C GLY E 143 28.07 -19.54 -21.67
N SER E 144 28.65 -20.38 -22.53
CA SER E 144 27.90 -20.96 -23.63
C SER E 144 26.79 -21.82 -23.05
N TRP E 145 25.61 -21.78 -23.66
CA TRP E 145 24.54 -22.65 -23.19
C TRP E 145 24.77 -24.11 -23.62
N VAL E 146 25.27 -24.31 -24.84
CA VAL E 146 25.26 -25.63 -25.43
C VAL E 146 26.64 -26.21 -25.75
N TYR E 147 27.68 -25.39 -25.74
CA TYR E 147 29.04 -25.88 -26.06
C TYR E 147 29.88 -26.07 -24.80
N SER E 148 30.56 -27.21 -24.70
CA SER E 148 31.48 -27.41 -23.58
C SER E 148 32.80 -26.72 -23.89
N GLY E 149 33.75 -26.83 -22.97
CA GLY E 149 35.06 -26.21 -23.13
C GLY E 149 35.88 -26.86 -24.23
N PHE E 150 35.42 -28.02 -24.70
CA PHE E 150 36.04 -28.67 -25.86
C PHE E 150 35.81 -27.89 -27.16
N GLU E 151 34.75 -27.09 -27.20
CA GLU E 151 34.39 -26.30 -28.38
C GLU E 151 34.52 -24.79 -28.16
N ILE E 152 34.08 -24.31 -27.01
CA ILE E 152 34.20 -22.89 -26.68
C ILE E 152 34.96 -22.66 -25.37
N ASP E 153 36.13 -22.04 -25.47
CA ASP E 153 36.83 -21.60 -24.28
C ASP E 153 36.52 -20.11 -24.07
N LEU E 154 36.61 -19.66 -22.81
CA LEU E 154 36.35 -18.26 -22.49
C LEU E 154 37.60 -17.65 -21.88
N LYS E 155 37.73 -16.33 -22.02
CA LYS E 155 38.84 -15.60 -21.46
C LYS E 155 38.35 -14.19 -21.14
N THR E 156 38.95 -13.54 -20.14
CA THR E 156 38.74 -12.11 -19.94
C THR E 156 40.08 -11.42 -20.22
N ASP E 157 40.05 -10.14 -20.58
CA ASP E 157 41.30 -9.39 -20.75
C ASP E 157 41.72 -8.76 -19.42
N THR E 158 40.77 -8.63 -18.51
CA THR E 158 41.04 -8.10 -17.19
C THR E 158 40.02 -8.74 -16.24
N ASP E 159 40.37 -8.86 -14.97
CA ASP E 159 39.40 -9.40 -14.01
C ASP E 159 38.58 -8.29 -13.38
N GLN E 160 38.86 -7.05 -13.79
CA GLN E 160 38.12 -5.90 -13.26
C GLN E 160 36.97 -5.50 -14.18
N VAL E 161 35.75 -5.50 -13.65
CA VAL E 161 34.61 -5.02 -14.41
C VAL E 161 34.79 -3.53 -14.69
N ASP E 162 34.48 -3.12 -15.92
CA ASP E 162 34.56 -1.71 -16.31
C ASP E 162 33.43 -0.90 -15.67
N LEU E 163 33.79 0.06 -14.81
CA LEU E 163 32.81 0.86 -14.08
C LEU E 163 32.86 2.33 -14.51
N SER E 164 33.62 2.62 -15.57
CA SER E 164 33.82 4.00 -16.01
C SER E 164 32.54 4.65 -16.52
N SER E 165 31.53 3.86 -16.85
CA SER E 165 30.26 4.40 -17.32
C SER E 165 29.13 4.14 -16.30
N TYR E 166 29.47 3.70 -15.10
CA TYR E 166 28.44 3.42 -14.11
C TYR E 166 27.66 4.69 -13.77
N TYR E 167 26.35 4.57 -13.74
CA TYR E 167 25.48 5.70 -13.51
C TYR E 167 25.72 6.30 -12.13
N ALA E 168 26.29 7.51 -12.09
CA ALA E 168 26.68 8.14 -10.84
C ALA E 168 25.53 8.38 -9.84
N SER E 169 24.31 8.52 -10.34
CA SER E 169 23.17 8.76 -9.46
C SER E 169 22.24 7.55 -9.33
N SER E 170 22.77 6.36 -9.58
CA SER E 170 22.04 5.10 -9.32
C SER E 170 21.56 5.04 -7.87
N LYS E 171 20.50 4.27 -7.62
CA LYS E 171 20.07 4.02 -6.25
C LYS E 171 21.15 3.25 -5.49
N TYR E 172 22.02 2.58 -6.24
CA TYR E 172 23.02 1.69 -5.66
C TYR E 172 24.42 2.06 -6.12
N GLU E 173 25.36 2.05 -5.19
CA GLU E 173 26.76 2.28 -5.51
C GLU E 173 27.52 0.97 -5.49
N ILE E 174 28.51 0.87 -6.37
CA ILE E 174 29.31 -0.34 -6.48
C ILE E 174 30.52 -0.30 -5.54
N LEU E 175 30.64 -1.31 -4.68
CA LEU E 175 31.79 -1.45 -3.80
C LEU E 175 32.93 -2.24 -4.48
N SER E 176 32.56 -3.24 -5.26
CA SER E 176 33.54 -3.97 -6.08
C SER E 176 32.82 -4.76 -7.16
N ALA E 177 33.53 -5.08 -8.23
CA ALA E 177 32.94 -5.77 -9.35
C ALA E 177 34.05 -6.46 -10.14
N THR E 178 34.02 -7.79 -10.12
CA THR E 178 35.05 -8.58 -10.78
C THR E 178 34.46 -9.57 -11.80
N GLN E 179 35.27 -9.96 -12.78
CA GLN E 179 34.86 -10.90 -13.81
C GLN E 179 35.95 -11.95 -13.96
N THR E 180 35.65 -13.18 -13.56
CA THR E 180 36.66 -14.23 -13.50
C THR E 180 36.25 -15.52 -14.22
N ARG E 181 37.15 -16.02 -15.07
CA ARG E 181 36.94 -17.29 -15.76
C ARG E 181 36.93 -18.44 -14.74
N GLN E 182 35.94 -19.33 -14.86
CA GLN E 182 35.85 -20.54 -14.03
C GLN E 182 35.48 -21.75 -14.88
N VAL E 183 35.51 -22.93 -14.25
CA VAL E 183 35.12 -24.17 -14.91
C VAL E 183 34.01 -24.90 -14.14
N GLN E 184 32.80 -24.95 -14.70
CA GLN E 184 31.65 -25.58 -14.04
C GLN E 184 31.11 -26.85 -14.72
N HIS E 185 30.38 -27.67 -13.96
CA HIS E 185 29.73 -28.88 -14.48
C HIS E 185 28.20 -28.81 -14.25
N TYR E 186 27.44 -29.41 -15.16
CA TYR E 186 25.99 -29.50 -15.02
C TYR E 186 25.52 -30.96 -15.13
N SER E 187 24.37 -31.26 -14.54
CA SER E 187 23.88 -32.65 -14.47
C SER E 187 23.66 -33.35 -15.82
N CYS E 188 23.32 -32.59 -16.85
CA CYS E 188 23.01 -33.16 -18.16
C CYS E 188 24.21 -33.91 -18.76
N CYS E 189 25.39 -33.30 -18.64
CA CYS E 189 26.58 -33.75 -19.37
C CYS E 189 27.80 -33.87 -18.47
N PRO E 190 28.76 -34.73 -18.83
CA PRO E 190 29.99 -34.91 -18.04
C PRO E 190 31.10 -33.91 -18.35
N GLU E 191 31.07 -33.30 -19.53
CA GLU E 191 32.17 -32.44 -20.01
C GLU E 191 32.39 -31.16 -19.20
N PRO E 192 33.66 -30.70 -19.12
CA PRO E 192 34.02 -29.43 -18.49
C PRO E 192 33.40 -28.24 -19.22
N TYR E 193 32.57 -27.47 -18.52
CA TYR E 193 32.04 -26.25 -19.10
C TYR E 193 32.78 -25.03 -18.54
N ILE E 194 32.89 -23.98 -19.34
CA ILE E 194 33.62 -22.78 -18.94
C ILE E 194 32.65 -21.63 -18.72
N ASP E 195 32.83 -20.88 -17.64
CA ASP E 195 32.04 -19.68 -17.44
C ASP E 195 32.88 -18.46 -17.04
N VAL E 196 32.28 -17.28 -17.09
CA VAL E 196 32.87 -16.10 -16.49
C VAL E 196 31.96 -15.69 -15.35
N ASN E 197 32.54 -15.61 -14.15
CA ASN E 197 31.81 -15.30 -12.93
C ASN E 197 31.83 -13.79 -12.65
N LEU E 198 30.68 -13.16 -12.80
CA LEU E 198 30.54 -11.72 -12.53
C LEU E 198 30.14 -11.53 -11.06
N VAL E 199 31.03 -10.97 -10.26
CA VAL E 199 30.77 -10.82 -8.82
C VAL E 199 30.68 -9.34 -8.48
N VAL E 200 29.50 -8.92 -8.03
CA VAL E 200 29.26 -7.52 -7.72
C VAL E 200 28.90 -7.32 -6.26
N LYS E 201 29.66 -6.47 -5.58
CA LYS E 201 29.32 -6.10 -4.20
C LYS E 201 28.81 -4.66 -4.23
N PHE E 202 27.64 -4.42 -3.64
CA PHE E 202 26.98 -3.12 -3.75
C PHE E 202 26.11 -2.79 -2.55
N ARG E 203 25.72 -1.53 -2.43
CA ARG E 203 24.84 -1.07 -1.33
C ARG E 203 24.06 0.17 -1.77
N GLU E 204 23.02 0.53 -1.02
CA GLU E 204 22.25 1.72 -1.34
C GLU E 204 23.14 2.95 -1.30
N ARG E 205 23.11 3.75 -2.35
CA ARG E 205 23.92 4.96 -2.38
C ARG E 205 23.31 5.96 -1.43
N ARG E 206 24.14 6.48 -0.54
CA ARG E 206 23.67 7.50 0.39
C ARG E 206 24.61 8.70 0.44
N ALA E 207 25.27 8.96 -0.69
CA ALA E 207 26.19 10.07 -0.84
C ALA E 207 26.33 10.44 -2.31
N GLY E 208 26.51 11.72 -2.60
CA GLY E 208 26.66 12.18 -3.97
C GLY E 208 25.47 12.97 -4.47
N ASN E 209 25.22 12.89 -5.78
CA ASN E 209 24.16 13.66 -6.42
C ASN E 209 22.78 13.31 -5.86
N GLY E 210 22.08 14.32 -5.36
CA GLY E 210 20.79 14.11 -4.73
C GLY E 210 20.92 14.01 -3.23
N PHE E 211 22.16 14.05 -2.74
CA PHE E 211 22.44 14.02 -1.30
C PHE E 211 23.17 15.27 -0.85
N PHE E 212 22.60 15.95 0.14
CA PHE E 212 23.13 17.23 0.60
C PHE E 212 23.46 17.20 2.10
N GLN F 1 -4.25 -6.73 57.58
CA GLN F 1 -3.63 -7.18 58.81
C GLN F 1 -3.20 -6.02 59.71
N ALA F 2 -3.48 -6.19 61.00
CA ALA F 2 -3.43 -5.11 61.98
C ALA F 2 -2.12 -4.35 62.03
N ASN F 3 -1.03 -5.08 62.20
CA ASN F 3 0.28 -4.46 62.38
C ASN F 3 0.66 -3.63 61.16
N LEU F 4 0.38 -4.15 59.98
CA LEU F 4 0.69 -3.45 58.73
C LEU F 4 -0.16 -2.19 58.56
N MET F 5 -1.46 -2.30 58.84
CA MET F 5 -2.33 -1.13 58.84
C MET F 5 -1.80 -0.03 59.74
N ARG F 6 -1.33 -0.39 60.93
CA ARG F 6 -0.77 0.59 61.86
C ARG F 6 0.47 1.22 61.31
N LEU F 7 1.32 0.40 60.69
CA LEU F 7 2.58 0.87 60.12
C LEU F 7 2.32 1.89 59.01
N LYS F 8 1.41 1.56 58.10
CA LYS F 8 1.14 2.43 56.97
C LYS F 8 0.51 3.74 57.45
N SER F 9 -0.33 3.66 58.47
CA SER F 9 -0.97 4.84 59.00
C SER F 9 0.09 5.74 59.63
N ASP F 10 0.98 5.13 60.41
CA ASP F 10 2.04 5.88 61.08
C ASP F 10 2.99 6.55 60.08
N LEU F 11 3.30 5.84 59.01
CA LEU F 11 4.22 6.36 58.00
C LEU F 11 3.62 7.43 57.12
N PHE F 12 2.33 7.31 56.83
CA PHE F 12 1.71 8.10 55.76
C PHE F 12 0.66 9.14 56.18
N ASN F 13 0.27 9.15 57.45
CA ASN F 13 -0.73 10.12 57.92
C ASN F 13 -0.21 11.18 58.90
N ARG F 14 1.07 11.12 59.25
CA ARG F 14 1.56 11.93 60.37
C ARG F 14 2.37 13.18 60.02
N SER F 15 3.10 13.12 58.92
CA SER F 15 4.04 14.18 58.55
C SER F 15 3.91 14.50 57.06
N PRO F 16 4.41 15.68 56.64
CA PRO F 16 4.40 15.97 55.20
C PRO F 16 5.27 14.99 54.41
N MET F 17 4.94 14.78 53.16
CA MET F 17 5.78 13.92 52.35
C MET F 17 7.14 14.58 52.14
N TYR F 18 8.16 13.74 52.02
CA TYR F 18 9.50 14.12 51.62
C TYR F 18 9.43 15.06 50.41
N PRO F 19 10.03 16.26 50.52
CA PRO F 19 9.96 17.24 49.44
C PRO F 19 11.01 17.02 48.36
N GLY F 20 11.60 15.83 48.31
CA GLY F 20 12.64 15.58 47.33
C GLY F 20 14.00 16.01 47.85
N PRO F 21 15.06 15.62 47.14
CA PRO F 21 16.43 15.88 47.60
C PRO F 21 16.85 17.34 47.43
N THR F 22 17.93 17.70 48.11
CA THR F 22 18.51 19.05 48.03
C THR F 22 20.02 18.93 47.95
N LYS F 23 20.71 20.03 47.70
CA LYS F 23 22.17 19.99 47.72
C LYS F 23 22.69 19.60 49.11
N ASP F 24 21.97 20.00 50.16
CA ASP F 24 22.35 19.62 51.52
C ASP F 24 22.13 18.14 51.83
N ASP F 25 21.06 17.58 51.26
CA ASP F 25 20.74 16.18 51.47
C ASP F 25 20.45 15.53 50.12
N PRO F 26 21.51 15.20 49.36
CA PRO F 26 21.35 14.62 48.03
C PRO F 26 20.94 13.17 48.12
N LEU F 27 20.56 12.61 46.98
CA LEU F 27 20.04 11.26 46.95
C LEU F 27 20.69 10.53 45.80
N THR F 28 21.04 9.26 46.00
CA THR F 28 21.50 8.43 44.89
C THR F 28 20.46 7.40 44.53
N VAL F 29 20.11 7.36 43.25
CA VAL F 29 19.14 6.41 42.74
C VAL F 29 19.87 5.38 41.91
N THR F 30 19.70 4.11 42.25
CA THR F 30 20.26 3.02 41.46
C THR F 30 19.29 2.63 40.36
N LEU F 31 19.79 2.49 39.14
CA LEU F 31 18.96 2.13 38.00
C LEU F 31 19.50 0.87 37.35
N GLY F 32 18.58 0.07 36.83
CA GLY F 32 18.93 -1.08 36.04
C GLY F 32 17.81 -1.38 35.08
N PHE F 33 18.16 -1.82 33.88
CA PHE F 33 17.14 -2.10 32.88
C PHE F 33 17.03 -3.57 32.51
N THR F 34 15.79 -4.03 32.41
CA THR F 34 15.50 -5.34 31.88
C THR F 34 14.83 -5.14 30.54
N LEU F 35 15.54 -5.44 29.46
CA LEU F 35 15.01 -5.21 28.12
C LEU F 35 14.17 -6.41 27.72
N GLN F 36 12.87 -6.20 27.52
CA GLN F 36 11.97 -7.33 27.26
C GLN F 36 11.68 -7.54 25.76
N ASP F 37 11.65 -6.46 24.99
CA ASP F 37 11.31 -6.59 23.57
C ASP F 37 11.62 -5.29 22.84
N ILE F 38 12.25 -5.41 21.67
CA ILE F 38 12.17 -4.34 20.69
C ILE F 38 10.96 -4.69 19.82
N VAL F 39 9.91 -3.89 19.93
CA VAL F 39 8.63 -4.24 19.33
C VAL F 39 8.55 -3.78 17.88
N LYS F 40 8.97 -2.55 17.62
CA LYS F 40 8.72 -1.96 16.30
C LYS F 40 9.81 -0.97 15.95
N VAL F 41 10.17 -0.92 14.67
CA VAL F 41 10.99 0.17 14.14
C VAL F 41 10.21 0.91 13.06
N ASP F 42 10.44 2.21 12.95
CA ASP F 42 9.77 3.01 11.93
C ASP F 42 10.83 3.79 11.16
N SER F 43 11.16 3.35 9.95
CA SER F 43 12.23 3.98 9.19
C SER F 43 11.80 5.28 8.52
N SER F 44 10.51 5.56 8.51
CA SER F 44 10.04 6.81 7.92
C SER F 44 10.07 7.97 8.94
N THR F 45 10.18 7.65 10.23
CA THR F 45 10.22 8.69 11.26
C THR F 45 11.43 8.57 12.15
N ASN F 46 12.23 7.53 11.96
CA ASN F 46 13.35 7.24 12.87
C ASN F 46 12.94 7.15 14.36
N GLU F 47 11.96 6.29 14.60
CA GLU F 47 11.51 5.96 15.94
C GLU F 47 11.57 4.45 16.12
N VAL F 48 11.97 4.02 17.30
CA VAL F 48 11.99 2.62 17.65
C VAL F 48 11.25 2.44 18.98
N ASP F 49 10.48 1.35 19.10
CA ASP F 49 9.67 1.12 20.29
C ASP F 49 10.22 -0.03 21.12
N LEU F 50 10.47 0.25 22.39
CA LEU F 50 11.02 -0.73 23.34
C LEU F 50 10.02 -1.04 24.44
N VAL F 51 10.04 -2.27 24.91
CA VAL F 51 9.40 -2.63 26.17
C VAL F 51 10.49 -3.06 27.13
N TYR F 52 10.54 -2.44 28.31
CA TYR F 52 11.55 -2.76 29.31
C TYR F 52 10.96 -2.61 30.72
N TRP F 53 11.66 -3.18 31.70
CA TRP F 53 11.32 -2.95 33.10
C TRP F 53 12.44 -2.09 33.66
N GLU F 54 12.09 -0.98 34.31
CA GLU F 54 13.09 -0.06 34.83
C GLU F 54 13.19 -0.21 36.33
N GLN F 55 14.19 -0.95 36.78
CA GLN F 55 14.38 -1.14 38.22
C GLN F 55 14.99 0.10 38.86
N GLN F 56 14.30 0.64 39.86
CA GLN F 56 14.76 1.82 40.59
C GLN F 56 14.91 1.52 42.07
N ARG F 57 16.01 1.94 42.66
CA ARG F 57 16.22 1.80 44.10
C ARG F 57 16.73 3.11 44.70
N TRP F 58 16.20 3.46 45.86
CA TRP F 58 16.71 4.60 46.62
C TRP F 58 16.36 4.38 48.09
N LYS F 59 16.86 5.24 48.96
CA LYS F 59 16.66 5.06 50.39
C LYS F 59 16.37 6.38 51.08
N LEU F 60 15.29 6.42 51.85
CA LEU F 60 14.91 7.62 52.60
C LEU F 60 14.84 7.33 54.08
N ASN F 61 15.41 8.21 54.89
CA ASN F 61 15.31 8.09 56.34
C ASN F 61 13.87 8.19 56.84
N SER F 62 13.06 8.97 56.15
CA SER F 62 11.67 9.17 56.55
C SER F 62 10.83 7.88 56.43
N LEU F 63 11.33 6.91 55.67
CA LEU F 63 10.60 5.66 55.52
C LEU F 63 11.08 4.54 56.43
N MET F 64 11.91 4.88 57.42
CA MET F 64 12.42 3.88 58.36
C MET F 64 11.42 3.56 59.46
N TRP F 65 11.49 2.33 59.99
CA TRP F 65 10.72 1.97 61.18
C TRP F 65 11.42 0.83 61.91
N ASP F 66 11.09 0.68 63.19
CA ASP F 66 11.57 -0.41 64.02
C ASP F 66 10.61 -1.59 63.85
N PRO F 67 11.07 -2.68 63.23
CA PRO F 67 10.19 -3.84 63.04
C PRO F 67 9.61 -4.39 64.36
N ASN F 68 10.31 -4.22 65.47
CA ASN F 68 9.81 -4.63 66.78
C ASN F 68 8.50 -3.95 67.17
N GLU F 69 8.30 -2.73 66.67
CA GLU F 69 7.08 -1.98 67.01
C GLU F 69 5.90 -2.34 66.11
N TYR F 70 6.16 -3.11 65.05
CA TYR F 70 5.11 -3.44 64.09
C TYR F 70 5.02 -4.93 63.78
N GLY F 71 5.07 -5.75 64.82
CA GLY F 71 4.95 -7.18 64.68
C GLY F 71 5.97 -7.81 63.76
N ASN F 72 7.20 -7.29 63.79
CA ASN F 72 8.32 -7.84 63.03
C ASN F 72 8.20 -7.73 61.51
N ILE F 73 7.35 -6.83 61.05
CA ILE F 73 7.28 -6.50 59.63
C ILE F 73 8.58 -5.82 59.22
N THR F 74 9.22 -6.32 58.16
CA THR F 74 10.51 -5.80 57.73
C THR F 74 10.42 -5.11 56.37
N ASP F 75 9.33 -5.38 55.66
CA ASP F 75 9.04 -4.71 54.39
C ASP F 75 7.55 -4.78 54.08
N PHE F 76 7.11 -3.94 53.14
CA PHE F 76 5.73 -4.03 52.68
C PHE F 76 5.58 -3.50 51.27
N ARG F 77 4.53 -3.95 50.60
CA ARG F 77 4.17 -3.45 49.28
C ARG F 77 3.21 -2.29 49.46
N THR F 78 3.42 -1.21 48.72
CA THR F 78 2.48 -0.10 48.76
C THR F 78 2.42 0.63 47.42
N SER F 79 1.27 1.24 47.15
CA SER F 79 1.08 2.03 45.94
C SER F 79 2.17 3.09 45.81
N ALA F 80 2.76 3.20 44.63
CA ALA F 80 3.82 4.19 44.39
C ALA F 80 3.31 5.61 44.63
N ALA F 81 2.01 5.81 44.49
CA ALA F 81 1.41 7.11 44.76
C ALA F 81 1.52 7.50 46.24
N ASP F 82 1.77 6.53 47.11
CA ASP F 82 1.84 6.80 48.55
C ASP F 82 3.17 7.43 48.94
N ILE F 83 4.16 7.35 48.06
CA ILE F 83 5.51 7.72 48.42
C ILE F 83 6.11 8.62 47.37
N TRP F 84 7.19 9.29 47.75
CA TRP F 84 7.99 10.03 46.78
C TRP F 84 8.70 9.07 45.82
N THR F 85 8.71 9.42 44.55
CA THR F 85 9.46 8.66 43.56
C THR F 85 10.30 9.62 42.72
N PRO F 86 11.50 9.19 42.29
CA PRO F 86 12.39 10.06 41.52
C PRO F 86 11.87 10.33 40.10
N ASP F 87 12.09 11.54 39.60
CA ASP F 87 11.63 11.94 38.27
C ASP F 87 12.55 11.43 37.15
N ILE F 88 12.95 10.16 37.22
CA ILE F 88 13.82 9.59 36.19
C ILE F 88 13.09 9.57 34.86
N THR F 89 13.73 10.15 33.83
CA THR F 89 13.04 10.42 32.58
C THR F 89 13.90 10.00 31.39
N ALA F 90 13.27 9.39 30.39
CA ALA F 90 13.95 9.15 29.12
C ALA F 90 14.07 10.47 28.35
N TYR F 91 15.28 10.81 27.95
CA TYR F 91 15.54 12.13 27.38
C TYR F 91 15.24 12.22 25.88
N GLU F 92 15.13 11.09 25.20
CA GLU F 92 14.89 11.13 23.77
C GLU F 92 13.61 10.42 23.35
N SER F 93 12.60 10.43 24.22
CA SER F 93 11.32 9.83 23.88
C SER F 93 10.63 10.69 22.82
N THR F 94 9.71 10.09 22.07
CA THR F 94 8.93 10.82 21.07
C THR F 94 7.44 10.69 21.32
N ARG F 95 7.07 9.88 22.31
CA ARG F 95 5.67 9.73 22.71
C ARG F 95 5.66 9.59 24.21
N PRO F 96 4.53 9.93 24.86
CA PRO F 96 4.43 9.71 26.30
C PRO F 96 4.67 8.24 26.64
N VAL F 97 5.39 7.98 27.72
CA VAL F 97 5.64 6.60 28.13
C VAL F 97 4.30 5.87 28.39
N GLN F 98 4.23 4.59 28.04
CA GLN F 98 3.05 3.80 28.38
C GLN F 98 3.40 2.79 29.47
N VAL F 99 2.71 2.88 30.60
CA VAL F 99 3.00 2.00 31.72
C VAL F 99 2.22 0.70 31.54
N LEU F 100 2.91 -0.43 31.70
CA LEU F 100 2.33 -1.72 31.37
C LEU F 100 2.02 -2.54 32.61
N SER F 101 2.42 -2.02 33.77
CA SER F 101 2.34 -2.77 35.02
C SER F 101 1.73 -1.91 36.11
N PRO F 102 1.28 -2.55 37.22
CA PRO F 102 0.93 -1.81 38.42
C PRO F 102 2.13 -0.98 38.84
N GLN F 103 1.86 0.12 39.53
CA GLN F 103 2.92 0.96 40.06
C GLN F 103 2.87 0.86 41.59
N ILE F 104 3.54 -0.17 42.08
CA ILE F 104 3.54 -0.51 43.48
C ILE F 104 4.99 -0.72 43.84
N ALA F 105 5.43 -0.14 44.95
CA ALA F 105 6.80 -0.27 45.39
C ALA F 105 6.91 -1.25 46.57
N VAL F 106 8.12 -1.74 46.82
CA VAL F 106 8.40 -2.44 48.06
C VAL F 106 9.30 -1.54 48.92
N VAL F 107 8.82 -1.29 50.14
CA VAL F 107 9.53 -0.44 51.10
C VAL F 107 10.07 -1.33 52.22
N THR F 108 11.36 -1.20 52.53
CA THR F 108 12.01 -1.98 53.58
C THR F 108 12.27 -1.12 54.83
N HIS F 109 12.36 -1.74 55.99
CA HIS F 109 12.38 -1.04 57.27
C HIS F 109 13.56 -0.08 57.44
N ASP F 110 14.60 -0.24 56.63
CA ASP F 110 15.75 0.64 56.66
C ASP F 110 15.54 1.87 55.79
N GLY F 111 14.34 2.02 55.26
CA GLY F 111 14.01 3.16 54.43
C GLY F 111 14.27 2.92 52.96
N SER F 112 14.79 1.75 52.60
CA SER F 112 15.06 1.50 51.19
C SER F 112 13.80 1.14 50.39
N VAL F 113 13.80 1.52 49.12
CA VAL F 113 12.64 1.34 48.26
C VAL F 113 13.07 0.66 46.95
N MET F 114 12.27 -0.30 46.50
CA MET F 114 12.47 -0.91 45.18
C MET F 114 11.20 -0.76 44.36
N PHE F 115 11.33 -0.24 43.14
CA PHE F 115 10.20 0.09 42.30
C PHE F 115 10.59 -0.30 40.88
N ILE F 116 9.78 -1.14 40.23
CA ILE F 116 10.12 -1.64 38.90
C ILE F 116 8.91 -1.61 37.96
N PRO F 117 8.59 -0.44 37.40
CA PRO F 117 7.49 -0.39 36.45
C PRO F 117 7.90 -0.93 35.08
N ALA F 118 6.99 -1.60 34.39
CA ALA F 118 7.22 -1.97 33.01
C ALA F 118 6.64 -0.90 32.11
N GLN F 119 7.34 -0.59 31.03
CA GLN F 119 7.02 0.56 30.18
C GLN F 119 7.22 0.23 28.72
N ARG F 120 6.38 0.79 27.87
CA ARG F 120 6.69 0.86 26.45
C ARG F 120 7.01 2.30 26.07
N LEU F 121 8.12 2.49 25.36
CA LEU F 121 8.60 3.81 24.99
C LEU F 121 8.98 3.89 23.51
N SER F 122 8.53 4.94 22.82
CA SER F 122 9.06 5.27 21.49
C SER F 122 10.17 6.28 21.69
N PHE F 123 11.29 6.07 21.00
CA PHE F 123 12.41 6.98 21.14
C PHE F 123 13.11 7.22 19.79
N MET F 124 13.99 8.22 19.78
CA MET F 124 14.71 8.62 18.57
C MET F 124 15.81 7.63 18.22
N CYS F 125 15.67 7.00 17.06
CA CYS F 125 16.56 5.92 16.68
C CYS F 125 16.43 5.70 15.18
N ASP F 126 17.55 5.81 14.45
CA ASP F 126 17.59 5.52 13.02
C ASP F 126 17.88 4.03 12.83
N PRO F 127 16.88 3.29 12.31
CA PRO F 127 17.00 1.83 12.20
C PRO F 127 17.62 1.37 10.89
N THR F 128 18.12 2.30 10.08
CA THR F 128 18.73 1.93 8.81
C THR F 128 19.87 0.93 9.01
N GLY F 129 19.80 -0.20 8.30
CA GLY F 129 20.81 -1.24 8.44
C GLY F 129 20.40 -2.37 9.40
N VAL F 130 19.20 -2.27 9.95
CA VAL F 130 18.74 -3.28 10.90
C VAL F 130 18.59 -4.67 10.25
N ASP F 131 18.36 -4.73 8.95
CA ASP F 131 18.15 -6.03 8.30
C ASP F 131 19.47 -6.70 7.90
N SER F 132 20.60 -6.08 8.24
CA SER F 132 21.92 -6.63 7.91
C SER F 132 22.54 -7.40 9.08
N GLU F 133 23.60 -8.15 8.80
CA GLU F 133 24.29 -8.94 9.81
C GLU F 133 24.89 -8.06 10.90
N GLU F 134 25.39 -6.90 10.50
CA GLU F 134 26.03 -5.99 11.44
C GLU F 134 25.02 -5.29 12.33
N GLY F 135 23.79 -5.17 11.84
CA GLY F 135 22.73 -4.55 12.60
C GLY F 135 22.89 -3.05 12.77
N VAL F 136 22.28 -2.50 13.81
CA VAL F 136 22.29 -1.06 14.05
C VAL F 136 22.45 -0.81 15.56
N THR F 137 22.99 0.35 15.92
CA THR F 137 23.15 0.73 17.32
C THR F 137 22.31 1.97 17.60
N CYS F 138 21.61 1.99 18.73
CA CYS F 138 20.91 3.17 19.16
C CYS F 138 21.18 3.41 20.63
N ALA F 139 21.01 4.64 21.06
CA ALA F 139 21.24 4.96 22.46
C ALA F 139 20.11 5.82 23.00
N LEU F 140 19.88 5.69 24.30
CA LEU F 140 18.79 6.36 24.99
C LEU F 140 19.32 6.72 26.36
N THR F 141 19.19 7.98 26.76
CA THR F 141 19.64 8.37 28.09
C THR F 141 18.47 8.58 29.06
N PHE F 142 18.69 8.20 30.31
CA PHE F 142 17.71 8.32 31.37
C PHE F 142 18.33 9.11 32.50
N GLY F 143 17.61 10.09 33.03
CA GLY F 143 18.10 10.86 34.17
C GLY F 143 17.00 11.72 34.75
N SER F 144 17.28 12.37 35.88
CA SER F 144 16.32 13.31 36.45
C SER F 144 16.07 14.41 35.44
N TRP F 145 14.82 14.82 35.29
CA TRP F 145 14.51 15.93 34.38
C TRP F 145 14.93 17.25 35.04
N VAL F 146 14.72 17.37 36.35
CA VAL F 146 14.85 18.67 37.00
C VAL F 146 15.96 18.79 38.05
N TYR F 147 16.48 17.67 38.53
CA TYR F 147 17.55 17.73 39.53
C TYR F 147 18.93 17.54 38.92
N SER F 148 19.88 18.39 39.27
CA SER F 148 21.26 18.22 38.81
C SER F 148 21.95 17.20 39.68
N GLY F 149 23.22 16.94 39.39
CA GLY F 149 24.00 15.96 40.12
C GLY F 149 24.24 16.36 41.57
N PHE F 150 24.01 17.63 41.88
CA PHE F 150 24.09 18.11 43.26
C PHE F 150 22.93 17.61 44.12
N GLU F 151 21.84 17.18 43.49
CA GLU F 151 20.69 16.68 44.24
C GLU F 151 20.42 15.19 44.02
N ILE F 152 20.52 14.74 42.78
CA ILE F 152 20.33 13.33 42.44
C ILE F 152 21.54 12.77 41.70
N ASP F 153 22.20 11.80 42.31
CA ASP F 153 23.25 11.06 41.63
C ASP F 153 22.66 9.73 41.18
N LEU F 154 23.22 9.16 40.12
CA LEU F 154 22.75 7.86 39.64
C LEU F 154 23.86 6.83 39.73
N LYS F 155 23.48 5.57 39.85
CA LYS F 155 24.42 4.46 39.89
C LYS F 155 23.78 3.28 39.18
N THR F 156 24.59 2.42 38.56
CA THR F 156 24.12 1.12 38.14
C THR F 156 24.84 0.07 38.98
N ASP F 157 24.22 -1.09 39.15
CA ASP F 157 24.86 -2.19 39.88
C ASP F 157 25.71 -3.03 38.91
N THR F 158 25.35 -2.96 37.64
CA THR F 158 26.10 -3.63 36.59
C THR F 158 25.94 -2.81 35.32
N ASP F 159 26.89 -2.90 34.40
CA ASP F 159 26.78 -2.18 33.12
C ASP F 159 26.12 -3.05 32.07
N GLN F 160 25.77 -4.27 32.43
CA GLN F 160 25.09 -5.16 31.51
C GLN F 160 23.58 -5.06 31.69
N VAL F 161 22.89 -4.75 30.61
CA VAL F 161 21.43 -4.78 30.63
C VAL F 161 20.95 -6.21 30.80
N ASP F 162 19.95 -6.40 31.65
CA ASP F 162 19.35 -7.71 31.87
C ASP F 162 18.58 -8.17 30.63
N LEU F 163 19.04 -9.26 30.02
CA LEU F 163 18.41 -9.79 28.81
C LEU F 163 17.79 -11.16 29.06
N SER F 164 17.69 -11.55 30.33
CA SER F 164 17.19 -12.89 30.69
C SER F 164 15.70 -13.09 30.36
N SER F 165 14.96 -11.99 30.23
CA SER F 165 13.53 -12.07 29.92
C SER F 165 13.22 -11.54 28.53
N TYR F 166 14.26 -11.34 27.70
CA TYR F 166 14.02 -10.83 26.34
C TYR F 166 13.22 -11.81 25.49
N TYR F 167 12.20 -11.31 24.81
CA TYR F 167 11.29 -12.16 24.03
C TYR F 167 12.02 -12.89 22.91
N ALA F 168 12.09 -14.22 23.01
CA ALA F 168 12.89 -15.04 22.10
C ALA F 168 12.39 -15.00 20.66
N SER F 169 11.11 -14.73 20.46
CA SER F 169 10.57 -14.67 19.10
C SER F 169 10.27 -13.24 18.62
N SER F 170 10.95 -12.26 19.22
CA SER F 170 10.89 -10.87 18.75
C SER F 170 11.31 -10.78 17.29
N LYS F 171 10.89 -9.70 16.63
CA LYS F 171 11.34 -9.44 15.27
C LYS F 171 12.82 -9.13 15.28
N TYR F 172 13.33 -8.65 16.41
CA TYR F 172 14.71 -8.19 16.51
C TYR F 172 15.49 -8.99 17.54
N GLU F 173 16.71 -9.40 17.19
CA GLU F 173 17.60 -10.01 18.17
C GLU F 173 18.59 -8.97 18.70
N ILE F 174 18.94 -9.10 19.98
CA ILE F 174 19.86 -8.16 20.60
C ILE F 174 21.28 -8.67 20.44
N LEU F 175 22.18 -7.80 19.99
CA LEU F 175 23.58 -8.17 19.78
C LEU F 175 24.40 -7.77 20.99
N SER F 176 24.05 -6.65 21.59
CA SER F 176 24.59 -6.22 22.88
C SER F 176 23.68 -5.15 23.45
N ALA F 177 23.68 -5.04 24.78
CA ALA F 177 22.91 -4.02 25.45
C ALA F 177 23.62 -3.61 26.74
N THR F 178 24.04 -2.35 26.82
CA THR F 178 24.74 -1.87 28.00
C THR F 178 24.05 -0.66 28.64
N GLN F 179 24.34 -0.45 29.92
CA GLN F 179 23.81 0.68 30.69
C GLN F 179 24.94 1.31 31.49
N THR F 180 25.23 2.58 31.21
CA THR F 180 26.42 3.22 31.76
C THR F 180 26.14 4.62 32.27
N ARG F 181 26.57 4.91 33.49
CA ARG F 181 26.45 6.25 34.07
C ARG F 181 27.33 7.25 33.34
N GLN F 182 26.79 8.42 33.02
CA GLN F 182 27.60 9.50 32.49
C GLN F 182 27.11 10.89 32.93
N VAL F 183 27.85 11.91 32.50
CA VAL F 183 27.58 13.30 32.87
C VAL F 183 27.19 14.15 31.65
N GLN F 184 26.02 14.77 31.69
CA GLN F 184 25.59 15.64 30.58
C GLN F 184 25.25 17.07 31.00
N HIS F 185 25.32 17.97 30.03
CA HIS F 185 24.97 19.38 30.22
C HIS F 185 23.92 19.80 29.21
N TYR F 186 23.02 20.69 29.62
CA TYR F 186 21.99 21.24 28.74
C TYR F 186 22.09 22.76 28.74
N SER F 187 21.61 23.40 27.67
CA SER F 187 21.76 24.84 27.47
C SER F 187 21.21 25.69 28.62
N CYS F 188 20.15 25.21 29.27
CA CYS F 188 19.44 25.96 30.29
C CYS F 188 20.24 26.14 31.58
N CYS F 189 21.11 25.19 31.89
CA CYS F 189 21.73 25.08 33.21
C CYS F 189 23.22 24.72 33.13
N PRO F 190 24.05 25.35 33.98
CA PRO F 190 25.49 25.09 34.00
C PRO F 190 25.89 23.81 34.76
N GLU F 191 25.05 23.37 35.70
CA GLU F 191 25.38 22.22 36.54
C GLU F 191 25.40 20.90 35.77
N PRO F 192 26.30 19.99 36.15
CA PRO F 192 26.31 18.62 35.61
C PRO F 192 25.01 17.91 35.94
N TYR F 193 24.38 17.33 34.92
CA TYR F 193 23.26 16.43 35.16
C TYR F 193 23.76 15.00 34.96
N ILE F 194 23.30 14.07 35.79
CA ILE F 194 23.75 12.69 35.67
C ILE F 194 22.73 11.90 34.87
N ASP F 195 23.21 11.04 33.97
CA ASP F 195 22.32 10.13 33.26
C ASP F 195 22.85 8.72 33.21
N VAL F 196 21.98 7.79 32.82
CA VAL F 196 22.42 6.45 32.49
C VAL F 196 22.16 6.24 31.00
N ASN F 197 23.22 5.88 30.29
CA ASN F 197 23.19 5.71 28.84
C ASN F 197 22.89 4.26 28.50
N LEU F 198 21.73 4.03 27.91
CA LEU F 198 21.32 2.70 27.51
C LEU F 198 21.67 2.54 26.03
N VAL F 199 22.64 1.68 25.73
CA VAL F 199 23.09 1.49 24.35
C VAL F 199 22.77 0.09 23.86
N VAL F 200 21.93 0.01 22.83
CA VAL F 200 21.47 -1.28 22.34
C VAL F 200 21.82 -1.47 20.87
N LYS F 201 22.55 -2.55 20.59
CA LYS F 201 22.87 -2.94 19.22
C LYS F 201 21.96 -4.11 18.87
N PHE F 202 21.28 -4.03 17.72
CA PHE F 202 20.31 -5.06 17.37
C PHE F 202 20.16 -5.22 15.87
N ARG F 203 19.54 -6.32 15.48
CA ARG F 203 19.27 -6.59 14.07
C ARG F 203 18.02 -7.44 13.93
N GLU F 204 17.50 -7.56 12.71
CA GLU F 204 16.36 -8.42 12.45
C GLU F 204 16.72 -9.86 12.79
N ARG F 205 15.88 -10.50 13.59
CA ARG F 205 16.10 -11.90 13.96
CA ARG F 205 16.09 -11.89 13.97
C ARG F 205 15.86 -12.78 12.76
N ARG F 206 16.79 -13.69 12.51
CA ARG F 206 16.66 -14.59 11.37
C ARG F 206 17.00 -16.03 11.76
N ALA F 207 16.97 -16.30 13.07
CA ALA F 207 17.20 -17.64 13.60
C ALA F 207 16.29 -17.89 14.81
N GLY F 208 15.96 -19.15 15.06
CA GLY F 208 15.12 -19.51 16.19
C GLY F 208 13.72 -19.89 15.79
N ASN F 209 12.74 -19.51 16.61
CA ASN F 209 11.33 -19.80 16.32
C ASN F 209 10.87 -19.11 15.04
N GLY F 210 10.07 -19.83 14.26
CA GLY F 210 9.62 -19.34 12.97
C GLY F 210 10.75 -19.32 11.95
N PHE F 211 11.87 -19.95 12.32
CA PHE F 211 13.06 -20.00 11.46
C PHE F 211 13.68 -21.40 11.37
N PHE F 212 12.96 -22.31 10.73
CA PHE F 212 13.39 -23.69 10.54
C PHE F 212 14.64 -23.77 9.66
N GLN G 1 14.62 17.10 54.36
CA GLN G 1 14.97 18.42 54.84
C GLN G 1 13.79 19.14 55.50
N ALA G 2 13.93 19.37 56.80
CA ALA G 2 12.92 20.06 57.59
C ALA G 2 12.67 21.48 57.10
N ASN G 3 13.74 22.19 56.75
CA ASN G 3 13.59 23.59 56.33
C ASN G 3 12.76 23.73 55.06
N LEU G 4 12.99 22.84 54.10
CA LEU G 4 12.25 22.86 52.85
C LEU G 4 10.77 22.55 53.07
N MET G 5 10.47 21.60 53.94
CA MET G 5 9.09 21.28 54.26
C MET G 5 8.37 22.50 54.82
N ARG G 6 9.01 23.20 55.74
CA ARG G 6 8.49 24.44 56.30
C ARG G 6 8.19 25.46 55.21
N LEU G 7 9.18 25.69 54.35
CA LEU G 7 9.05 26.64 53.24
C LEU G 7 7.86 26.34 52.33
N LYS G 8 7.74 25.10 51.87
CA LYS G 8 6.64 24.71 51.01
C LYS G 8 5.28 24.85 51.70
N SER G 9 5.23 24.46 52.97
CA SER G 9 4.01 24.65 53.74
C SER G 9 3.67 26.14 53.84
N ASP G 10 4.65 26.98 54.14
CA ASP G 10 4.38 28.40 54.31
C ASP G 10 3.97 29.07 53.01
N LEU G 11 4.55 28.63 51.90
CA LEU G 11 4.23 29.19 50.60
C LEU G 11 2.88 28.71 50.07
N PHE G 12 2.57 27.43 50.27
CA PHE G 12 1.45 26.79 49.58
C PHE G 12 0.21 26.48 50.41
N ASN G 13 0.27 26.68 51.73
CA ASN G 13 -0.85 26.30 52.57
C ASN G 13 -1.62 27.43 53.25
N ARG G 14 -1.13 28.66 53.16
CA ARG G 14 -1.70 29.73 53.98
C ARG G 14 -2.23 30.96 53.25
N SER G 15 -2.47 30.83 51.94
CA SER G 15 -3.02 31.94 51.18
C SER G 15 -3.60 31.46 49.86
N PRO G 16 -4.58 32.20 49.31
CA PRO G 16 -5.11 31.88 47.98
C PRO G 16 -4.03 31.95 46.92
N MET G 17 -4.10 31.09 45.91
CA MET G 17 -3.13 31.16 44.84
C MET G 17 -3.32 32.44 44.05
N TYR G 18 -2.23 32.91 43.47
CA TYR G 18 -2.19 33.93 42.46
C TYR G 18 -3.34 33.75 41.47
N PRO G 19 -4.17 34.78 41.30
CA PRO G 19 -5.31 34.71 40.38
C PRO G 19 -4.93 35.03 38.95
N GLY G 20 -3.64 35.02 38.65
CA GLY G 20 -3.18 35.41 37.33
C GLY G 20 -2.96 36.90 37.24
N PRO G 21 -2.33 37.34 36.14
CA PRO G 21 -2.00 38.75 35.92
C PRO G 21 -3.24 39.57 35.60
N THR G 22 -3.12 40.89 35.75
CA THR G 22 -4.19 41.82 35.42
C THR G 22 -3.58 43.03 34.73
N LYS G 23 -4.44 43.94 34.27
CA LYS G 23 -3.98 45.20 33.70
C LYS G 23 -3.13 45.97 34.69
N ASP G 24 -3.54 45.97 35.96
CA ASP G 24 -2.82 46.68 37.02
C ASP G 24 -1.54 45.97 37.45
N ASP G 25 -1.49 44.66 37.22
CA ASP G 25 -0.32 43.87 37.59
C ASP G 25 -0.03 42.90 36.47
N PRO G 26 0.59 43.41 35.38
CA PRO G 26 0.88 42.57 34.23
C PRO G 26 2.11 41.73 34.50
N LEU G 27 2.35 40.76 33.64
CA LEU G 27 3.43 39.81 33.85
C LEU G 27 4.14 39.61 32.54
N THR G 28 5.47 39.49 32.59
CA THR G 28 6.24 39.16 31.39
C THR G 28 6.79 37.74 31.48
N VAL G 29 6.46 36.94 30.48
CA VAL G 29 6.96 35.58 30.40
C VAL G 29 8.07 35.49 29.36
N THR G 30 9.23 35.00 29.77
CA THR G 30 10.32 34.76 28.85
C THR G 30 10.20 33.35 28.26
N LEU G 31 10.24 33.26 26.94
CA LEU G 31 10.15 31.98 26.24
C LEU G 31 11.39 31.66 25.44
N GLY G 32 11.73 30.38 25.39
CA GLY G 32 12.84 29.92 24.56
C GLY G 32 12.60 28.49 24.19
N PHE G 33 12.89 28.14 22.94
CA PHE G 33 12.69 26.78 22.48
C PHE G 33 13.98 26.02 22.25
N THR G 34 13.98 24.78 22.72
CA THR G 34 15.00 23.79 22.36
C THR G 34 14.38 22.76 21.41
N LEU G 35 14.68 22.86 20.12
CA LEU G 35 14.11 21.94 19.14
C LEU G 35 14.90 20.63 19.17
N GLN G 36 14.25 19.54 19.55
CA GLN G 36 14.93 18.26 19.68
C GLN G 36 14.84 17.36 18.44
N ASP G 37 13.69 17.39 17.77
CA ASP G 37 13.48 16.48 16.63
C ASP G 37 12.30 16.96 15.81
N ILE G 38 12.44 16.90 14.49
CA ILE G 38 11.28 16.92 13.61
C ILE G 38 11.02 15.45 13.33
N VAL G 39 9.95 14.91 13.89
CA VAL G 39 9.73 13.47 13.89
C VAL G 39 9.09 12.95 12.60
N LYS G 40 8.01 13.60 12.18
CA LYS G 40 7.19 13.09 11.09
C LYS G 40 6.61 14.24 10.28
N VAL G 41 6.49 14.07 8.98
CA VAL G 41 5.66 14.96 8.18
C VAL G 41 4.52 14.15 7.56
N ASP G 42 3.40 14.81 7.31
CA ASP G 42 2.26 14.15 6.67
C ASP G 42 1.80 15.00 5.51
N SER G 43 2.13 14.57 4.29
CA SER G 43 1.82 15.34 3.09
C SER G 43 0.38 15.15 2.64
N SER G 44 -0.34 14.22 3.25
CA SER G 44 -1.76 14.08 2.91
C SER G 44 -2.66 14.99 3.77
N THR G 45 -2.13 15.50 4.88
CA THR G 45 -2.92 16.34 5.78
C THR G 45 -2.26 17.68 6.06
N ASN G 46 -1.05 17.85 5.56
CA ASN G 46 -0.25 19.03 5.86
C ASN G 46 -0.15 19.31 7.37
N GLU G 47 0.32 18.28 8.08
CA GLU G 47 0.70 18.36 9.48
C GLU G 47 2.14 17.92 9.61
N VAL G 48 2.85 18.53 10.55
CA VAL G 48 4.21 18.11 10.89
C VAL G 48 4.30 17.99 12.41
N ASP G 49 5.06 16.98 12.86
CA ASP G 49 5.20 16.67 14.27
C ASP G 49 6.59 17.08 14.77
N LEU G 50 6.63 17.91 15.82
CA LEU G 50 7.87 18.38 16.42
C LEU G 50 8.02 17.86 17.83
N VAL G 51 9.25 17.65 18.25
CA VAL G 51 9.54 17.44 19.66
C VAL G 51 10.46 18.56 20.13
N TYR G 52 10.07 19.24 21.19
CA TYR G 52 10.83 20.38 21.66
C TYR G 52 10.71 20.52 23.18
N TRP G 53 11.59 21.31 23.78
CA TRP G 53 11.44 21.68 25.17
C TRP G 53 11.13 23.15 25.20
N GLU G 54 10.12 23.54 25.95
CA GLU G 54 9.69 24.92 25.93
C GLU G 54 10.07 25.57 27.24
N GLN G 55 11.08 26.43 27.20
CA GLN G 55 11.55 27.08 28.42
C GLN G 55 10.71 28.31 28.74
N GLN G 56 10.13 28.33 29.92
CA GLN G 56 9.30 29.43 30.38
C GLN G 56 9.89 29.99 31.67
N ARG G 57 10.01 31.31 31.76
CA ARG G 57 10.40 31.97 32.99
C ARG G 57 9.46 33.12 33.30
N TRP G 58 9.16 33.29 34.59
CA TRP G 58 8.39 34.44 35.04
C TRP G 58 8.69 34.61 36.52
N LYS G 59 8.15 35.65 37.11
CA LYS G 59 8.44 35.97 38.50
C LYS G 59 7.18 36.48 39.20
N LEU G 60 6.86 35.90 40.35
CA LEU G 60 5.75 36.37 41.17
C LEU G 60 6.24 36.85 42.52
N ASN G 61 5.75 38.00 42.98
CA ASN G 61 6.05 38.48 44.33
C ASN G 61 5.57 37.51 45.40
N SER G 62 4.47 36.82 45.14
CA SER G 62 3.89 35.91 46.12
C SER G 62 4.73 34.64 46.33
N LEU G 63 5.73 34.42 45.47
CA LEU G 63 6.62 33.27 45.60
C LEU G 63 7.97 33.61 46.25
N MET G 64 8.09 34.82 46.78
CA MET G 64 9.33 35.24 47.42
C MET G 64 9.47 34.73 48.86
N TRP G 65 10.70 34.48 49.30
CA TRP G 65 10.97 34.24 50.71
C TRP G 65 12.38 34.70 51.08
N ASP G 66 12.59 34.88 52.37
CA ASP G 66 13.87 35.25 52.93
C ASP G 66 14.61 33.95 53.26
N PRO G 67 15.70 33.64 52.53
CA PRO G 67 16.43 32.39 52.75
C PRO G 67 16.91 32.23 54.18
N ASN G 68 17.20 33.35 54.85
CA ASN G 68 17.63 33.31 56.25
C ASN G 68 16.62 32.62 57.15
N GLU G 69 15.33 32.77 56.82
CA GLU G 69 14.29 32.19 57.63
C GLU G 69 14.08 30.70 57.30
N TYR G 70 14.81 30.19 56.32
CA TYR G 70 14.63 28.80 55.90
C TYR G 70 15.95 28.05 55.65
N GLY G 71 16.87 28.16 56.60
CA GLY G 71 18.13 27.45 56.49
C GLY G 71 18.92 27.74 55.23
N ASN G 72 18.82 28.97 54.74
CA ASN G 72 19.56 29.44 53.57
C ASN G 72 19.16 28.76 52.25
N ILE G 73 17.95 28.22 52.21
CA ILE G 73 17.41 27.71 50.95
C ILE G 73 17.14 28.88 49.99
N THR G 74 17.71 28.82 48.79
CA THR G 74 17.53 29.88 47.81
C THR G 74 16.69 29.45 46.61
N ASP G 75 16.48 28.14 46.48
CA ASP G 75 15.59 27.61 45.44
C ASP G 75 15.11 26.19 45.75
N PHE G 76 14.04 25.77 45.09
CA PHE G 76 13.55 24.40 45.22
C PHE G 76 12.79 23.94 43.99
N ARG G 77 12.77 22.63 43.75
CA ARG G 77 11.87 22.09 42.73
C ARG G 77 10.54 21.76 43.39
N THR G 78 9.48 21.96 42.64
CA THR G 78 8.15 21.58 43.10
C THR G 78 7.27 21.29 41.90
N SER G 79 6.25 20.47 42.11
CA SER G 79 5.34 20.14 41.03
C SER G 79 4.70 21.40 40.47
N ALA G 80 4.57 21.46 39.15
CA ALA G 80 3.99 22.64 38.49
C ALA G 80 2.53 22.81 38.89
N ALA G 81 1.94 21.76 39.45
CA ALA G 81 0.56 21.84 39.91
C ALA G 81 0.46 22.65 41.21
N ASP G 82 1.60 22.88 41.86
CA ASP G 82 1.61 23.64 43.12
C ASP G 82 1.58 25.16 42.89
N ILE G 83 1.89 25.59 41.67
CA ILE G 83 2.01 27.01 41.39
C ILE G 83 1.18 27.42 40.19
N TRP G 84 1.00 28.73 40.03
CA TRP G 84 0.35 29.24 38.84
C TRP G 84 1.32 29.10 37.67
N THR G 85 0.80 28.74 36.49
CA THR G 85 1.62 28.66 35.29
C THR G 85 0.90 29.38 34.14
N PRO G 86 1.67 30.03 33.24
CA PRO G 86 1.04 30.80 32.17
C PRO G 86 0.42 29.91 31.08
N ASP G 87 -0.67 30.36 30.47
CA ASP G 87 -1.38 29.56 29.48
C ASP G 87 -0.76 29.69 28.09
N ILE G 88 0.55 29.49 27.98
CA ILE G 88 1.22 29.63 26.69
C ILE G 88 0.79 28.49 25.79
N THR G 89 0.25 28.83 24.63
CA THR G 89 -0.42 27.84 23.79
C THR G 89 0.07 27.97 22.36
N ALA G 90 0.22 26.83 21.69
CA ALA G 90 0.54 26.81 20.27
C ALA G 90 -0.72 27.11 19.45
N TYR G 91 -0.67 28.12 18.58
CA TYR G 91 -1.88 28.57 17.90
C TYR G 91 -2.25 27.79 16.64
N GLU G 92 -1.36 26.92 16.17
CA GLU G 92 -1.67 26.17 14.95
C GLU G 92 -1.54 24.67 15.16
N SER G 93 -1.77 24.20 16.38
CA SER G 93 -1.74 22.77 16.65
C SER G 93 -2.94 22.09 16.00
N THR G 94 -2.80 20.79 15.68
CA THR G 94 -3.88 20.03 15.10
C THR G 94 -4.26 18.83 15.96
N ARG G 95 -3.52 18.63 17.05
CA ARG G 95 -3.81 17.58 18.03
C ARG G 95 -3.41 18.12 19.39
N PRO G 96 -3.98 17.56 20.48
CA PRO G 96 -3.55 18.00 21.81
C PRO G 96 -2.07 17.73 22.00
N VAL G 97 -1.39 18.61 22.72
CA VAL G 97 0.03 18.44 22.98
C VAL G 97 0.25 17.16 23.81
N GLN G 98 1.36 16.46 23.55
CA GLN G 98 1.71 15.32 24.38
C GLN G 98 2.93 15.69 25.21
N VAL G 99 2.78 15.63 26.52
CA VAL G 99 3.87 15.99 27.42
C VAL G 99 4.81 14.80 27.60
N LEU G 100 6.12 15.04 27.51
CA LEU G 100 7.08 13.94 27.46
C LEU G 100 7.97 13.89 28.68
N SER G 101 7.76 14.85 29.59
CA SER G 101 8.63 14.98 30.74
C SER G 101 7.78 15.21 31.97
N PRO G 102 8.38 15.04 33.17
CA PRO G 102 7.75 15.52 34.39
C PRO G 102 7.41 16.99 34.27
N GLN G 103 6.40 17.43 35.01
CA GLN G 103 6.05 18.84 35.04
C GLN G 103 6.35 19.38 36.42
N ILE G 104 7.58 19.81 36.58
CA ILE G 104 8.13 20.23 37.84
C ILE G 104 8.89 21.51 37.55
N ALA G 105 8.68 22.53 38.38
CA ALA G 105 9.33 23.82 38.18
C ALA G 105 10.40 24.05 39.23
N VAL G 106 11.31 24.96 38.93
CA VAL G 106 12.23 25.45 39.94
C VAL G 106 11.84 26.86 40.35
N VAL G 107 11.64 27.06 41.65
CA VAL G 107 11.29 28.36 42.20
C VAL G 107 12.46 28.90 43.00
N THR G 108 12.81 30.16 42.77
CA THR G 108 13.93 30.81 43.42
C THR G 108 13.41 31.86 44.40
N HIS G 109 14.20 32.18 45.43
CA HIS G 109 13.74 32.99 46.57
C HIS G 109 13.25 34.37 46.18
N ASP G 110 13.67 34.85 45.01
CA ASP G 110 13.23 36.17 44.53
C ASP G 110 11.87 36.09 43.85
N GLY G 111 11.26 34.91 43.89
CA GLY G 111 9.96 34.70 43.29
C GLY G 111 10.01 34.26 41.83
N SER G 112 11.22 34.13 41.29
CA SER G 112 11.35 33.70 39.88
C SER G 112 11.16 32.19 39.72
N VAL G 113 10.59 31.82 38.58
CA VAL G 113 10.27 30.43 38.29
C VAL G 113 10.87 30.05 36.94
N MET G 114 11.40 28.83 36.86
CA MET G 114 11.80 28.25 35.59
C MET G 114 11.08 26.91 35.41
N PHE G 115 10.52 26.70 34.22
CA PHE G 115 9.70 25.53 33.95
C PHE G 115 9.96 25.16 32.48
N ILE G 116 10.44 23.93 32.25
CA ILE G 116 10.81 23.49 30.89
C ILE G 116 10.23 22.13 30.55
N PRO G 117 8.96 22.09 30.17
CA PRO G 117 8.37 20.81 29.77
C PRO G 117 8.83 20.41 28.37
N ALA G 118 9.05 19.11 28.15
CA ALA G 118 9.27 18.57 26.81
C ALA G 118 7.91 18.16 26.24
N GLN G 119 7.71 18.45 24.95
CA GLN G 119 6.40 18.29 24.33
C GLN G 119 6.53 17.71 22.93
N ARG G 120 5.56 16.91 22.52
CA ARG G 120 5.37 16.61 21.10
C ARG G 120 4.09 17.27 20.61
N LEU G 121 4.17 17.92 19.46
CA LEU G 121 3.04 18.66 18.92
C LEU G 121 2.88 18.42 17.40
N SER G 122 1.65 18.17 16.97
CA SER G 122 1.33 18.18 15.53
C SER G 122 0.83 19.58 15.19
N PHE G 123 1.34 20.16 14.11
CA PHE G 123 0.87 21.49 13.74
C PHE G 123 0.70 21.66 12.24
N MET G 124 0.04 22.75 11.86
CA MET G 124 -0.27 23.00 10.46
C MET G 124 0.98 23.43 9.69
N CYS G 125 1.38 22.58 8.76
CA CYS G 125 2.60 22.79 8.00
C CYS G 125 2.55 21.96 6.71
N ASP G 126 2.71 22.60 5.56
CA ASP G 126 2.77 21.92 4.27
C ASP G 126 4.22 21.50 4.00
N PRO G 127 4.49 20.17 4.01
CA PRO G 127 5.86 19.67 3.85
C PRO G 127 6.30 19.47 2.41
N THR G 128 5.52 19.95 1.44
CA THR G 128 5.88 19.75 0.03
C THR G 128 7.22 20.40 -0.27
N GLY G 129 8.15 19.65 -0.85
CA GLY G 129 9.46 20.18 -1.18
C GLY G 129 10.52 19.87 -0.15
N VAL G 130 10.13 19.16 0.92
CA VAL G 130 11.07 18.84 1.99
C VAL G 130 12.22 17.95 1.50
N ASP G 131 11.98 17.14 0.47
CA ASP G 131 13.01 16.28 -0.13
C ASP G 131 13.87 16.98 -1.19
N SER G 132 14.16 18.27 -1.01
CA SER G 132 14.97 19.01 -1.96
C SER G 132 16.11 19.69 -1.20
N GLU G 133 17.03 20.30 -1.94
CA GLU G 133 18.12 21.03 -1.30
C GLU G 133 17.62 22.29 -0.58
N GLU G 134 16.60 22.93 -1.15
CA GLU G 134 16.06 24.17 -0.62
C GLU G 134 15.22 23.91 0.63
N GLY G 135 14.61 22.73 0.69
CA GLY G 135 13.83 22.35 1.84
C GLY G 135 12.52 23.10 1.91
N VAL G 136 11.97 23.19 3.12
CA VAL G 136 10.68 23.82 3.34
C VAL G 136 10.72 24.68 4.61
N THR G 137 9.85 25.69 4.67
CA THR G 137 9.73 26.51 5.87
C THR G 137 8.33 26.37 6.46
N CYS G 138 8.26 26.18 7.79
CA CYS G 138 6.99 26.30 8.49
C CYS G 138 7.11 27.20 9.72
N ALA G 139 5.98 27.75 10.14
CA ALA G 139 5.96 28.68 11.25
C ALA G 139 4.87 28.28 12.22
N LEU G 140 5.12 28.52 13.49
CA LEU G 140 4.23 28.15 14.56
C LEU G 140 4.30 29.28 15.58
N THR G 141 3.14 29.83 15.95
CA THR G 141 3.11 30.90 16.96
C THR G 141 2.67 30.39 18.32
N PHE G 142 3.30 30.90 19.37
CA PHE G 142 3.00 30.52 20.75
C PHE G 142 2.66 31.78 21.54
N GLY G 143 1.59 31.74 22.33
CA GLY G 143 1.23 32.88 23.16
C GLY G 143 0.09 32.55 24.08
N SER G 144 -0.22 33.46 24.99
CA SER G 144 -1.36 33.26 25.87
C SER G 144 -2.62 33.06 25.06
N TRP G 145 -3.47 32.14 25.50
CA TRP G 145 -4.75 31.94 24.85
C TRP G 145 -5.73 33.05 25.24
N VAL G 146 -5.69 33.49 26.49
CA VAL G 146 -6.76 34.34 27.01
C VAL G 146 -6.37 35.74 27.48
N TYR G 147 -5.07 35.98 27.62
CA TYR G 147 -4.59 37.26 28.13
C TYR G 147 -4.01 38.13 27.02
N SER G 148 -4.43 39.38 26.95
CA SER G 148 -3.84 40.30 25.98
C SER G 148 -2.49 40.80 26.48
N GLY G 149 -1.81 41.59 25.65
CA GLY G 149 -0.55 42.19 26.02
C GLY G 149 -0.63 43.12 27.23
N PHE G 150 -1.85 43.48 27.62
CA PHE G 150 -2.06 44.29 28.81
C PHE G 150 -1.88 43.47 30.10
N GLU G 151 -1.97 42.15 29.98
CA GLU G 151 -1.79 41.27 31.14
C GLU G 151 -0.54 40.40 31.05
N ILE G 152 -0.27 39.89 29.85
CA ILE G 152 0.90 39.06 29.61
C ILE G 152 1.72 39.59 28.44
N ASP G 153 2.96 39.97 28.74
CA ASP G 153 3.91 40.31 27.70
C ASP G 153 4.83 39.11 27.55
N LEU G 154 5.43 38.96 26.38
CA LEU G 154 6.37 37.86 26.12
C LEU G 154 7.72 38.42 25.74
N LYS G 155 8.76 37.64 25.98
CA LYS G 155 10.12 38.05 25.65
C LYS G 155 10.92 36.80 25.32
N THR G 156 11.92 36.95 24.44
CA THR G 156 12.88 35.87 24.22
C THR G 156 14.21 36.40 24.74
N ASP G 157 15.15 35.52 25.09
CA ASP G 157 16.49 35.97 25.47
C ASP G 157 17.40 36.01 24.26
N THR G 158 17.04 35.22 23.25
CA THR G 158 17.76 35.18 21.99
C THR G 158 16.75 34.85 20.91
N ASP G 159 17.06 35.19 19.67
CA ASP G 159 16.15 34.88 18.58
C ASP G 159 16.53 33.57 17.90
N GLN G 160 17.60 32.96 18.40
CA GLN G 160 18.04 31.68 17.89
C GLN G 160 17.42 30.56 18.71
N VAL G 161 16.69 29.67 18.03
CA VAL G 161 16.23 28.43 18.68
C VAL G 161 17.46 27.61 19.05
N ASP G 162 17.41 27.00 20.23
CA ASP G 162 18.47 26.13 20.69
C ASP G 162 18.45 24.80 19.93
N LEU G 163 19.53 24.52 19.20
CA LEU G 163 19.63 23.29 18.41
C LEU G 163 20.74 22.38 18.91
N SER G 164 21.27 22.69 20.09
CA SER G 164 22.39 21.93 20.64
C SER G 164 22.00 20.51 21.06
N SER G 165 20.70 20.26 21.16
CA SER G 165 20.21 18.93 21.49
C SER G 165 19.44 18.27 20.34
N TYR G 166 19.49 18.86 19.14
CA TYR G 166 18.75 18.30 18.01
C TYR G 166 19.30 16.92 17.64
N TYR G 167 18.40 15.98 17.39
CA TYR G 167 18.73 14.59 17.11
C TYR G 167 19.52 14.45 15.80
N ALA G 168 20.79 14.09 15.92
CA ALA G 168 21.69 14.10 14.78
C ALA G 168 21.26 13.15 13.67
N SER G 169 20.51 12.11 14.02
CA SER G 169 20.10 11.15 13.00
C SER G 169 18.62 11.23 12.67
N SER G 170 18.01 12.38 12.94
CA SER G 170 16.64 12.68 12.53
C SER G 170 16.46 12.42 11.04
N LYS G 171 15.23 12.16 10.62
CA LYS G 171 14.93 12.08 9.19
C LYS G 171 15.10 13.46 8.54
N TYR G 172 15.06 14.52 9.36
CA TYR G 172 15.10 15.88 8.86
C TYR G 172 16.23 16.68 9.48
N GLU G 173 16.96 17.43 8.64
CA GLU G 173 17.96 18.35 9.15
C GLU G 173 17.47 19.78 9.16
N ILE G 174 17.86 20.51 10.20
CA ILE G 174 17.43 21.90 10.36
C ILE G 174 18.35 22.81 9.58
N LEU G 175 17.76 23.66 8.74
CA LEU G 175 18.55 24.63 7.99
C LEU G 175 18.63 25.93 8.78
N SER G 176 17.55 26.26 9.46
CA SER G 176 17.51 27.38 10.38
C SER G 176 16.25 27.31 11.24
N ALA G 177 16.32 27.95 12.41
CA ALA G 177 15.21 27.95 13.35
C ALA G 177 15.31 29.20 14.21
N THR G 178 14.31 30.06 14.10
CA THR G 178 14.31 31.32 14.83
C THR G 178 13.07 31.46 15.70
N GLN G 179 13.17 32.31 16.71
CA GLN G 179 12.06 32.53 17.62
C GLN G 179 11.94 34.02 17.88
N THR G 180 10.82 34.62 17.45
CA THR G 180 10.71 36.07 17.39
C THR G 180 9.40 36.55 17.96
N ARG G 181 9.50 37.51 18.87
CA ARG G 181 8.33 38.14 19.48
C ARG G 181 7.57 38.95 18.43
N GLN G 182 6.25 38.78 18.40
CA GLN G 182 5.38 39.49 17.48
C GLN G 182 4.09 39.95 18.16
N VAL G 183 3.31 40.74 17.43
CA VAL G 183 2.01 41.22 17.90
C VAL G 183 0.90 40.74 16.98
N GLN G 184 -0.17 40.17 17.54
CA GLN G 184 -1.29 39.70 16.74
C GLN G 184 -2.66 40.14 17.26
N HIS G 185 -3.64 40.17 16.36
CA HIS G 185 -5.02 40.44 16.71
C HIS G 185 -5.90 39.27 16.22
N TYR G 186 -6.90 38.91 17.03
CA TYR G 186 -7.83 37.85 16.65
C TYR G 186 -9.22 38.45 16.49
N SER G 187 -10.06 37.81 15.67
CA SER G 187 -11.40 38.32 15.36
C SER G 187 -12.23 38.64 16.59
N CYS G 188 -12.09 37.83 17.63
CA CYS G 188 -12.92 37.95 18.82
C CYS G 188 -12.76 39.26 19.59
N CYS G 189 -11.57 39.86 19.54
CA CYS G 189 -11.20 40.92 20.46
C CYS G 189 -10.35 42.02 19.81
N PRO G 190 -10.49 43.27 20.29
CA PRO G 190 -9.77 44.43 19.75
C PRO G 190 -8.37 44.63 20.32
N GLU G 191 -8.08 44.06 21.49
CA GLU G 191 -6.79 44.28 22.16
C GLU G 191 -5.64 43.49 21.51
N PRO G 192 -4.43 44.09 21.48
CA PRO G 192 -3.23 43.40 20.98
C PRO G 192 -2.86 42.18 21.84
N TYR G 193 -2.62 41.03 21.22
CA TYR G 193 -2.07 39.87 21.93
C TYR G 193 -0.62 39.66 21.50
N ILE G 194 0.23 39.19 22.41
CA ILE G 194 1.64 38.99 22.08
C ILE G 194 1.90 37.52 21.75
N ASP G 195 2.78 37.26 20.79
CA ASP G 195 3.19 35.90 20.51
C ASP G 195 4.69 35.77 20.25
N VAL G 196 5.16 34.53 20.27
CA VAL G 196 6.50 34.22 19.78
C VAL G 196 6.36 33.33 18.55
N ASN G 197 6.94 33.81 17.45
CA ASN G 197 6.86 33.14 16.17
C ASN G 197 8.05 32.21 15.97
N LEU G 198 7.79 30.91 16.00
CA LEU G 198 8.81 29.89 15.79
C LEU G 198 8.86 29.57 14.30
N VAL G 199 9.96 29.89 13.64
CA VAL G 199 10.08 29.64 12.20
C VAL G 199 11.22 28.66 11.93
N VAL G 200 10.87 27.50 11.36
CA VAL G 200 11.84 26.44 11.15
C VAL G 200 11.92 26.10 9.66
N LYS G 201 13.13 26.18 9.12
CA LYS G 201 13.36 25.75 7.75
C LYS G 201 14.14 24.44 7.81
N PHE G 202 13.66 23.43 7.09
CA PHE G 202 14.22 22.08 7.18
C PHE G 202 14.07 21.28 5.88
N ARG G 203 14.84 20.19 5.78
CA ARG G 203 14.78 19.32 4.61
C ARG G 203 15.13 17.90 5.05
N GLU G 204 14.86 16.92 4.19
CA GLU G 204 15.22 15.55 4.48
C GLU G 204 16.73 15.44 4.61
N ARG G 205 17.19 14.79 5.67
CA ARG G 205 18.62 14.67 5.93
C ARG G 205 19.20 13.62 5.00
N ARG G 206 20.31 13.96 4.36
CA ARG G 206 20.93 13.08 3.39
C ARG G 206 22.44 13.02 3.57
N ALA G 207 22.92 13.44 4.73
CA ALA G 207 24.34 13.41 5.06
C ALA G 207 24.56 13.26 6.57
N GLY G 208 25.13 12.13 6.97
CA GLY G 208 25.38 11.86 8.37
C GLY G 208 25.32 10.36 8.68
N ASN G 209 24.79 10.02 9.86
CA ASN G 209 24.62 8.62 10.24
C ASN G 209 23.59 7.92 9.37
N GLY G 210 23.90 6.69 8.96
CA GLY G 210 23.05 5.97 8.02
C GLY G 210 23.46 6.26 6.59
N PHE G 211 24.32 7.27 6.43
CA PHE G 211 24.78 7.69 5.11
C PHE G 211 26.30 7.49 4.97
N PHE G 212 26.72 7.12 3.77
CA PHE G 212 28.13 6.80 3.50
C PHE G 212 28.51 7.11 2.06
N GLN H 1 -3.97 42.39 42.61
CA GLN H 1 -4.28 40.98 42.77
C GLN H 1 -5.13 40.74 44.01
N ALA H 2 -4.98 41.61 45.02
CA ALA H 2 -5.75 41.46 46.25
C ALA H 2 -7.24 41.58 45.99
N ASN H 3 -7.63 42.58 45.21
CA ASN H 3 -9.04 42.79 44.88
C ASN H 3 -9.63 41.64 44.06
N LEU H 4 -8.86 41.13 43.09
CA LEU H 4 -9.30 40.01 42.27
C LEU H 4 -9.54 38.76 43.12
N MET H 5 -8.62 38.50 44.04
CA MET H 5 -8.74 37.33 44.93
C MET H 5 -10.02 37.41 45.76
N ARG H 6 -10.34 38.62 46.23
CA ARG H 6 -11.55 38.86 47.00
C ARG H 6 -12.77 38.58 46.14
N LEU H 7 -12.73 39.07 44.92
CA LEU H 7 -13.82 38.93 43.98
C LEU H 7 -14.12 37.46 43.69
N LYS H 8 -13.07 36.70 43.40
CA LYS H 8 -13.25 35.31 43.03
C LYS H 8 -13.78 34.52 44.22
N SER H 9 -13.25 34.82 45.40
CA SER H 9 -13.72 34.18 46.62
C SER H 9 -15.21 34.46 46.86
N ASP H 10 -15.59 35.74 46.78
CA ASP H 10 -16.99 36.11 46.94
C ASP H 10 -17.89 35.45 45.90
N LEU H 11 -17.40 35.34 44.67
CA LEU H 11 -18.19 34.72 43.60
C LEU H 11 -18.31 33.21 43.71
N PHE H 12 -17.21 32.55 44.08
CA PHE H 12 -17.12 31.09 43.96
C PHE H 12 -17.17 30.30 45.27
N ASN H 13 -17.08 30.97 46.42
CA ASN H 13 -17.00 30.23 47.68
C ASN H 13 -18.29 30.14 48.49
N ARG H 14 -19.12 31.17 48.41
CA ARG H 14 -20.22 31.32 49.36
C ARG H 14 -21.63 31.10 48.81
N SER H 15 -21.74 30.34 47.72
CA SER H 15 -23.06 30.05 47.16
C SER H 15 -22.99 28.80 46.28
N PRO H 16 -24.11 28.09 46.12
CA PRO H 16 -24.14 26.93 45.22
C PRO H 16 -24.02 27.39 43.77
N MET H 17 -23.51 26.53 42.90
CA MET H 17 -23.41 26.92 41.51
C MET H 17 -24.79 26.97 40.86
N TYR H 18 -24.88 27.79 39.83
CA TYR H 18 -26.03 27.87 38.95
C TYR H 18 -26.34 26.45 38.49
N PRO H 19 -27.60 26.03 38.65
CA PRO H 19 -28.02 24.66 38.33
C PRO H 19 -28.41 24.52 36.87
N GLY H 20 -28.00 25.49 36.05
CA GLY H 20 -28.39 25.49 34.66
C GLY H 20 -29.74 26.14 34.48
N PRO H 21 -30.13 26.39 33.23
CA PRO H 21 -31.38 27.10 32.94
C PRO H 21 -32.62 26.24 33.16
N THR H 22 -33.78 26.88 33.19
CA THR H 22 -35.05 26.21 33.36
C THR H 22 -36.10 26.88 32.48
N LYS H 23 -37.28 26.30 32.41
CA LYS H 23 -38.38 26.85 31.62
C LYS H 23 -38.70 28.28 32.09
N ASP H 24 -38.64 28.49 33.41
CA ASP H 24 -38.95 29.79 34.00
C ASP H 24 -37.83 30.79 33.84
N ASP H 25 -36.60 30.30 33.77
CA ASP H 25 -35.43 31.17 33.61
C ASP H 25 -34.52 30.64 32.51
N PRO H 26 -34.94 30.82 31.24
CA PRO H 26 -34.19 30.27 30.12
C PRO H 26 -32.93 31.10 29.87
N LEU H 27 -32.03 30.54 29.08
CA LEU H 27 -30.77 31.20 28.79
C LEU H 27 -30.54 31.21 27.30
N THR H 28 -30.05 32.32 26.77
CA THR H 28 -29.63 32.35 25.37
C THR H 28 -28.10 32.30 25.23
N VAL H 29 -27.61 31.32 24.48
CA VAL H 29 -26.19 31.23 24.19
C VAL H 29 -25.88 31.72 22.77
N THR H 30 -24.94 32.65 22.64
CA THR H 30 -24.52 33.10 21.33
C THR H 30 -23.34 32.26 20.88
N LEU H 31 -23.40 31.73 19.66
CA LEU H 31 -22.34 30.91 19.08
C LEU H 31 -21.74 31.59 17.84
N GLY H 32 -20.44 31.40 17.65
CA GLY H 32 -19.75 31.86 16.47
C GLY H 32 -18.52 31.02 16.23
N PHE H 33 -18.31 30.59 15.00
CA PHE H 33 -17.15 29.75 14.69
C PHE H 33 -16.06 30.47 13.90
N THR H 34 -14.81 30.14 14.22
CA THR H 34 -13.64 30.54 13.47
C THR H 34 -13.05 29.23 12.93
N LEU H 35 -13.18 28.98 11.63
CA LEU H 35 -12.65 27.75 11.05
C LEU H 35 -11.18 27.93 10.72
N GLN H 36 -10.33 27.11 11.29
CA GLN H 36 -8.89 27.29 11.13
C GLN H 36 -8.27 26.35 10.11
N ASP H 37 -8.81 25.14 9.99
CA ASP H 37 -8.23 24.14 9.09
C ASP H 37 -9.17 22.98 8.86
N ILE H 38 -9.29 22.55 7.61
CA ILE H 38 -9.81 21.23 7.31
C ILE H 38 -8.59 20.35 7.16
N VAL H 39 -8.37 19.50 8.15
CA VAL H 39 -7.11 18.77 8.25
C VAL H 39 -7.10 17.53 7.37
N LYS H 40 -8.20 16.78 7.39
CA LYS H 40 -8.19 15.47 6.78
C LYS H 40 -9.58 15.11 6.24
N VAL H 41 -9.61 14.42 5.11
CA VAL H 41 -10.83 13.72 4.72
C VAL H 41 -10.54 12.23 4.63
N ASP H 42 -11.55 11.43 4.94
CA ASP H 42 -11.43 9.98 4.82
C ASP H 42 -12.56 9.48 3.95
N SER H 43 -12.26 9.11 2.71
CA SER H 43 -13.32 8.70 1.80
C SER H 43 -13.72 7.24 2.03
N SER H 44 -12.96 6.51 2.82
CA SER H 44 -13.36 5.13 3.08
C SER H 44 -14.35 5.04 4.25
N THR H 45 -14.49 6.12 5.02
CA THR H 45 -15.39 6.11 6.16
C THR H 45 -16.37 7.29 6.16
N ASN H 46 -16.23 8.18 5.17
CA ASN H 46 -16.96 9.44 5.14
C ASN H 46 -16.91 10.19 6.47
N GLU H 47 -15.67 10.44 6.92
CA GLU H 47 -15.39 11.32 8.03
C GLU H 47 -14.47 12.44 7.56
N VAL H 48 -14.69 13.64 8.07
CA VAL H 48 -13.82 14.78 7.79
C VAL H 48 -13.41 15.40 9.12
N ASP H 49 -12.16 15.86 9.20
CA ASP H 49 -11.61 16.42 10.43
C ASP H 49 -11.43 17.92 10.35
N LEU H 50 -12.01 18.65 11.30
CA LEU H 50 -11.94 20.12 11.33
C LEU H 50 -11.20 20.60 12.56
N VAL H 51 -10.48 21.72 12.40
CA VAL H 51 -9.95 22.45 13.55
C VAL H 51 -10.62 23.83 13.53
N TYR H 52 -11.26 24.18 14.66
CA TYR H 52 -11.98 25.44 14.75
C TYR H 52 -11.93 25.98 16.16
N TRP H 53 -12.27 27.25 16.32
CA TRP H 53 -12.48 27.85 17.63
C TRP H 53 -13.97 28.12 17.74
N GLU H 54 -14.57 27.72 18.85
CA GLU H 54 -15.99 27.90 19.06
C GLU H 54 -16.24 28.97 20.12
N GLN H 55 -16.57 30.18 19.68
CA GLN H 55 -16.87 31.27 20.60
C GLN H 55 -18.26 31.08 21.18
N GLN H 56 -18.35 31.03 22.51
CA GLN H 56 -19.60 30.87 23.23
C GLN H 56 -19.80 32.08 24.13
N ARG H 57 -21.00 32.64 24.11
CA ARG H 57 -21.31 33.77 24.98
C ARG H 57 -22.66 33.57 25.68
N TRP H 58 -22.69 33.89 26.96
CA TRP H 58 -23.94 33.89 27.71
C TRP H 58 -23.80 34.81 28.92
N LYS H 59 -24.89 34.99 29.65
CA LYS H 59 -24.85 35.88 30.80
C LYS H 59 -25.66 35.31 31.96
N LEU H 60 -25.11 35.39 33.16
CA LEU H 60 -25.77 34.92 34.38
C LEU H 60 -25.81 36.03 35.41
N ASN H 61 -26.98 36.24 36.01
CA ASN H 61 -27.11 37.18 37.10
C ASN H 61 -26.17 36.84 38.26
N SER H 62 -25.95 35.56 38.47
CA SER H 62 -25.16 35.12 39.62
C SER H 62 -23.68 35.48 39.45
N LEU H 63 -23.29 35.84 38.23
CA LEU H 63 -21.90 36.23 38.00
C LEU H 63 -21.68 37.75 38.03
N MET H 64 -22.69 38.51 38.46
CA MET H 64 -22.60 39.97 38.51
C MET H 64 -21.86 40.49 39.75
N TRP H 65 -21.18 41.61 39.60
CA TRP H 65 -20.62 42.31 40.76
C TRP H 65 -20.50 43.80 40.44
N ASP H 66 -20.36 44.60 41.48
CA ASP H 66 -20.17 46.03 41.35
C ASP H 66 -18.67 46.27 41.39
N PRO H 67 -18.10 46.77 40.28
CA PRO H 67 -16.65 47.04 40.18
C PRO H 67 -16.16 47.97 41.29
N ASN H 68 -17.01 48.88 41.75
CA ASN H 68 -16.63 49.79 42.81
C ASN H 68 -16.25 49.09 44.10
N GLU H 69 -16.83 47.92 44.34
CA GLU H 69 -16.55 47.16 45.55
C GLU H 69 -15.30 46.32 45.39
N TYR H 70 -14.78 46.24 44.17
CA TYR H 70 -13.63 45.37 43.91
C TYR H 70 -12.49 46.07 43.17
N GLY H 71 -12.11 47.24 43.67
CA GLY H 71 -11.03 48.01 43.10
C GLY H 71 -11.20 48.31 41.62
N ASN H 72 -12.44 48.51 41.19
CA ASN H 72 -12.76 48.87 39.80
C ASN H 72 -12.49 47.74 38.78
N ILE H 73 -12.38 46.51 39.27
CA ILE H 73 -12.25 45.37 38.34
C ILE H 73 -13.54 45.22 37.54
N THR H 74 -13.42 45.13 36.23
CA THR H 74 -14.60 45.04 35.37
C THR H 74 -14.71 43.71 34.64
N ASP H 75 -13.63 42.94 34.63
CA ASP H 75 -13.67 41.56 34.14
C ASP H 75 -12.49 40.78 34.65
N PHE H 76 -12.53 39.46 34.50
CA PHE H 76 -11.41 38.61 34.91
C PHE H 76 -11.38 37.30 34.14
N ARG H 77 -10.19 36.72 34.06
CA ARG H 77 -10.03 35.40 33.46
C ARG H 77 -10.13 34.38 34.56
N THR H 78 -10.77 33.26 34.27
CA THR H 78 -10.81 32.18 35.24
C THR H 78 -11.02 30.84 34.56
N SER H 79 -10.56 29.78 35.22
CA SER H 79 -10.73 28.46 34.66
C SER H 79 -12.20 28.18 34.39
N ALA H 80 -12.49 27.60 33.23
CA ALA H 80 -13.85 27.29 32.85
C ALA H 80 -14.50 26.31 33.83
N ALA H 81 -13.68 25.60 34.59
CA ALA H 81 -14.21 24.65 35.56
C ALA H 81 -14.80 25.37 36.77
N ASP H 82 -14.47 26.65 36.94
CA ASP H 82 -14.98 27.43 38.05
C ASP H 82 -16.42 27.86 37.84
N ILE H 83 -16.92 27.72 36.62
CA ILE H 83 -18.22 28.28 36.26
C ILE H 83 -19.10 27.28 35.50
N TRP H 84 -20.40 27.51 35.52
CA TRP H 84 -21.31 26.76 34.68
C TRP H 84 -20.98 27.05 33.21
N THR H 85 -20.94 26.02 32.38
CA THR H 85 -20.80 26.20 30.93
C THR H 85 -21.88 25.37 30.22
N PRO H 86 -22.36 25.85 29.06
CA PRO H 86 -23.43 25.20 28.29
C PRO H 86 -22.97 23.93 27.59
N ASP H 87 -23.87 22.93 27.54
CA ASP H 87 -23.55 21.64 26.95
C ASP H 87 -23.68 21.64 25.42
N ILE H 88 -23.14 22.67 24.77
CA ILE H 88 -23.20 22.75 23.31
C ILE H 88 -22.40 21.61 22.70
N THR H 89 -23.06 20.82 21.87
CA THR H 89 -22.50 19.57 21.39
C THR H 89 -22.62 19.48 19.88
N ALA H 90 -21.59 18.98 19.20
CA ALA H 90 -21.73 18.64 17.79
C ALA H 90 -22.55 17.37 17.65
N TYR H 91 -23.62 17.40 16.86
CA TYR H 91 -24.53 16.27 16.79
C TYR H 91 -24.11 15.13 15.86
N GLU H 92 -23.10 15.37 15.02
CA GLU H 92 -22.68 14.37 14.06
C GLU H 92 -21.18 14.05 14.12
N SER H 93 -20.58 14.22 15.30
CA SER H 93 -19.20 13.80 15.52
C SER H 93 -19.09 12.28 15.44
N THR H 94 -17.89 11.79 15.16
CA THR H 94 -17.63 10.35 15.12
C THR H 94 -16.50 9.95 16.05
N ARG H 95 -15.91 10.93 16.74
CA ARG H 95 -14.88 10.69 17.75
C ARG H 95 -15.05 11.74 18.82
N PRO H 96 -14.58 11.47 20.05
CA PRO H 96 -14.63 12.53 21.07
C PRO H 96 -13.86 13.77 20.60
N VAL H 97 -14.40 14.94 20.91
CA VAL H 97 -13.71 16.17 20.55
C VAL H 97 -12.34 16.22 21.24
N GLN H 98 -11.35 16.77 20.53
CA GLN H 98 -10.04 17.03 21.12
C GLN H 98 -9.88 18.52 21.35
N VAL H 99 -9.66 18.92 22.60
CA VAL H 99 -9.47 20.31 22.94
C VAL H 99 -8.02 20.71 22.73
N LEU H 100 -7.79 21.84 22.05
CA LEU H 100 -6.44 22.21 21.63
C LEU H 100 -5.94 23.45 22.38
N SER H 101 -6.75 23.96 23.29
CA SER H 101 -6.44 25.21 23.97
C SER H 101 -6.74 25.03 25.44
N PRO H 102 -6.23 25.95 26.28
CA PRO H 102 -6.66 26.01 27.68
C PRO H 102 -8.15 26.32 27.71
N GLN H 103 -8.81 25.92 28.79
CA GLN H 103 -10.22 26.19 28.94
C GLN H 103 -10.39 27.21 30.07
N ILE H 104 -10.33 28.46 29.67
CA ILE H 104 -10.36 29.59 30.59
C ILE H 104 -11.36 30.53 29.95
N ALA H 105 -12.26 31.06 30.76
CA ALA H 105 -13.23 32.02 30.26
C ALA H 105 -12.96 33.41 30.80
N VAL H 106 -13.55 34.41 30.15
CA VAL H 106 -13.54 35.77 30.66
C VAL H 106 -14.95 36.10 31.15
N VAL H 107 -15.04 36.55 32.39
CA VAL H 107 -16.31 36.93 32.99
C VAL H 107 -16.27 38.42 33.19
N THR H 108 -17.36 39.10 32.86
CA THR H 108 -17.45 40.56 32.97
C THR H 108 -18.47 40.93 34.05
N HIS H 109 -18.29 42.10 34.67
CA HIS H 109 -19.07 42.49 35.86
C HIS H 109 -20.59 42.46 35.69
N ASP H 110 -21.06 42.46 34.44
CA ASP H 110 -22.50 42.42 34.20
C ASP H 110 -22.98 40.97 34.15
N GLY H 111 -22.09 40.04 34.45
CA GLY H 111 -22.43 38.62 34.48
C GLY H 111 -22.21 37.93 33.14
N SER H 112 -21.80 38.68 32.12
CA SER H 112 -21.58 38.03 30.82
C SER H 112 -20.27 37.24 30.79
N VAL H 113 -20.26 36.18 29.98
CA VAL H 113 -19.14 35.27 29.89
C VAL H 113 -18.78 35.08 28.42
N MET H 114 -17.48 35.10 28.12
CA MET H 114 -16.99 34.71 26.79
C MET H 114 -16.02 33.55 26.96
N PHE H 115 -16.23 32.49 26.19
CA PHE H 115 -15.45 31.27 26.31
C PHE H 115 -15.19 30.76 24.89
N ILE H 116 -13.92 30.61 24.52
CA ILE H 116 -13.58 30.24 23.15
C ILE H 116 -12.55 29.08 23.09
N PRO H 117 -13.03 27.85 23.26
CA PRO H 117 -12.11 26.70 23.16
C PRO H 117 -11.76 26.37 21.71
N ALA H 118 -10.51 25.99 21.45
CA ALA H 118 -10.12 25.47 20.14
C ALA H 118 -10.31 23.97 20.18
N GLN H 119 -10.82 23.40 19.09
CA GLN H 119 -11.18 22.00 19.07
C GLN H 119 -10.83 21.32 17.76
N ARG H 120 -10.43 20.05 17.81
CA ARG H 120 -10.38 19.22 16.61
C ARG H 120 -11.52 18.22 16.67
N LEU H 121 -12.27 18.10 15.57
CA LEU H 121 -13.45 17.25 15.55
C LEU H 121 -13.53 16.43 14.27
N SER H 122 -13.74 15.12 14.40
CA SER H 122 -14.11 14.28 13.26
C SER H 122 -15.63 14.24 13.17
N PHE H 123 -16.18 14.44 11.98
CA PHE H 123 -17.62 14.39 11.82
C PHE H 123 -18.05 13.74 10.52
N MET H 124 -19.35 13.47 10.41
CA MET H 124 -19.89 12.73 9.28
C MET H 124 -19.97 13.59 8.04
N CYS H 125 -19.22 13.19 7.03
CA CYS H 125 -19.10 14.01 5.83
C CYS H 125 -18.56 13.15 4.69
N ASP H 126 -19.32 13.09 3.60
CA ASP H 126 -18.93 12.41 2.38
C ASP H 126 -18.13 13.38 1.50
N PRO H 127 -16.82 13.15 1.38
CA PRO H 127 -15.90 14.06 0.67
C PRO H 127 -15.80 13.76 -0.82
N THR H 128 -16.60 12.83 -1.33
CA THR H 128 -16.54 12.50 -2.77
C THR H 128 -16.68 13.76 -3.63
N GLY H 129 -15.70 13.98 -4.50
CA GLY H 129 -15.72 15.15 -5.38
C GLY H 129 -14.97 16.35 -4.86
N VAL H 130 -14.25 16.16 -3.75
CA VAL H 130 -13.48 17.25 -3.15
C VAL H 130 -12.36 17.72 -4.08
N ASP H 131 -11.87 16.81 -4.93
CA ASP H 131 -10.82 17.18 -5.88
C ASP H 131 -11.41 17.65 -7.22
N SER H 132 -12.46 18.46 -7.16
CA SER H 132 -13.01 19.05 -8.37
C SER H 132 -13.10 20.56 -8.15
N GLU H 133 -13.42 21.30 -9.20
CA GLU H 133 -13.53 22.75 -9.08
C GLU H 133 -14.69 23.19 -8.16
N GLU H 134 -15.76 22.41 -8.16
CA GLU H 134 -16.96 22.78 -7.38
C GLU H 134 -16.90 22.23 -5.98
N GLY H 135 -15.99 21.28 -5.75
CA GLY H 135 -15.74 20.76 -4.42
C GLY H 135 -16.93 20.06 -3.80
N VAL H 136 -17.00 20.07 -2.47
CA VAL H 136 -18.05 19.35 -1.78
C VAL H 136 -18.65 20.22 -0.69
N THR H 137 -19.90 19.94 -0.31
CA THR H 137 -20.55 20.61 0.81
C THR H 137 -20.80 19.61 1.94
N CYS H 138 -20.45 20.00 3.15
CA CYS H 138 -20.83 19.20 4.31
C CYS H 138 -21.44 20.07 5.38
N ALA H 139 -22.21 19.46 6.26
CA ALA H 139 -22.93 20.20 7.27
C ALA H 139 -22.79 19.50 8.60
N LEU H 140 -22.79 20.30 9.66
CA LEU H 140 -22.60 19.81 11.02
C LEU H 140 -23.45 20.70 11.93
N THR H 141 -24.33 20.10 12.74
CA THR H 141 -25.13 20.88 13.69
C THR H 141 -24.57 20.88 15.11
N PHE H 142 -24.73 22.02 15.79
CA PHE H 142 -24.30 22.19 17.17
C PHE H 142 -25.51 22.65 17.98
N GLY H 143 -25.68 22.10 19.18
CA GLY H 143 -26.77 22.54 20.02
C GLY H 143 -26.66 21.90 21.38
N SER H 144 -27.51 22.30 22.32
CA SER H 144 -27.54 21.65 23.62
C SER H 144 -27.87 20.18 23.42
N TRP H 145 -27.21 19.30 24.15
CA TRP H 145 -27.54 17.87 24.09
C TRP H 145 -28.83 17.61 24.85
N VAL H 146 -29.04 18.29 25.97
CA VAL H 146 -30.13 17.88 26.86
C VAL H 146 -31.22 18.94 27.12
N TYR H 147 -30.99 20.18 26.74
CA TYR H 147 -32.00 21.23 26.99
C TYR H 147 -32.75 21.57 25.71
N SER H 148 -34.08 21.58 25.79
CA SER H 148 -34.87 22.03 24.65
C SER H 148 -34.81 23.54 24.50
N GLY H 149 -35.51 24.07 23.51
CA GLY H 149 -35.59 25.51 23.28
C GLY H 149 -36.31 26.22 24.41
N PHE H 150 -37.02 25.47 25.23
CA PHE H 150 -37.67 26.06 26.40
C PHE H 150 -36.66 26.48 27.48
N GLU H 151 -35.45 25.93 27.42
CA GLU H 151 -34.42 26.22 28.42
C GLU H 151 -33.17 26.90 27.84
N ILE H 152 -32.77 26.49 26.65
CA ILE H 152 -31.63 27.12 25.97
C ILE H 152 -31.99 27.51 24.55
N ASP H 153 -31.95 28.81 24.29
CA ASP H 153 -32.08 29.28 22.92
C ASP H 153 -30.66 29.57 22.41
N LEU H 154 -30.48 29.57 21.09
CA LEU H 154 -29.18 29.89 20.51
C LEU H 154 -29.32 31.07 19.59
N LYS H 155 -28.23 31.82 19.42
CA LYS H 155 -28.18 32.84 18.38
C LYS H 155 -26.77 32.97 17.85
N THR H 156 -26.66 33.58 16.66
CA THR H 156 -25.38 33.95 16.12
C THR H 156 -25.42 35.47 15.93
N ASP H 157 -24.25 36.09 15.91
CA ASP H 157 -24.16 37.52 15.57
C ASP H 157 -24.08 37.72 14.07
N THR H 158 -23.59 36.71 13.36
CA THR H 158 -23.53 36.75 11.90
C THR H 158 -23.69 35.31 11.42
N ASP H 159 -24.24 35.09 10.25
CA ASP H 159 -24.30 33.73 9.74
C ASP H 159 -23.08 33.40 8.88
N GLN H 160 -22.09 34.29 8.89
CA GLN H 160 -20.87 34.11 8.11
C GLN H 160 -19.76 33.66 9.04
N VAL H 161 -19.33 32.41 8.89
CA VAL H 161 -18.24 31.85 9.68
C VAL H 161 -16.98 32.70 9.48
N ASP H 162 -16.24 32.93 10.55
CA ASP H 162 -14.99 33.69 10.48
C ASP H 162 -13.88 32.85 9.80
N LEU H 163 -13.47 33.30 8.61
CA LEU H 163 -12.44 32.58 7.84
C LEU H 163 -11.13 33.36 7.77
N SER H 164 -11.03 34.43 8.56
CA SER H 164 -9.86 35.31 8.50
C SER H 164 -8.61 34.66 9.08
N SER H 165 -8.75 33.51 9.71
CA SER H 165 -7.60 32.79 10.28
C SER H 165 -7.40 31.41 9.61
N TYR H 166 -8.08 31.16 8.50
CA TYR H 166 -7.99 29.83 7.87
C TYR H 166 -6.57 29.59 7.33
N TYR H 167 -6.00 28.43 7.66
CA TYR H 167 -4.65 28.09 7.24
C TYR H 167 -4.50 28.12 5.71
N ALA H 168 -3.67 29.03 5.23
CA ALA H 168 -3.58 29.30 3.80
C ALA H 168 -2.96 28.15 3.02
N SER H 169 -2.15 27.34 3.69
CA SER H 169 -1.52 26.19 3.01
C SER H 169 -2.18 24.85 3.35
N SER H 170 -3.42 24.89 3.85
CA SER H 170 -4.19 23.67 4.11
C SER H 170 -4.26 22.84 2.84
N LYS H 171 -4.39 21.52 2.99
CA LYS H 171 -4.68 20.65 1.85
C LYS H 171 -6.01 21.06 1.20
N TYR H 172 -6.89 21.68 1.98
CA TYR H 172 -8.21 22.04 1.46
C TYR H 172 -8.45 23.56 1.53
N GLU H 173 -8.93 24.12 0.43
CA GLU H 173 -9.28 25.54 0.47
C GLU H 173 -10.76 25.70 0.73
N ILE H 174 -11.08 26.65 1.60
CA ILE H 174 -12.47 26.90 1.95
C ILE H 174 -13.12 27.79 0.89
N LEU H 175 -14.29 27.38 0.42
CA LEU H 175 -15.04 28.21 -0.51
C LEU H 175 -16.02 29.09 0.24
N SER H 176 -16.89 28.48 1.04
CA SER H 176 -17.78 29.23 1.93
C SER H 176 -18.05 28.44 3.21
N ALA H 177 -18.48 29.15 4.24
CA ALA H 177 -18.82 28.53 5.51
C ALA H 177 -19.82 29.42 6.22
N THR H 178 -20.98 28.86 6.51
CA THR H 178 -22.05 29.62 7.15
C THR H 178 -22.47 28.94 8.46
N GLN H 179 -23.03 29.73 9.36
CA GLN H 179 -23.51 29.25 10.66
C GLN H 179 -24.91 29.80 10.89
N THR H 180 -25.92 28.92 10.86
CA THR H 180 -27.31 29.38 10.83
C THR H 180 -28.18 28.72 11.89
N ARG H 181 -28.86 29.54 12.67
CA ARG H 181 -29.78 29.05 13.69
C ARG H 181 -30.92 28.26 13.06
N GLN H 182 -31.17 27.07 13.59
CA GLN H 182 -32.30 26.26 13.14
C GLN H 182 -33.04 25.62 14.29
N VAL H 183 -34.22 25.09 13.98
CA VAL H 183 -35.03 24.35 14.93
C VAL H 183 -35.02 22.84 14.60
N GLN H 184 -34.82 22.01 15.62
CA GLN H 184 -34.73 20.57 15.41
C GLN H 184 -35.61 19.77 16.37
N HIS H 185 -36.07 18.60 15.90
CA HIS H 185 -36.79 17.64 16.73
C HIS H 185 -36.09 16.28 16.63
N TYR H 186 -36.03 15.57 17.76
CA TYR H 186 -35.46 14.23 17.81
C TYR H 186 -36.51 13.24 18.29
N SER H 187 -36.41 11.99 17.86
CA SER H 187 -37.43 10.98 18.13
C SER H 187 -37.70 10.76 19.61
N CYS H 188 -36.71 11.06 20.46
CA CYS H 188 -36.81 10.84 21.90
C CYS H 188 -37.83 11.76 22.59
N CYS H 189 -38.01 12.97 22.05
CA CYS H 189 -38.69 14.07 22.76
C CYS H 189 -39.61 14.90 21.85
N PRO H 190 -40.75 15.35 22.39
CA PRO H 190 -41.70 16.16 21.61
C PRO H 190 -41.22 17.59 21.35
N GLU H 191 -40.45 18.16 22.28
CA GLU H 191 -40.12 19.58 22.28
C GLU H 191 -39.09 19.99 21.21
N PRO H 192 -39.19 21.23 20.71
CA PRO H 192 -38.24 21.82 19.75
C PRO H 192 -36.88 22.09 20.38
N TYR H 193 -35.83 21.56 19.77
CA TYR H 193 -34.46 21.84 20.20
C TYR H 193 -33.81 22.81 19.20
N ILE H 194 -32.98 23.70 19.69
CA ILE H 194 -32.36 24.70 18.81
C ILE H 194 -30.95 24.26 18.45
N ASP H 195 -30.57 24.45 17.20
CA ASP H 195 -29.19 24.20 16.81
C ASP H 195 -28.61 25.33 15.96
N VAL H 196 -27.31 25.30 15.76
CA VAL H 196 -26.68 26.16 14.77
C VAL H 196 -26.08 25.25 13.71
N ASN H 197 -26.47 25.48 12.46
CA ASN H 197 -26.05 24.62 11.36
C ASN H 197 -24.80 25.19 10.71
N LEU H 198 -23.69 24.49 10.88
CA LEU H 198 -22.43 24.89 10.25
C LEU H 198 -22.33 24.19 8.90
N VAL H 199 -22.33 24.96 7.82
CA VAL H 199 -22.26 24.41 6.47
C VAL H 199 -20.98 24.88 5.80
N VAL H 200 -20.17 23.93 5.36
CA VAL H 200 -18.86 24.25 4.83
C VAL H 200 -18.75 23.70 3.42
N LYS H 201 -18.30 24.53 2.49
CA LYS H 201 -18.11 24.13 1.12
C LYS H 201 -16.61 24.26 0.85
N PHE H 202 -15.99 23.21 0.34
CA PHE H 202 -14.52 23.19 0.23
C PHE H 202 -14.05 22.30 -0.89
N ARG H 203 -12.79 22.48 -1.31
CA ARG H 203 -12.20 21.65 -2.36
C ARG H 203 -10.70 21.48 -2.12
N GLU H 204 -10.06 20.52 -2.80
CA GLU H 204 -8.63 20.35 -2.69
C GLU H 204 -7.88 21.57 -3.21
N ARG H 205 -6.85 21.99 -2.50
CA ARG H 205 -6.12 23.19 -2.88
C ARG H 205 -5.04 22.87 -3.92
N GLN I 1 -31.51 29.12 39.56
CA GLN I 1 -32.56 29.73 40.36
C GLN I 1 -32.95 28.93 41.60
N ALA I 2 -33.54 29.64 42.56
CA ALA I 2 -33.62 29.21 43.94
C ALA I 2 -34.30 27.86 44.17
N ASN I 3 -35.43 27.64 43.51
CA ASN I 3 -36.20 26.43 43.77
C ASN I 3 -35.46 25.17 43.33
N LEU I 4 -34.78 25.24 42.18
CA LEU I 4 -34.02 24.10 41.68
C LEU I 4 -32.82 23.77 42.58
N MET I 5 -32.09 24.81 43.00
CA MET I 5 -30.99 24.64 43.94
C MET I 5 -31.47 23.94 45.21
N ARG I 6 -32.65 24.32 45.70
CA ARG I 6 -33.22 23.68 46.89
C ARG I 6 -33.51 22.19 46.63
N LEU I 7 -34.14 21.90 45.49
CA LEU I 7 -34.46 20.51 45.14
C LEU I 7 -33.23 19.62 45.02
N LYS I 8 -32.22 20.10 44.29
CA LYS I 8 -31.00 19.34 44.10
C LYS I 8 -30.27 19.09 45.42
N SER I 9 -30.21 20.10 46.27
CA SER I 9 -29.59 19.95 47.58
C SER I 9 -30.34 18.91 48.40
N ASP I 10 -31.66 18.99 48.40
CA ASP I 10 -32.50 18.07 49.16
C ASP I 10 -32.36 16.62 48.67
N LEU I 11 -32.31 16.43 47.35
CA LEU I 11 -32.21 15.09 46.78
C LEU I 11 -30.80 14.52 46.92
N PHE I 12 -29.79 15.38 46.94
CA PHE I 12 -28.43 14.91 46.78
C PHE I 12 -27.50 15.04 47.98
N ASN I 13 -27.87 15.85 48.98
CA ASN I 13 -26.97 16.09 50.10
C ASN I 13 -27.36 15.46 51.43
N ARG I 14 -28.50 14.77 51.50
CA ARG I 14 -28.99 14.28 52.80
C ARG I 14 -28.85 12.78 53.05
N SER I 15 -28.99 11.99 51.99
CA SER I 15 -29.13 10.55 52.13
C SER I 15 -28.09 9.83 51.25
N PRO I 16 -27.78 8.56 51.59
CA PRO I 16 -26.88 7.78 50.74
C PRO I 16 -27.46 7.57 49.37
N MET I 17 -26.60 7.43 48.37
CA MET I 17 -27.08 7.11 47.04
C MET I 17 -27.62 5.69 47.02
N TYR I 18 -28.62 5.50 46.17
CA TYR I 18 -29.16 4.22 45.82
C TYR I 18 -27.99 3.25 45.58
N PRO I 19 -28.00 2.10 46.27
CA PRO I 19 -26.91 1.13 46.18
C PRO I 19 -27.09 0.16 45.02
N GLY I 20 -27.97 0.49 44.09
CA GLY I 20 -28.29 -0.41 43.01
C GLY I 20 -29.40 -1.36 43.42
N PRO I 21 -29.95 -2.09 42.45
CA PRO I 21 -31.06 -3.00 42.73
C PRO I 21 -30.61 -4.28 43.41
N THR I 22 -31.57 -4.99 43.97
CA THR I 22 -31.35 -6.25 44.66
C THR I 22 -32.48 -7.20 44.27
N LYS I 23 -32.38 -8.47 44.66
CA LYS I 23 -33.44 -9.44 44.40
C LYS I 23 -34.78 -8.97 44.97
N ASP I 24 -34.74 -8.41 46.17
CA ASP I 24 -35.92 -7.92 46.86
C ASP I 24 -36.50 -6.67 46.20
N ASP I 25 -35.63 -5.89 45.59
CA ASP I 25 -36.05 -4.65 44.93
C ASP I 25 -35.42 -4.54 43.54
N PRO I 26 -35.95 -5.31 42.58
CA PRO I 26 -35.37 -5.31 41.24
C PRO I 26 -35.73 -4.04 40.47
N LEU I 27 -35.08 -3.84 39.33
CA LEU I 27 -35.28 -2.63 38.57
C LEU I 27 -35.42 -3.01 37.10
N THR I 28 -36.37 -2.40 36.41
CA THR I 28 -36.45 -2.57 34.96
C THR I 28 -35.90 -1.36 34.22
N VAL I 29 -34.92 -1.60 33.35
CA VAL I 29 -34.34 -0.55 32.53
C VAL I 29 -34.91 -0.68 31.13
N THR I 30 -35.47 0.41 30.63
CA THR I 30 -35.94 0.42 29.24
C THR I 30 -34.81 0.89 28.35
N LEU I 31 -34.59 0.20 27.22
CA LEU I 31 -33.50 0.52 26.33
C LEU I 31 -34.03 0.70 24.91
N GLY I 32 -33.49 1.70 24.21
CA GLY I 32 -33.78 1.87 22.80
C GLY I 32 -32.59 2.49 22.10
N PHE I 33 -32.35 2.07 20.86
CA PHE I 33 -31.20 2.58 20.12
C PHE I 33 -31.60 3.47 18.97
N THR I 34 -30.85 4.57 18.84
CA THR I 34 -30.91 5.41 17.66
C THR I 34 -29.59 5.19 16.93
N LEU I 35 -29.64 4.52 15.79
CA LEU I 35 -28.42 4.22 15.05
C LEU I 35 -28.12 5.41 14.15
N GLN I 36 -26.99 6.05 14.37
CA GLN I 36 -26.67 7.27 13.62
C GLN I 36 -25.77 7.01 12.39
N ASP I 37 -24.84 6.07 12.52
CA ASP I 37 -23.89 5.86 11.43
C ASP I 37 -23.15 4.53 11.64
N ILE I 38 -22.96 3.78 10.55
CA ILE I 38 -21.94 2.75 10.53
C ILE I 38 -20.73 3.43 9.90
N VAL I 39 -19.72 3.70 10.69
CA VAL I 39 -18.61 4.54 10.23
C VAL I 39 -17.60 3.74 9.42
N LYS I 40 -17.21 2.59 9.96
CA LYS I 40 -16.09 1.86 9.38
C LYS I 40 -16.29 0.36 9.47
N VAL I 41 -15.76 -0.37 8.49
CA VAL I 41 -15.62 -1.81 8.62
C VAL I 41 -14.14 -2.18 8.45
N ASP I 42 -13.72 -3.24 9.13
CA ASP I 42 -12.35 -3.70 9.00
C ASP I 42 -12.39 -5.20 8.70
N SER I 43 -12.13 -5.57 7.45
CA SER I 43 -12.23 -6.96 7.05
C SER I 43 -10.98 -7.75 7.45
N SER I 44 -9.94 -7.05 7.90
CA SER I 44 -8.73 -7.72 8.35
C SER I 44 -8.84 -8.19 9.79
N THR I 45 -9.74 -7.57 10.54
CA THR I 45 -9.91 -7.89 11.95
C THR I 45 -11.33 -8.30 12.31
N ASN I 46 -12.24 -8.20 11.34
CA ASN I 46 -13.68 -8.36 11.61
C ASN I 46 -14.17 -7.50 12.78
N GLU I 47 -13.92 -6.20 12.66
CA GLU I 47 -14.45 -5.21 13.57
C GLU I 47 -15.25 -4.22 12.76
N VAL I 48 -16.41 -3.83 13.27
CA VAL I 48 -17.22 -2.79 12.63
C VAL I 48 -17.51 -1.67 13.65
N ASP I 49 -17.44 -0.42 13.21
CA ASP I 49 -17.60 0.72 14.10
C ASP I 49 -18.96 1.41 13.92
N LEU I 50 -19.73 1.48 15.01
CA LEU I 50 -21.06 2.10 15.00
C LEU I 50 -21.08 3.40 15.78
N VAL I 51 -21.92 4.34 15.35
CA VAL I 51 -22.27 5.49 16.18
C VAL I 51 -23.77 5.40 16.46
N TYR I 52 -24.14 5.41 17.73
CA TYR I 52 -25.55 5.32 18.12
C TYR I 52 -25.81 6.15 19.35
N TRP I 53 -27.08 6.45 19.61
CA TRP I 53 -27.46 7.05 20.88
C TRP I 53 -28.20 5.97 21.64
N GLU I 54 -27.85 5.78 22.90
CA GLU I 54 -28.45 4.71 23.66
C GLU I 54 -29.42 5.29 24.70
N GLN I 55 -30.71 5.17 24.41
CA GLN I 55 -31.72 5.69 25.33
C GLN I 55 -31.95 4.74 26.47
N GLN I 56 -31.73 5.22 27.70
CA GLN I 56 -31.99 4.41 28.89
C GLN I 56 -33.05 5.10 29.74
N ARG I 57 -34.02 4.32 30.24
CA ARG I 57 -35.01 4.85 31.19
C ARG I 57 -35.15 3.90 32.38
N TRP I 58 -35.36 4.46 33.55
CA TRP I 58 -35.62 3.68 34.76
C TRP I 58 -36.24 4.61 35.79
N LYS I 59 -36.74 4.06 36.89
CA LYS I 59 -37.38 4.90 37.90
C LYS I 59 -36.94 4.49 39.29
N LEU I 60 -36.58 5.47 40.11
CA LEU I 60 -36.20 5.23 41.50
C LEU I 60 -37.12 5.98 42.45
N ASN I 61 -37.59 5.30 43.50
CA ASN I 61 -38.39 5.96 44.53
C ASN I 61 -37.62 7.08 45.21
N SER I 62 -36.30 6.92 45.33
CA SER I 62 -35.48 7.90 46.03
C SER I 62 -35.29 9.22 45.25
N LEU I 63 -35.73 9.26 44.01
CA LEU I 63 -35.62 10.48 43.22
C LEU I 63 -36.96 11.21 43.06
N MET I 64 -37.97 10.78 43.80
CA MET I 64 -39.28 11.44 43.74
C MET I 64 -39.30 12.73 44.56
N TRP I 65 -40.13 13.68 44.12
CA TRP I 65 -40.43 14.86 44.94
C TRP I 65 -41.82 15.39 44.64
N ASP I 66 -42.32 16.22 45.53
CA ASP I 66 -43.58 16.91 45.35
C ASP I 66 -43.27 18.26 44.72
N PRO I 67 -43.66 18.45 43.45
CA PRO I 67 -43.43 19.73 42.76
C PRO I 67 -43.96 20.93 43.56
N ASN I 68 -45.06 20.77 44.30
CA ASN I 68 -45.62 21.83 45.13
C ASN I 68 -44.64 22.43 46.11
N GLU I 69 -43.66 21.63 46.56
CA GLU I 69 -42.70 22.09 47.55
C GLU I 69 -41.47 22.71 46.90
N TYR I 70 -41.43 22.69 45.57
CA TYR I 70 -40.27 23.19 44.84
C TYR I 70 -40.65 24.08 43.67
N GLY I 71 -41.60 24.97 43.88
CA GLY I 71 -41.96 25.94 42.85
C GLY I 71 -42.55 25.32 41.60
N ASN I 72 -43.20 24.16 41.77
CA ASN I 72 -43.85 23.43 40.68
C ASN I 72 -42.89 22.90 39.62
N ILE I 73 -41.64 22.70 40.03
CA ILE I 73 -40.67 22.02 39.19
C ILE I 73 -41.07 20.55 39.03
N THR I 74 -41.22 20.12 37.78
CA THR I 74 -41.66 18.76 37.52
C THR I 74 -40.53 17.86 37.01
N ASP I 75 -39.46 18.50 36.52
CA ASP I 75 -38.27 17.77 36.07
C ASP I 75 -37.02 18.65 36.05
N PHE I 76 -35.85 18.03 35.97
CA PHE I 76 -34.60 18.79 35.88
C PHE I 76 -33.48 18.01 35.22
N ARG I 77 -32.54 18.75 34.66
CA ARG I 77 -31.35 18.16 34.08
C ARG I 77 -30.29 18.12 35.14
N THR I 78 -29.55 17.01 35.22
CA THR I 78 -28.44 16.94 36.15
C THR I 78 -27.35 16.02 35.62
N SER I 79 -26.11 16.30 36.03
CA SER I 79 -24.99 15.47 35.62
C SER I 79 -25.24 14.02 36.00
N ALA I 80 -24.98 13.11 35.07
CA ALA I 80 -25.19 11.67 35.30
C ALA I 80 -24.38 11.16 36.48
N ALA I 81 -23.27 11.82 36.78
CA ALA I 81 -22.48 11.49 37.96
C ALA I 81 -23.20 11.76 39.28
N ASP I 82 -24.31 12.51 39.25
CA ASP I 82 -25.04 12.82 40.47
C ASP I 82 -25.96 11.69 40.88
N ILE I 83 -26.19 10.75 39.96
CA ILE I 83 -27.21 9.73 40.20
C ILE I 83 -26.67 8.35 39.87
N TRP I 84 -27.32 7.32 40.41
CA TRP I 84 -27.00 5.96 40.01
C TRP I 84 -27.42 5.79 38.54
N THR I 85 -26.58 5.11 37.76
CA THR I 85 -26.92 4.72 36.39
C THR I 85 -26.62 3.23 36.20
N PRO I 86 -27.40 2.55 35.35
CA PRO I 86 -27.21 1.10 35.18
C PRO I 86 -25.97 0.74 34.34
N ASP I 87 -25.35 -0.39 34.68
CA ASP I 87 -24.13 -0.84 34.02
C ASP I 87 -24.40 -1.57 32.69
N ILE I 88 -25.23 -0.97 31.84
CA ILE I 88 -25.56 -1.58 30.56
C ILE I 88 -24.32 -1.56 29.67
N THR I 89 -23.95 -2.74 29.18
CA THR I 89 -22.67 -2.94 28.51
C THR I 89 -22.88 -3.71 27.22
N ALA I 90 -22.20 -3.27 26.16
CA ALA I 90 -22.11 -4.07 24.93
C ALA I 90 -21.21 -5.27 25.19
N TYR I 91 -21.71 -6.47 24.89
CA TYR I 91 -20.99 -7.70 25.25
C TYR I 91 -19.91 -8.15 24.25
N GLU I 92 -19.93 -7.61 23.03
CA GLU I 92 -18.95 -8.04 22.04
C GLU I 92 -18.11 -6.86 21.50
N SER I 93 -17.81 -5.91 22.37
CA SER I 93 -16.99 -4.77 21.94
C SER I 93 -15.54 -5.23 21.84
N THR I 94 -14.75 -4.52 21.04
CA THR I 94 -13.32 -4.82 20.93
C THR I 94 -12.42 -3.67 21.32
N ARG I 95 -13.02 -2.52 21.62
CA ARG I 95 -12.29 -1.35 22.12
C ARG I 95 -13.19 -0.67 23.15
N PRO I 96 -12.60 0.10 24.09
CA PRO I 96 -13.46 0.84 25.03
C PRO I 96 -14.42 1.77 24.28
N VAL I 97 -15.64 1.89 24.77
CA VAL I 97 -16.60 2.80 24.14
C VAL I 97 -16.07 4.24 24.20
N GLN I 98 -16.30 5.01 23.14
CA GLN I 98 -15.99 6.44 23.17
C GLN I 98 -17.28 7.24 23.27
N VAL I 99 -17.37 8.06 24.30
CA VAL I 99 -18.55 8.86 24.57
C VAL I 99 -18.48 10.16 23.77
N LEU I 100 -19.55 10.50 23.07
CA LEU I 100 -19.53 11.61 22.12
C LEU I 100 -20.37 12.79 22.56
N SER I 101 -21.09 12.61 23.66
CA SER I 101 -22.02 13.64 24.12
C SER I 101 -21.80 13.92 25.60
N PRO I 102 -22.33 15.06 26.10
CA PRO I 102 -22.38 15.26 27.54
C PRO I 102 -23.09 14.07 28.17
N GLN I 103 -22.82 13.82 29.44
CA GLN I 103 -23.54 12.79 30.16
C GLN I 103 -24.35 13.44 31.27
N ILE I 104 -25.57 13.81 30.90
CA ILE I 104 -26.47 14.56 31.75
C ILE I 104 -27.81 13.86 31.58
N ALA I 105 -28.51 13.61 32.68
CA ALA I 105 -29.79 12.92 32.65
C ALA I 105 -30.92 13.92 32.92
N VAL I 106 -32.15 13.53 32.57
CA VAL I 106 -33.33 14.28 32.99
C VAL I 106 -34.07 13.44 34.02
N VAL I 107 -34.31 14.05 35.19
CA VAL I 107 -35.00 13.38 36.27
C VAL I 107 -36.38 14.03 36.42
N THR I 108 -37.42 13.21 36.51
CA THR I 108 -38.80 13.70 36.61
C THR I 108 -39.32 13.44 38.02
N HIS I 109 -40.30 14.23 38.46
CA HIS I 109 -40.75 14.22 39.85
C HIS I 109 -41.28 12.87 40.35
N ASP I 110 -41.65 11.97 39.43
CA ASP I 110 -42.09 10.63 39.83
C ASP I 110 -40.90 9.70 40.07
N GLY I 111 -39.70 10.24 39.97
CA GLY I 111 -38.50 9.44 40.16
C GLY I 111 -37.99 8.80 38.88
N SER I 112 -38.64 9.06 37.75
CA SER I 112 -38.17 8.48 36.49
C SER I 112 -36.99 9.25 35.91
N VAL I 113 -36.13 8.53 35.20
CA VAL I 113 -34.90 9.09 34.67
C VAL I 113 -34.81 8.77 33.19
N MET I 114 -34.37 9.72 32.39
CA MET I 114 -34.04 9.46 30.98
C MET I 114 -32.59 9.88 30.75
N PHE I 115 -31.78 8.99 30.19
CA PHE I 115 -30.36 9.26 29.95
C PHE I 115 -30.04 8.74 28.54
N ILE I 116 -29.53 9.60 27.65
CA ILE I 116 -29.25 9.18 26.27
C ILE I 116 -27.86 9.56 25.81
N PRO I 117 -26.85 8.81 26.24
CA PRO I 117 -25.49 9.09 25.77
C PRO I 117 -25.28 8.67 24.31
N ALA I 118 -24.54 9.48 23.56
CA ALA I 118 -24.09 9.11 22.22
C ALA I 118 -22.72 8.45 22.36
N GLN I 119 -22.50 7.38 21.59
CA GLN I 119 -21.32 6.55 21.74
C GLN I 119 -20.80 6.06 20.38
N ARG I 120 -19.49 5.91 20.27
CA ARG I 120 -18.91 5.17 19.15
C ARG I 120 -18.33 3.88 19.68
N LEU I 121 -18.64 2.77 19.02
CA LEU I 121 -18.20 1.47 19.49
C LEU I 121 -17.68 0.61 18.36
N SER I 122 -16.54 -0.03 18.59
CA SER I 122 -16.03 -1.08 17.73
C SER I 122 -16.51 -2.41 18.29
N PHE I 123 -17.06 -3.27 17.43
CA PHE I 123 -17.56 -4.56 17.90
C PHE I 123 -17.28 -5.67 16.89
N MET I 124 -17.41 -6.91 17.37
CA MET I 124 -17.12 -8.10 16.58
C MET I 124 -18.13 -8.31 15.48
N CYS I 125 -17.66 -8.25 14.24
CA CYS I 125 -18.56 -8.28 13.10
C CYS I 125 -17.78 -8.59 11.81
N ASP I 126 -18.21 -9.62 11.09
CA ASP I 126 -17.59 -9.99 9.81
C ASP I 126 -18.31 -9.28 8.68
N PRO I 127 -17.66 -8.30 8.05
CA PRO I 127 -18.33 -7.49 7.04
C PRO I 127 -18.17 -8.05 5.64
N THR I 128 -17.68 -9.27 5.50
CA THR I 128 -17.49 -9.85 4.17
C THR I 128 -18.84 -9.95 3.45
N GLY I 129 -18.91 -9.34 2.26
CA GLY I 129 -20.12 -9.37 1.47
C GLY I 129 -20.93 -8.09 1.58
N VAL I 130 -20.40 -7.15 2.36
CA VAL I 130 -21.05 -5.85 2.53
C VAL I 130 -21.21 -5.13 1.18
N ASP I 131 -20.29 -5.37 0.24
CA ASP I 131 -20.35 -4.74 -1.08
C ASP I 131 -21.24 -5.52 -2.06
N SER I 132 -22.36 -6.06 -1.58
CA SER I 132 -23.28 -6.75 -2.47
C SER I 132 -24.71 -6.25 -2.23
N GLU I 133 -25.61 -6.63 -3.12
CA GLU I 133 -27.01 -6.25 -2.99
C GLU I 133 -27.65 -6.78 -1.71
N GLU I 134 -27.31 -8.00 -1.32
CA GLU I 134 -27.89 -8.62 -0.14
C GLU I 134 -27.26 -8.12 1.16
N GLY I 135 -26.04 -7.62 1.07
CA GLY I 135 -25.38 -7.04 2.23
C GLY I 135 -24.97 -8.04 3.28
N VAL I 136 -24.89 -7.59 4.53
CA VAL I 136 -24.37 -8.42 5.60
C VAL I 136 -25.16 -8.14 6.88
N THR I 137 -25.21 -9.12 7.76
CA THR I 137 -25.90 -8.97 9.04
C THR I 137 -24.91 -9.15 10.17
N CYS I 138 -24.96 -8.24 11.14
CA CYS I 138 -24.22 -8.41 12.39
C CYS I 138 -25.12 -8.18 13.60
N ALA I 139 -24.68 -8.67 14.74
CA ALA I 139 -25.48 -8.58 15.95
C ALA I 139 -24.58 -8.20 17.11
N LEU I 140 -25.18 -7.52 18.07
CA LEU I 140 -24.48 -7.00 19.23
C LEU I 140 -25.48 -7.04 20.37
N THR I 141 -25.09 -7.63 21.49
CA THR I 141 -25.97 -7.68 22.64
C THR I 141 -25.56 -6.71 23.73
N PHE I 142 -26.55 -6.12 24.39
CA PHE I 142 -26.37 -5.14 25.46
C PHE I 142 -27.08 -5.65 26.70
N GLY I 143 -26.40 -5.63 27.83
CA GLY I 143 -27.03 -6.03 29.08
C GLY I 143 -26.21 -5.56 30.26
N SER I 144 -26.72 -5.76 31.46
CA SER I 144 -25.96 -5.48 32.66
C SER I 144 -24.75 -6.40 32.66
N TRP I 145 -23.60 -5.87 33.07
CA TRP I 145 -22.41 -6.69 33.17
C TRP I 145 -22.47 -7.59 34.41
N VAL I 146 -22.98 -7.05 35.52
CA VAL I 146 -22.86 -7.75 36.81
C VAL I 146 -24.17 -8.20 37.47
N TYR I 147 -25.31 -7.69 37.00
CA TYR I 147 -26.61 -8.07 37.59
C TYR I 147 -27.36 -9.08 36.74
N SER I 148 -27.83 -10.16 37.36
CA SER I 148 -28.70 -11.12 36.66
C SER I 148 -30.10 -10.55 36.49
N GLY I 149 -30.95 -11.29 35.79
CA GLY I 149 -32.35 -10.94 35.67
C GLY I 149 -33.11 -10.84 36.98
N PHE I 150 -32.54 -11.37 38.06
CA PHE I 150 -33.18 -11.24 39.38
C PHE I 150 -33.07 -9.81 39.93
N GLU I 151 -32.14 -9.02 39.40
CA GLU I 151 -31.94 -7.65 39.88
C GLU I 151 -32.20 -6.60 38.82
N ILE I 152 -31.78 -6.88 37.58
CA ILE I 152 -32.08 -5.98 36.48
C ILE I 152 -32.79 -6.71 35.35
N ASP I 153 -33.99 -6.24 35.04
CA ASP I 153 -34.69 -6.70 33.86
C ASP I 153 -34.57 -5.60 32.79
N LEU I 154 -34.67 -6.00 31.53
CA LEU I 154 -34.59 -5.06 30.41
C LEU I 154 -35.88 -5.14 29.63
N LYS I 155 -36.26 -4.02 29.02
CA LYS I 155 -37.43 -3.95 28.16
C LYS I 155 -37.09 -2.99 27.02
N THR I 156 -37.72 -3.18 25.87
CA THR I 156 -37.68 -2.16 24.81
C THR I 156 -39.10 -1.58 24.67
N ASP I 157 -39.21 -0.38 24.09
CA ASP I 157 -40.53 0.19 23.85
C ASP I 157 -41.02 -0.22 22.47
N THR I 158 -40.07 -0.59 21.63
CA THR I 158 -40.36 -1.05 20.28
C THR I 158 -39.21 -1.96 19.88
N ASP I 159 -39.43 -2.82 18.91
CA ASP I 159 -38.36 -3.69 18.43
C ASP I 159 -37.66 -3.09 17.22
N GLN I 160 -38.11 -1.90 16.82
CA GLN I 160 -37.52 -1.24 15.66
C GLN I 160 -36.50 -0.22 16.13
N VAL I 161 -35.26 -0.39 15.70
CA VAL I 161 -34.24 0.63 15.95
C VAL I 161 -34.63 1.94 15.27
N ASP I 162 -34.43 3.04 15.97
CA ASP I 162 -34.72 4.36 15.41
C ASP I 162 -33.67 4.73 14.35
N LEU I 163 -34.12 4.86 13.11
CA LEU I 163 -33.22 5.19 12.01
C LEU I 163 -33.50 6.59 11.48
N SER I 164 -34.31 7.36 12.21
CA SER I 164 -34.73 8.68 11.74
C SER I 164 -33.57 9.68 11.76
N SER I 165 -32.50 9.38 12.48
CA SER I 165 -31.32 10.23 12.45
C SER I 165 -30.12 9.60 11.73
N TYR I 166 -30.34 8.50 11.01
CA TYR I 166 -29.24 7.85 10.32
C TYR I 166 -28.63 8.76 9.27
N TYR I 167 -27.30 8.85 9.25
CA TYR I 167 -26.59 9.72 8.31
C TYR I 167 -26.81 9.27 6.86
N ALA I 168 -27.51 10.10 6.10
CA ALA I 168 -27.96 9.71 4.77
C ALA I 168 -26.81 9.47 3.79
N SER I 169 -25.65 10.07 4.06
CA SER I 169 -24.52 9.93 3.13
C SER I 169 -23.43 9.04 3.70
N SER I 170 -23.81 8.20 4.66
CA SER I 170 -22.93 7.17 5.19
C SER I 170 -22.40 6.29 4.06
N LYS I 171 -21.25 5.66 4.28
CA LYS I 171 -20.74 4.67 3.35
C LYS I 171 -21.68 3.48 3.30
N TYR I 172 -22.40 3.24 4.40
CA TYR I 172 -23.28 2.08 4.49
C TYR I 172 -24.74 2.44 4.66
N GLU I 173 -25.62 1.77 3.91
CA GLU I 173 -27.05 1.96 4.09
C GLU I 173 -27.64 0.80 4.89
N ILE I 174 -28.66 1.12 5.68
CA ILE I 174 -29.26 0.14 6.60
C ILE I 174 -30.42 -0.53 5.91
N LEU I 175 -30.42 -1.86 5.88
CA LEU I 175 -31.52 -2.60 5.28
C LEU I 175 -32.56 -2.98 6.32
N SER I 176 -32.10 -3.21 7.54
CA SER I 176 -33.00 -3.41 8.68
C SER I 176 -32.20 -3.28 9.95
N ALA I 177 -32.88 -2.94 11.03
CA ALA I 177 -32.23 -2.81 12.33
C ALA I 177 -33.26 -3.05 13.43
N THR I 178 -33.06 -4.12 14.19
CA THR I 178 -34.00 -4.46 15.26
C THR I 178 -33.31 -4.53 16.61
N GLN I 179 -34.11 -4.39 17.66
CA GLN I 179 -33.64 -4.46 19.03
C GLN I 179 -34.64 -5.34 19.80
N THR I 180 -34.17 -6.49 20.29
CA THR I 180 -35.08 -7.49 20.85
C THR I 180 -34.57 -8.03 22.19
N ARG I 181 -35.45 -8.04 23.18
CA ARG I 181 -35.11 -8.60 24.48
C ARG I 181 -34.88 -10.11 24.38
N GLN I 182 -33.83 -10.61 25.03
CA GLN I 182 -33.62 -12.06 25.13
C GLN I 182 -32.91 -12.48 26.42
N VAL I 183 -32.64 -13.79 26.54
CA VAL I 183 -32.07 -14.37 27.75
C VAL I 183 -30.74 -15.08 27.49
N GLN I 184 -29.69 -14.68 28.20
CA GLN I 184 -28.38 -15.31 28.08
C GLN I 184 -27.93 -16.00 29.37
N HIS I 185 -27.01 -16.95 29.22
CA HIS I 185 -26.28 -17.52 30.35
C HIS I 185 -24.78 -17.47 30.01
N TYR I 186 -23.95 -17.25 31.02
CA TYR I 186 -22.49 -17.28 30.83
C TYR I 186 -21.89 -18.30 31.79
N SER I 187 -20.75 -18.87 31.42
CA SER I 187 -20.15 -19.98 32.17
C SER I 187 -19.89 -19.69 33.65
N CYS I 188 -19.61 -18.44 33.98
CA CYS I 188 -19.32 -18.04 35.35
C CYS I 188 -20.48 -18.31 36.32
N CYS I 189 -21.70 -18.10 35.86
CA CYS I 189 -22.88 -18.00 36.74
C CYS I 189 -24.06 -18.82 36.22
N PRO I 190 -24.87 -19.40 37.13
CA PRO I 190 -26.02 -20.20 36.70
C PRO I 190 -27.26 -19.37 36.36
N GLU I 191 -27.35 -18.16 36.91
CA GLU I 191 -28.56 -17.34 36.77
C GLU I 191 -28.79 -16.77 35.37
N PRO I 192 -30.08 -16.61 34.98
CA PRO I 192 -30.45 -15.93 33.74
C PRO I 192 -30.00 -14.48 33.72
N TYR I 193 -29.30 -14.06 32.67
CA TYR I 193 -28.98 -12.66 32.47
C TYR I 193 -29.80 -12.15 31.28
N ILE I 194 -30.26 -10.90 31.36
CA ILE I 194 -31.13 -10.38 30.31
C ILE I 194 -30.32 -9.49 29.39
N ASP I 195 -30.62 -9.55 28.09
CA ASP I 195 -29.97 -8.64 27.17
C ASP I 195 -30.92 -8.10 26.13
N VAL I 196 -30.46 -7.09 25.42
CA VAL I 196 -31.14 -6.61 24.23
C VAL I 196 -30.24 -6.88 23.04
N ASN I 197 -30.77 -7.64 22.11
CA ASN I 197 -30.04 -8.03 20.90
C ASN I 197 -30.27 -7.03 19.78
N LEU I 198 -29.23 -6.27 19.45
CA LEU I 198 -29.27 -5.32 18.36
C LEU I 198 -28.80 -6.01 17.06
N VAL I 199 -29.70 -6.16 16.09
CA VAL I 199 -29.39 -6.86 14.85
C VAL I 199 -29.49 -5.90 13.66
N VAL I 200 -28.37 -5.71 12.97
CA VAL I 200 -28.31 -4.76 11.86
C VAL I 200 -27.85 -5.44 10.57
N LYS I 201 -28.68 -5.32 9.53
CA LYS I 201 -28.32 -5.79 8.20
C LYS I 201 -28.03 -4.55 7.37
N PHE I 202 -26.88 -4.53 6.70
CA PHE I 202 -26.46 -3.32 5.97
C PHE I 202 -25.61 -3.70 4.76
N ARG I 203 -25.42 -2.74 3.85
CA ARG I 203 -24.58 -2.94 2.66
C ARG I 203 -23.98 -1.60 2.28
N GLU I 204 -22.97 -1.62 1.41
CA GLU I 204 -22.37 -0.36 0.94
C GLU I 204 -23.40 0.42 0.17
N ARG I 205 -23.50 1.71 0.47
CA ARG I 205 -24.49 2.57 -0.17
C ARG I 205 -24.05 2.86 -1.58
N ARG I 206 -24.97 2.76 -2.53
CA ARG I 206 -24.66 3.08 -3.92
C ARG I 206 -25.78 3.86 -4.60
N ALA I 207 -26.42 4.75 -3.86
CA ALA I 207 -27.47 5.61 -4.39
C ALA I 207 -27.62 6.88 -3.57
N GLY I 208 -28.24 7.89 -4.16
CA GLY I 208 -28.52 9.13 -3.47
C GLY I 208 -27.36 10.10 -3.42
N ASN I 209 -27.23 10.78 -2.29
CA ASN I 209 -26.20 11.80 -2.10
C ASN I 209 -24.77 11.28 -2.27
N GLY I 210 -24.08 11.77 -3.29
CA GLY I 210 -22.73 11.31 -3.60
C GLY I 210 -22.74 10.36 -4.78
N PHE I 211 -23.95 10.05 -5.26
CA PHE I 211 -24.12 9.16 -6.40
C PHE I 211 -24.94 9.83 -7.51
N PHE I 212 -24.44 9.76 -8.74
CA PHE I 212 -25.04 10.46 -9.86
C PHE I 212 -25.89 9.50 -10.71
N GLN J 1 -32.17 0.77 48.62
CA GLN J 1 -32.78 0.02 49.71
C GLN J 1 -31.96 -0.03 50.99
N ALA J 2 -32.68 0.08 52.11
CA ALA J 2 -32.11 0.50 53.39
C ALA J 2 -31.10 -0.46 53.98
N ASN J 3 -31.39 -1.76 53.93
CA ASN J 3 -30.50 -2.74 54.53
C ASN J 3 -29.14 -2.78 53.82
N LEU J 4 -29.16 -2.70 52.50
CA LEU J 4 -27.92 -2.70 51.72
C LEU J 4 -27.14 -1.42 51.95
N MET J 5 -27.84 -0.30 52.06
CA MET J 5 -27.18 0.96 52.36
C MET J 5 -26.46 0.87 53.71
N ARG J 6 -27.10 0.24 54.70
CA ARG J 6 -26.49 0.06 56.02
C ARG J 6 -25.24 -0.81 55.93
N LEU J 7 -25.35 -1.92 55.22
CA LEU J 7 -24.24 -2.85 55.06
C LEU J 7 -23.03 -2.18 54.42
N LYS J 8 -23.27 -1.48 53.31
CA LYS J 8 -22.17 -0.81 52.62
C LYS J 8 -21.53 0.27 53.48
N SER J 9 -22.34 0.98 54.25
CA SER J 9 -21.81 2.01 55.14
C SER J 9 -20.98 1.36 56.23
N ASP J 10 -21.48 0.24 56.77
CA ASP J 10 -20.78 -0.45 57.85
C ASP J 10 -19.46 -1.08 57.40
N LEU J 11 -19.46 -1.65 56.20
CA LEU J 11 -18.26 -2.27 55.65
C LEU J 11 -17.20 -1.26 55.23
N PHE J 12 -17.62 -0.18 54.61
CA PHE J 12 -16.68 0.70 53.92
C PHE J 12 -16.39 2.05 54.58
N ASN J 13 -17.18 2.45 55.56
CA ASN J 13 -17.02 3.80 56.11
C ASN J 13 -16.42 3.89 57.51
N ARG J 14 -15.78 2.82 57.98
CA ARG J 14 -15.34 2.83 59.38
C ARG J 14 -14.10 1.99 59.72
N SER J 15 -13.20 1.82 58.75
CA SER J 15 -11.98 1.06 58.99
C SER J 15 -11.04 1.22 57.81
N PRO J 16 -9.71 1.15 58.06
CA PRO J 16 -8.75 1.26 56.96
C PRO J 16 -8.95 0.12 55.97
N MET J 17 -8.71 0.38 54.70
CA MET J 17 -8.83 -0.69 53.72
C MET J 17 -7.75 -1.73 54.01
N TYR J 18 -8.06 -2.97 53.65
CA TYR J 18 -7.14 -4.09 53.70
C TYR J 18 -5.86 -3.68 52.97
N PRO J 19 -4.70 -3.93 53.60
CA PRO J 19 -3.42 -3.47 53.06
C PRO J 19 -2.75 -4.47 52.13
N GLY J 20 -3.48 -5.47 51.67
CA GLY J 20 -2.89 -6.51 50.86
C GLY J 20 -2.33 -7.65 51.71
N PRO J 21 -2.03 -8.78 51.06
CA PRO J 21 -1.52 -9.96 51.78
C PRO J 21 -0.09 -9.77 52.26
N THR J 22 0.32 -10.58 53.23
CA THR J 22 1.67 -10.58 53.74
C THR J 22 2.11 -12.03 53.87
N LYS J 23 3.36 -12.25 54.27
CA LYS J 23 3.85 -13.61 54.45
C LYS J 23 3.09 -14.29 55.59
N ASP J 24 2.71 -13.50 56.59
CA ASP J 24 1.94 -14.00 57.73
C ASP J 24 0.52 -14.37 57.34
N ASP J 25 -0.08 -13.58 56.44
CA ASP J 25 -1.46 -13.82 56.01
C ASP J 25 -1.56 -13.82 54.49
N PRO J 26 -1.12 -14.91 53.86
CA PRO J 26 -1.11 -15.02 52.40
C PRO J 26 -2.52 -15.15 51.84
N LEU J 27 -2.63 -14.99 50.53
CA LEU J 27 -3.92 -15.00 49.87
C LEU J 27 -3.81 -15.85 48.61
N THR J 28 -4.81 -16.67 48.36
CA THR J 28 -4.84 -17.41 47.11
C THR J 28 -5.89 -16.82 46.19
N VAL J 29 -5.49 -16.52 44.96
CA VAL J 29 -6.40 -15.95 43.98
C VAL J 29 -6.68 -16.99 42.91
N THR J 30 -7.95 -17.28 42.71
CA THR J 30 -8.34 -18.19 41.65
C THR J 30 -8.53 -17.41 40.36
N LEU J 31 -7.92 -17.90 39.29
CA LEU J 31 -8.00 -17.26 37.98
C LEU J 31 -8.58 -18.21 36.95
N GLY J 32 -9.45 -17.68 36.11
CA GLY J 32 -9.94 -18.40 34.94
C GLY J 32 -10.13 -17.44 33.80
N PHE J 33 -9.88 -17.90 32.57
CA PHE J 33 -10.02 -17.03 31.40
C PHE J 33 -11.13 -17.49 30.47
N THR J 34 -11.91 -16.52 30.00
CA THR J 34 -12.89 -16.74 28.95
C THR J 34 -12.35 -16.03 27.73
N LEU J 35 -11.86 -16.77 26.74
CA LEU J 35 -11.29 -16.14 25.55
C LEU J 35 -12.39 -15.81 24.57
N GLN J 36 -12.57 -14.53 24.26
CA GLN J 36 -13.68 -14.10 23.43
C GLN J 36 -13.31 -13.91 21.95
N ASP J 37 -12.09 -13.45 21.68
CA ASP J 37 -11.71 -13.18 20.30
C ASP J 37 -10.20 -13.00 20.18
N ILE J 38 -9.61 -13.58 19.15
CA ILE J 38 -8.31 -13.08 18.71
C ILE J 38 -8.63 -12.08 17.62
N VAL J 39 -8.40 -10.80 17.92
CA VAL J 39 -8.88 -9.74 17.04
C VAL J 39 -7.96 -9.50 15.87
N LYS J 40 -6.65 -9.49 16.16
CA LYS J 40 -5.68 -9.03 15.19
C LYS J 40 -4.32 -9.67 15.43
N VAL J 41 -3.59 -9.94 14.35
CA VAL J 41 -2.16 -10.25 14.47
C VAL J 41 -1.37 -9.23 13.69
N ASP J 42 -0.13 -9.01 14.11
CA ASP J 42 0.73 -8.05 13.43
C ASP J 42 2.07 -8.72 13.20
N SER J 43 2.30 -9.17 11.97
CA SER J 43 3.51 -9.93 11.69
C SER J 43 4.72 -9.02 11.52
N SER J 44 4.50 -7.70 11.48
CA SER J 44 5.64 -6.82 11.31
C SER J 44 6.24 -6.44 12.68
N THR J 45 5.47 -6.68 13.74
CA THR J 45 5.91 -6.39 15.11
C THR J 45 5.85 -7.59 16.06
N ASN J 46 5.34 -8.72 15.57
CA ASN J 46 5.06 -9.87 16.43
C ASN J 46 4.27 -9.51 17.69
N GLU J 47 3.08 -8.97 17.44
CA GLU J 47 2.12 -8.62 18.48
C GLU J 47 0.80 -9.20 18.06
N VAL J 48 0.07 -9.73 19.03
CA VAL J 48 -1.27 -10.26 18.77
C VAL J 48 -2.24 -9.68 19.79
N ASP J 49 -3.46 -9.37 19.33
CA ASP J 49 -4.45 -8.73 20.19
C ASP J 49 -5.55 -9.70 20.57
N LEU J 50 -5.76 -9.86 21.88
CA LEU J 50 -6.82 -10.73 22.43
C LEU J 50 -7.92 -9.92 23.10
N VAL J 51 -9.12 -10.49 23.11
CA VAL J 51 -10.21 -9.97 23.96
C VAL J 51 -10.63 -11.15 24.82
N TYR J 52 -10.59 -10.96 26.15
CA TYR J 52 -10.91 -12.05 27.07
C TYR J 52 -11.57 -11.45 28.31
N TRP J 53 -12.22 -12.31 29.09
CA TRP J 53 -12.73 -11.92 30.40
C TRP J 53 -11.88 -12.69 31.39
N GLU J 54 -11.38 -12.00 32.40
CA GLU J 54 -10.49 -12.62 33.36
C GLU J 54 -11.22 -12.79 34.69
N GLN J 55 -11.65 -14.00 34.99
CA GLN J 55 -12.36 -14.24 36.24
C GLN J 55 -11.36 -14.35 37.40
N GLN J 56 -11.57 -13.52 38.41
CA GLN J 56 -10.75 -13.52 39.61
C GLN J 56 -11.61 -13.78 40.84
N ARG J 57 -11.15 -14.67 41.72
CA ARG J 57 -11.83 -14.88 42.99
C ARG J 57 -10.83 -14.87 44.12
N TRP J 58 -11.24 -14.31 45.24
CA TRP J 58 -10.44 -14.36 46.45
C TRP J 58 -11.39 -14.14 47.64
N LYS J 59 -10.88 -14.35 48.85
CA LYS J 59 -11.73 -14.20 50.03
C LYS J 59 -11.00 -13.41 51.11
N LEU J 60 -11.68 -12.42 51.70
CA LEU J 60 -11.10 -11.63 52.79
C LEU J 60 -11.97 -11.66 54.03
N ASN J 61 -11.39 -12.01 55.15
CA ASN J 61 -12.10 -11.97 56.43
C ASN J 61 -12.75 -10.61 56.72
N SER J 62 -12.08 -9.53 56.31
CA SER J 62 -12.57 -8.18 56.55
C SER J 62 -13.83 -7.84 55.75
N LEU J 63 -14.21 -8.69 54.79
CA LEU J 63 -15.41 -8.41 54.01
C LEU J 63 -16.61 -9.23 54.47
N MET J 64 -16.49 -9.88 55.63
CA MET J 64 -17.56 -10.75 56.11
C MET J 64 -18.66 -9.98 56.83
N TRP J 65 -19.88 -10.49 56.79
CA TRP J 65 -20.95 -9.96 57.62
C TRP J 65 -21.96 -11.05 57.92
N ASP J 66 -22.77 -10.80 58.96
CA ASP J 66 -23.87 -11.67 59.33
C ASP J 66 -25.13 -11.21 58.61
N PRO J 67 -25.62 -12.00 57.65
CA PRO J 67 -26.84 -11.67 56.89
C PRO J 67 -28.04 -11.34 57.78
N ASN J 68 -28.15 -11.98 58.94
CA ASN J 68 -29.24 -11.71 59.87
C ASN J 68 -29.32 -10.25 60.31
N GLU J 69 -28.18 -9.57 60.30
CA GLU J 69 -28.15 -8.17 60.76
C GLU J 69 -28.46 -7.19 59.64
N TYR J 70 -28.58 -7.71 58.41
CA TYR J 70 -28.77 -6.86 57.24
C TYR J 70 -29.87 -7.41 56.34
N GLY J 71 -31.03 -7.69 56.92
CA GLY J 71 -32.16 -8.21 56.18
C GLY J 71 -31.88 -9.45 55.35
N ASN J 72 -30.97 -10.30 55.82
CA ASN J 72 -30.62 -11.53 55.10
C ASN J 72 -29.98 -11.33 53.72
N ILE J 73 -29.36 -10.18 53.52
CA ILE J 73 -28.55 -9.97 52.33
C ILE J 73 -27.34 -10.89 52.42
N THR J 74 -27.12 -11.71 51.38
CA THR J 74 -26.02 -12.69 51.40
C THR J 74 -24.89 -12.33 50.43
N ASP J 75 -25.18 -11.40 49.52
CA ASP J 75 -24.17 -10.86 48.62
C ASP J 75 -24.58 -9.50 48.09
N PHE J 76 -23.65 -8.78 47.48
CA PHE J 76 -24.01 -7.51 46.84
C PHE J 76 -23.00 -7.12 45.77
N ARG J 77 -23.46 -6.30 44.82
CA ARG J 77 -22.56 -5.73 43.82
C ARG J 77 -21.99 -4.43 44.33
N THR J 78 -20.74 -4.15 44.00
CA THR J 78 -20.14 -2.90 44.39
C THR J 78 -18.98 -2.57 43.47
N SER J 79 -18.71 -1.29 43.32
CA SER J 79 -17.60 -0.82 42.52
C SER J 79 -16.31 -1.45 43.04
N ALA J 80 -15.52 -1.98 42.12
CA ALA J 80 -14.22 -2.57 42.43
C ALA J 80 -13.31 -1.55 43.13
N ALA J 81 -13.57 -0.27 42.90
CA ALA J 81 -12.85 0.80 43.59
C ALA J 81 -13.10 0.82 45.11
N ASP J 82 -14.22 0.27 45.56
CA ASP J 82 -14.53 0.19 46.99
C ASP J 82 -13.72 -0.88 47.75
N ILE J 83 -13.08 -1.79 47.03
CA ILE J 83 -12.41 -2.90 47.69
C ILE J 83 -10.98 -3.09 47.21
N TRP J 84 -10.20 -3.85 47.97
CA TRP J 84 -8.90 -4.28 47.51
C TRP J 84 -9.06 -5.26 46.34
N THR J 85 -8.25 -5.10 45.31
CA THR J 85 -8.21 -6.07 44.22
C THR J 85 -6.76 -6.51 43.95
N PRO J 86 -6.57 -7.75 43.51
CA PRO J 86 -5.19 -8.22 43.29
C PRO J 86 -4.54 -7.64 42.04
N ASP J 87 -3.21 -7.44 42.09
CA ASP J 87 -2.48 -6.83 40.99
C ASP J 87 -2.06 -7.85 39.94
N ILE J 88 -3.02 -8.68 39.52
CA ILE J 88 -2.74 -9.69 38.51
C ILE J 88 -2.45 -9.02 37.18
N THR J 89 -1.30 -9.32 36.61
CA THR J 89 -0.80 -8.57 35.47
C THR J 89 -0.34 -9.55 34.38
N ALA J 90 -0.60 -9.21 33.13
CA ALA J 90 -0.01 -9.93 32.00
C ALA J 90 1.46 -9.56 31.86
N TYR J 91 2.33 -10.55 31.83
CA TYR J 91 3.77 -10.31 31.86
C TYR J 91 4.39 -9.98 30.50
N GLU J 92 3.67 -10.25 29.42
CA GLU J 92 4.23 -10.01 28.09
C GLU J 92 3.40 -9.07 27.23
N SER J 93 2.69 -8.13 27.84
CA SER J 93 1.91 -7.16 27.09
C SER J 93 2.83 -6.16 26.41
N THR J 94 2.34 -5.54 25.33
CA THR J 94 3.12 -4.52 24.64
C THR J 94 2.41 -3.18 24.60
N ARG J 95 1.21 -3.11 25.18
CA ARG J 95 0.41 -1.89 25.25
C ARG J 95 -0.38 -1.95 26.56
N PRO J 96 -0.76 -0.79 27.12
CA PRO J 96 -1.63 -0.81 28.31
C PRO J 96 -2.91 -1.60 28.03
N VAL J 97 -3.38 -2.36 29.02
CA VAL J 97 -4.62 -3.09 28.82
C VAL J 97 -5.78 -2.11 28.59
N GLN J 98 -6.72 -2.47 27.74
CA GLN J 98 -7.94 -1.68 27.60
C GLN J 98 -9.11 -2.43 28.24
N VAL J 99 -9.79 -1.77 29.17
CA VAL J 99 -10.90 -2.38 29.88
C VAL J 99 -12.21 -2.18 29.11
N LEU J 100 -12.95 -3.26 28.94
CA LEU J 100 -14.11 -3.22 28.03
C LEU J 100 -15.42 -3.28 28.77
N SER J 101 -15.35 -3.47 30.09
CA SER J 101 -16.54 -3.67 30.90
C SER J 101 -16.49 -2.77 32.13
N PRO J 102 -17.64 -2.61 32.79
CA PRO J 102 -17.67 -2.00 34.12
C PRO J 102 -16.77 -2.77 35.06
N GLN J 103 -16.24 -2.10 36.06
CA GLN J 103 -15.40 -2.76 37.04
C GLN J 103 -16.13 -2.75 38.38
N ILE J 104 -16.93 -3.79 38.56
CA ILE J 104 -17.83 -3.91 39.68
C ILE J 104 -17.69 -5.36 40.09
N ALA J 105 -17.53 -5.60 41.39
CA ALA J 105 -17.34 -6.95 41.90
C ALA J 105 -18.58 -7.41 42.66
N VAL J 106 -18.70 -8.72 42.85
CA VAL J 106 -19.73 -9.25 43.75
C VAL J 106 -19.08 -9.76 45.02
N VAL J 107 -19.54 -9.24 46.15
CA VAL J 107 -19.00 -9.62 47.45
C VAL J 107 -20.05 -10.48 48.16
N THR J 108 -19.62 -11.59 48.74
CA THR J 108 -20.51 -12.52 49.43
C THR J 108 -20.25 -12.44 50.93
N HIS J 109 -21.25 -12.78 51.75
CA HIS J 109 -21.18 -12.58 53.20
C HIS J 109 -20.04 -13.33 53.89
N ASP J 110 -19.49 -14.35 53.23
CA ASP J 110 -18.35 -15.08 53.81
C ASP J 110 -17.02 -14.39 53.50
N GLY J 111 -17.09 -13.23 52.86
CA GLY J 111 -15.91 -12.44 52.53
C GLY J 111 -15.33 -12.73 51.14
N SER J 112 -15.92 -13.67 50.43
CA SER J 112 -15.42 -14.03 49.11
C SER J 112 -15.86 -13.01 48.06
N VAL J 113 -15.00 -12.80 47.08
CA VAL J 113 -15.22 -11.78 46.05
C VAL J 113 -15.09 -12.44 44.67
N MET J 114 -15.97 -12.06 43.75
CA MET J 114 -15.82 -12.45 42.35
C MET J 114 -15.77 -11.17 41.49
N PHE J 115 -14.79 -11.10 40.59
CA PHE J 115 -14.56 -9.91 39.76
C PHE J 115 -14.13 -10.40 38.38
N ILE J 116 -14.90 -10.05 37.34
CA ILE J 116 -14.63 -10.52 35.98
C ILE J 116 -14.59 -9.37 34.95
N PRO J 117 -13.46 -8.68 34.88
CA PRO J 117 -13.32 -7.61 33.89
C PRO J 117 -13.04 -8.15 32.49
N ALA J 118 -13.64 -7.52 31.48
CA ALA J 118 -13.32 -7.84 30.09
C ALA J 118 -12.19 -6.90 29.66
N GLN J 119 -11.26 -7.43 28.89
CA GLN J 119 -10.04 -6.71 28.55
C GLN J 119 -9.63 -6.96 27.11
N ARG J 120 -9.06 -5.94 26.47
CA ARG J 120 -8.29 -6.15 25.25
C ARG J 120 -6.82 -5.91 25.55
N LEU J 121 -5.97 -6.84 25.08
CA LEU J 121 -4.54 -6.77 25.34
C LEU J 121 -3.74 -7.08 24.09
N SER J 122 -2.72 -6.28 23.81
CA SER J 122 -1.69 -6.64 22.83
C SER J 122 -0.55 -7.30 23.58
N PHE J 123 -0.06 -8.41 23.05
CA PHE J 123 1.04 -9.12 23.70
C PHE J 123 2.02 -9.70 22.68
N MET J 124 3.18 -10.11 23.17
CA MET J 124 4.25 -10.62 22.33
C MET J 124 3.96 -12.01 21.81
N CYS J 125 3.87 -12.12 20.50
CA CYS J 125 3.43 -13.35 19.87
C CYS J 125 3.81 -13.26 18.39
N ASP J 126 4.57 -14.24 17.92
CA ASP J 126 4.96 -14.33 16.51
C ASP J 126 3.92 -15.15 15.76
N PRO J 127 3.12 -14.47 14.90
CA PRO J 127 2.00 -15.15 14.24
C PRO J 127 2.38 -15.83 12.93
N THR J 128 3.68 -16.02 12.67
CA THR J 128 4.09 -16.64 11.41
C THR J 128 3.56 -18.08 11.33
N GLY J 129 2.90 -18.42 10.22
CA GLY J 129 2.31 -19.73 10.07
C GLY J 129 0.85 -19.81 10.49
N VAL J 130 0.29 -18.68 10.91
CA VAL J 130 -1.12 -18.63 11.33
C VAL J 130 -2.04 -19.03 10.18
N ASP J 131 -1.57 -18.83 8.94
CA ASP J 131 -2.34 -19.16 7.76
C ASP J 131 -2.17 -20.62 7.29
N SER J 132 -1.57 -21.47 8.13
CA SER J 132 -1.37 -22.87 7.77
C SER J 132 -2.29 -23.78 8.59
N GLU J 133 -2.36 -25.04 8.18
CA GLU J 133 -3.17 -26.05 8.88
C GLU J 133 -2.68 -26.25 10.31
N GLU J 134 -1.36 -26.21 10.49
CA GLU J 134 -0.73 -26.42 11.79
C GLU J 134 -0.93 -25.23 12.71
N GLY J 135 -1.09 -24.05 12.13
CA GLY J 135 -1.34 -22.86 12.92
C GLY J 135 -0.12 -22.41 13.72
N VAL J 136 -0.37 -21.66 14.78
CA VAL J 136 0.70 -21.11 15.56
C VAL J 136 0.34 -21.22 17.04
N THR J 137 1.35 -21.22 17.90
CA THR J 137 1.12 -21.26 19.34
C THR J 137 1.70 -20.02 19.96
N CYS J 138 0.95 -19.39 20.85
CA CYS J 138 1.50 -18.31 21.64
C CYS J 138 1.13 -18.48 23.10
N ALA J 139 1.91 -17.87 23.97
CA ALA J 139 1.73 -18.05 25.40
C ALA J 139 1.81 -16.69 26.08
N LEU J 140 1.02 -16.55 27.14
CA LEU J 140 0.95 -15.30 27.87
C LEU J 140 0.84 -15.66 29.34
N THR J 141 1.73 -15.13 30.17
CA THR J 141 1.68 -15.43 31.60
C THR J 141 1.04 -14.31 32.41
N PHE J 142 0.30 -14.70 33.44
CA PHE J 142 -0.41 -13.77 34.30
C PHE J 142 -0.06 -14.05 35.73
N GLY J 143 0.22 -13.01 36.51
CA GLY J 143 0.43 -13.19 37.94
C GLY J 143 0.63 -11.86 38.61
N SER J 144 0.81 -11.88 39.92
CA SER J 144 1.06 -10.65 40.67
C SER J 144 2.34 -10.01 40.15
N TRP J 145 2.33 -8.69 40.04
CA TRP J 145 3.51 -7.96 39.60
C TRP J 145 4.51 -7.83 40.75
N VAL J 146 4.00 -7.69 41.97
CA VAL J 146 4.87 -7.29 43.09
C VAL J 146 4.91 -8.26 44.27
N TYR J 147 3.97 -9.19 44.32
CA TYR J 147 3.93 -10.15 45.42
C TYR J 147 4.50 -11.51 45.03
N SER J 148 5.39 -12.05 45.84
CA SER J 148 5.91 -13.38 45.59
C SER J 148 4.89 -14.43 46.05
N GLY J 149 5.23 -15.71 45.86
CA GLY J 149 4.37 -16.81 46.26
C GLY J 149 4.19 -16.94 47.77
N PHE J 150 4.98 -16.20 48.53
CA PHE J 150 4.81 -16.13 49.98
C PHE J 150 3.63 -15.26 50.39
N GLU J 151 3.17 -14.40 49.49
CA GLU J 151 2.00 -13.56 49.77
C GLU J 151 0.82 -13.88 48.86
N ILE J 152 1.08 -14.10 47.58
CA ILE J 152 0.00 -14.46 46.68
C ILE J 152 0.25 -15.77 45.95
N ASP J 153 -0.63 -16.73 46.21
CA ASP J 153 -0.62 -17.96 45.43
C ASP J 153 -1.75 -17.85 44.41
N LEU J 154 -1.63 -18.58 43.32
CA LEU J 154 -2.70 -18.62 42.32
C LEU J 154 -3.15 -20.06 42.12
N LYS J 155 -4.34 -20.21 41.59
CA LYS J 155 -4.93 -21.52 41.34
C LYS J 155 -5.92 -21.34 40.19
N THR J 156 -6.13 -22.40 39.42
CA THR J 156 -7.20 -22.41 38.43
C THR J 156 -8.22 -23.46 38.89
N ASP J 157 -9.47 -23.38 38.42
CA ASP J 157 -10.47 -24.41 38.74
C ASP J 157 -10.45 -25.49 37.68
N THR J 158 -9.98 -25.09 36.50
CA THR J 158 -9.81 -26.01 35.39
C THR J 158 -8.59 -25.56 34.61
N ASP J 159 -7.97 -26.46 33.84
CA ASP J 159 -6.88 -26.04 32.99
C ASP J 159 -7.34 -25.75 31.57
N GLN J 160 -8.64 -25.86 31.35
CA GLN J 160 -9.22 -25.52 30.04
C GLN J 160 -9.72 -24.09 30.00
N VAL J 161 -9.22 -23.32 29.04
CA VAL J 161 -9.77 -21.97 28.82
C VAL J 161 -11.21 -22.10 28.37
N ASP J 162 -12.08 -21.25 28.89
CA ASP J 162 -13.48 -21.26 28.49
C ASP J 162 -13.64 -20.67 27.09
N LEU J 163 -14.11 -21.48 26.14
CA LEU J 163 -14.23 -21.07 24.75
C LEU J 163 -15.70 -20.93 24.34
N SER J 164 -16.59 -21.08 25.30
CA SER J 164 -18.04 -21.07 25.01
C SER J 164 -18.56 -19.72 24.51
N SER J 165 -17.78 -18.65 24.69
CA SER J 165 -18.19 -17.35 24.17
C SER J 165 -17.27 -16.88 23.07
N TYR J 166 -16.41 -17.77 22.57
CA TYR J 166 -15.50 -17.37 21.49
C TYR J 166 -16.27 -16.95 20.24
N TYR J 167 -15.88 -15.82 19.66
CA TYR J 167 -16.58 -15.26 18.50
C TYR J 167 -16.46 -16.18 17.29
N ALA J 168 -17.59 -16.69 16.82
CA ALA J 168 -17.61 -17.72 15.79
C ALA J 168 -17.17 -17.21 14.43
N SER J 169 -17.17 -15.90 14.24
CA SER J 169 -16.76 -15.35 12.93
C SER J 169 -15.46 -14.58 13.00
N SER J 170 -14.69 -14.84 14.06
CA SER J 170 -13.35 -14.32 14.20
C SER J 170 -12.54 -14.64 12.97
N LYS J 171 -11.56 -13.80 12.66
CA LYS J 171 -10.58 -14.13 11.63
C LYS J 171 -9.84 -15.40 12.01
N TYR J 172 -9.74 -15.69 13.31
CA TYR J 172 -8.92 -16.80 13.78
C TYR J 172 -9.75 -17.81 14.55
N GLU J 173 -9.50 -19.09 14.28
CA GLU J 173 -10.16 -20.16 15.02
C GLU J 173 -9.20 -20.80 16.04
N ILE J 174 -9.75 -21.29 17.15
CA ILE J 174 -8.93 -21.83 18.23
C ILE J 174 -8.77 -23.34 18.10
N LEU J 175 -7.52 -23.80 18.17
CA LEU J 175 -7.21 -25.23 18.07
C LEU J 175 -7.12 -25.81 19.46
N SER J 176 -6.53 -25.04 20.37
CA SER J 176 -6.56 -25.38 21.79
C SER J 176 -6.24 -24.15 22.60
N ALA J 177 -6.67 -24.16 23.87
CA ALA J 177 -6.42 -23.05 24.77
C ALA J 177 -6.43 -23.58 26.20
N THR J 178 -5.28 -23.47 26.88
CA THR J 178 -5.14 -23.99 28.22
C THR J 178 -4.64 -22.92 29.17
N GLN J 179 -4.93 -23.09 30.45
CA GLN J 179 -4.48 -22.17 31.49
C GLN J 179 -3.87 -23.00 32.62
N THR J 180 -2.58 -22.80 32.87
CA THR J 180 -1.84 -23.65 33.79
C THR J 180 -0.99 -22.88 34.79
N ARG J 181 -1.13 -23.22 36.07
CA ARG J 181 -0.35 -22.64 37.15
C ARG J 181 1.11 -23.04 37.02
N GLN J 182 2.01 -22.06 37.13
CA GLN J 182 3.45 -22.34 37.10
C GLN J 182 4.20 -21.54 38.16
N VAL J 183 5.50 -21.80 38.26
CA VAL J 183 6.39 -21.03 39.12
C VAL J 183 7.49 -20.34 38.32
N GLN J 184 7.61 -19.03 38.48
CA GLN J 184 8.62 -18.25 37.76
C GLN J 184 9.58 -17.51 38.69
N HIS J 185 10.78 -17.24 38.19
CA HIS J 185 11.74 -16.37 38.87
C HIS J 185 12.14 -15.23 37.94
N TYR J 186 12.40 -14.06 38.52
CA TYR J 186 12.87 -12.92 37.75
C TYR J 186 14.17 -12.42 38.37
N SER J 187 15.02 -11.80 37.55
CA SER J 187 16.37 -11.37 37.97
C SER J 187 16.38 -10.47 39.21
N CYS J 188 15.33 -9.68 39.39
CA CYS J 188 15.28 -8.71 40.48
C CYS J 188 15.28 -9.37 41.86
N CYS J 189 14.65 -10.54 41.95
CA CYS J 189 14.33 -11.15 43.25
C CYS J 189 14.61 -12.66 43.26
N PRO J 190 14.97 -13.21 44.43
CA PRO J 190 15.23 -14.66 44.50
C PRO J 190 14.01 -15.50 44.84
N GLU J 191 12.92 -14.87 45.29
CA GLU J 191 11.71 -15.59 45.70
C GLU J 191 10.91 -16.11 44.49
N PRO J 192 10.26 -17.28 44.67
CA PRO J 192 9.36 -17.84 43.65
C PRO J 192 8.16 -16.95 43.43
N TYR J 193 7.87 -16.61 42.18
CA TYR J 193 6.64 -15.92 41.84
C TYR J 193 5.73 -16.92 41.14
N ILE J 194 4.43 -16.78 41.33
CA ILE J 194 3.49 -17.75 40.77
C ILE J 194 2.82 -17.10 39.57
N ASP J 195 2.56 -17.90 38.54
CA ASP J 195 1.78 -17.39 37.43
C ASP J 195 0.81 -18.42 36.90
N VAL J 196 -0.13 -17.94 36.09
CA VAL J 196 -0.96 -18.82 35.30
C VAL J 196 -0.57 -18.60 33.84
N ASN J 197 -0.18 -19.70 33.21
CA ASN J 197 0.31 -19.65 31.84
C ASN J 197 -0.82 -19.98 30.88
N LEU J 198 -1.17 -18.99 30.07
CA LEU J 198 -2.23 -19.13 29.09
C LEU J 198 -1.60 -19.49 27.74
N VAL J 199 -1.91 -20.70 27.25
CA VAL J 199 -1.34 -21.16 25.99
C VAL J 199 -2.42 -21.38 24.94
N VAL J 200 -2.33 -20.64 23.84
CA VAL J 200 -3.34 -20.67 22.81
C VAL J 200 -2.75 -21.04 21.46
N LYS J 201 -3.31 -22.08 20.87
CA LYS J 201 -2.92 -22.52 19.53
C LYS J 201 -4.07 -22.16 18.59
N PHE J 202 -3.75 -21.52 17.48
CA PHE J 202 -4.80 -20.99 16.62
C PHE J 202 -4.37 -20.87 15.17
N ARG J 203 -5.34 -20.72 14.27
CA ARG J 203 -5.03 -20.54 12.85
C ARG J 203 -6.12 -19.70 12.21
N GLU J 204 -5.89 -19.26 10.97
CA GLU J 204 -6.90 -18.50 10.26
C GLU J 204 -8.16 -19.33 10.04
N ARG J 205 -9.32 -18.72 10.31
CA ARG J 205 -10.60 -19.41 10.18
C ARG J 205 -10.90 -19.67 8.72
N ARG J 206 -11.43 -20.85 8.42
CA ARG J 206 -11.81 -21.21 7.04
C ARG J 206 -13.11 -22.00 6.97
N ALA J 207 -13.97 -21.77 7.95
CA ALA J 207 -15.29 -22.39 8.00
C ALA J 207 -16.23 -21.46 8.75
N GLY J 208 -17.53 -21.65 8.55
CA GLY J 208 -18.52 -20.84 9.24
C GLY J 208 -19.05 -19.70 8.39
N ASN J 209 -19.22 -18.54 9.02
CA ASN J 209 -19.73 -17.34 8.35
C ASN J 209 -19.02 -17.05 7.04
N GLY J 210 -19.76 -17.13 5.95
CA GLY J 210 -19.25 -16.77 4.66
C GLY J 210 -18.48 -17.86 3.95
N PHE J 211 -17.57 -18.53 4.64
CA PHE J 211 -16.63 -19.43 3.98
C PHE J 211 -17.24 -20.49 3.06
N PHE J 212 -16.82 -20.45 1.80
CA PHE J 212 -17.45 -21.22 0.72
C PHE J 212 -16.60 -22.39 0.22
OH SRO K . -5.49 -28.17 -31.00
CZ3 SRO K . -5.63 -29.46 -30.50
CH2 SRO K . -5.46 -30.58 -31.34
CZ2 SRO K . -5.59 -31.87 -30.82
CE2 SRO K . -5.91 -32.06 -29.47
NE1 SRO K . -6.09 -33.21 -28.70
CD1 SRO K . -6.38 -32.86 -27.43
CG SRO K . -6.38 -31.47 -27.36
CD2 SRO K . -6.08 -30.96 -28.64
CE3 SRO K . -5.93 -29.66 -29.16
CB SRO K . -6.65 -30.61 -26.17
CA SRO K . -5.80 -30.82 -24.96
NZ SRO K . -4.39 -30.63 -25.13
C1 GOL L . 4.89 -30.78 -36.15
O1 GOL L . 4.44 -31.11 -37.44
C2 GOL L . 3.97 -31.49 -35.15
O2 GOL L . 2.74 -30.82 -35.15
C3 GOL L . 4.55 -31.68 -33.74
O3 GOL L . 5.11 -30.54 -33.08
P PO4 M . -5.58 -40.26 -32.53
O1 PO4 M . -6.99 -40.79 -32.74
O2 PO4 M . -5.08 -39.77 -33.86
O3 PO4 M . -5.61 -39.13 -31.53
O4 PO4 M . -4.70 -41.37 -31.98
C1 GOL N . 1.30 3.26 -33.81
O1 GOL N . 1.96 3.12 -35.05
C2 GOL N . 1.62 2.10 -32.89
O2 GOL N . 1.11 2.33 -31.59
C3 GOL N . 3.12 1.91 -32.80
O3 GOL N . 3.44 0.54 -32.91
OH SRO O . -12.41 -4.91 -40.19
CZ3 SRO O . -13.75 -5.27 -40.22
CH2 SRO O . -14.33 -5.82 -41.38
CZ2 SRO O . -15.67 -6.19 -41.40
CE2 SRO O . -16.47 -6.00 -40.25
NE1 SRO O . -17.81 -6.26 -39.99
CD1 SRO O . -18.12 -5.90 -38.73
CG SRO O . -16.95 -5.40 -38.14
CD2 SRO O . -15.92 -5.46 -39.11
CE3 SRO O . -14.54 -5.10 -39.09
CB SRO O . -16.80 -4.87 -36.75
CA SRO O . -17.26 -5.74 -35.64
NZ SRO O . -16.68 -7.05 -35.58
C1 GOL P . -3.61 -8.58 -18.22
O1 GOL P . -3.13 -9.69 -18.94
C2 GOL P . -3.45 -8.85 -16.73
O2 GOL P . -4.66 -8.53 -16.08
C3 GOL P . -2.34 -7.94 -16.21
O3 GOL P . -2.82 -7.17 -15.14
P PO4 Q . -22.43 -9.42 -45.76
O1 PO4 Q . -21.32 -9.79 -46.72
O2 PO4 Q . -23.33 -10.61 -45.57
O3 PO4 Q . -21.86 -9.01 -44.42
O4 PO4 Q . -23.22 -8.28 -46.32
C1 GOL R . -5.22 -4.95 -17.92
O1 GOL R . -5.64 -6.24 -17.52
C2 GOL R . -4.16 -4.30 -17.02
O2 GOL R . -3.81 -5.07 -15.90
C3 GOL R . -4.59 -2.90 -16.59
O3 GOL R . -5.89 -2.61 -17.05
OH SRO S . 8.63 9.92 -40.14
CZ3 SRO S . 7.92 11.04 -40.49
CH2 SRO S . 7.75 11.40 -41.83
CZ2 SRO S . 7.02 12.54 -42.17
CE2 SRO S . 6.45 13.35 -41.15
NE1 SRO S . 5.70 14.51 -41.21
CD1 SRO S . 5.39 14.91 -39.94
CG SRO S . 5.96 14.00 -39.06
CD2 SRO S . 6.62 13.00 -39.83
CE3 SRO S . 7.36 11.85 -39.50
CB SRO S . 5.89 14.02 -37.57
CA SRO S . 4.54 14.15 -36.95
NZ SRO S . 3.52 13.28 -37.45
C1 GOL T . 4.25 2.35 -47.17
O1 GOL T . 5.43 3.05 -46.87
C2 GOL T . 3.43 3.20 -48.12
O2 GOL T . 4.11 3.27 -49.35
C3 GOL T . 3.35 4.60 -47.50
O3 GOL T . 2.00 4.89 -47.23
P PO4 U . 4.13 17.66 -48.56
O1 PO4 U . 4.80 16.53 -49.30
O2 PO4 U . 2.69 17.80 -48.98
O3 PO4 U . 4.18 17.41 -47.07
O4 PO4 U . 4.86 18.94 -48.87
C1 GOL V . -17.17 14.38 23.54
O1 GOL V . -16.80 14.85 22.27
C2 GOL V . -17.02 15.52 24.53
O2 GOL V . -17.10 15.04 25.85
C3 GOL V . -18.11 16.55 24.25
O3 GOL V . -19.40 16.04 24.55
OH SRO W . 28.56 -3.77 -31.16
CZ3 SRO W . 29.36 -2.65 -31.15
CH2 SRO W . 30.10 -2.29 -32.29
CZ2 SRO W . 30.90 -1.15 -32.30
CE2 SRO W . 30.98 -0.34 -31.14
NE1 SRO W . 31.68 0.83 -30.87
CD1 SRO W . 31.43 1.21 -29.60
CG SRO W . 30.55 0.30 -29.04
CD2 SRO W . 30.27 -0.69 -30.01
CE3 SRO W . 29.45 -1.86 -30.01
CB SRO W . 30.00 0.34 -27.65
CA SRO W . 29.32 1.61 -27.27
NZ SRO W . 28.26 2.08 -28.13
C1 GOL X . 7.78 1.05 -18.95
O1 GOL X . 8.78 0.52 -19.80
C2 GOL X . 8.32 1.34 -17.56
O2 GOL X . 8.70 0.14 -16.95
C3 GOL X . 7.21 1.96 -16.74
O3 GOL X . 6.04 1.17 -16.86
C1 GOL Y . 1.85 8.94 -61.88
O1 GOL Y . 0.52 9.39 -62.05
C2 GOL Y . 2.52 9.70 -60.74
O2 GOL Y . 2.69 8.88 -59.59
C3 GOL Y . 1.80 11.00 -60.41
O3 GOL Y . 2.29 11.53 -59.20
P PO4 Z . 36.92 3.26 -36.51
O1 PO4 Z . 36.31 2.37 -37.56
O2 PO4 Z . 35.96 3.44 -35.36
O3 PO4 Z . 38.19 2.63 -36.03
O4 PO4 Z . 37.20 4.64 -37.09
OH SRO AA . 19.75 -27.25 -25.47
CZ3 SRO AA . 20.93 -27.68 -24.90
CH2 SRO AA . 21.90 -28.34 -25.67
CZ2 SRO AA . 23.10 -28.76 -25.09
CE2 SRO AA . 23.34 -28.52 -23.71
NE1 SRO AA . 24.43 -28.84 -22.92
CD1 SRO AA . 24.19 -28.41 -21.66
CG SRO AA . 22.93 -27.82 -21.63
CD2 SRO AA . 22.40 -27.89 -22.94
CE3 SRO AA . 21.19 -27.45 -23.54
CB SRO AA . 22.30 -27.20 -20.43
CA SRO AA . 22.78 -25.83 -20.09
NZ SRO AA . 24.19 -25.68 -19.87
C1 GOL BA . 26.00 -22.90 -35.09
O1 GOL BA . 25.03 -23.53 -35.88
C2 GOL BA . 25.37 -22.39 -33.80
O2 GOL BA . 26.37 -22.21 -32.83
C3 GOL BA . 24.37 -23.42 -33.30
O3 GOL BA . 23.11 -23.11 -33.86
P PO4 CA . 30.96 -32.43 -26.03
O1 PO4 CA . 30.60 -32.49 -27.49
O2 PO4 CA . 29.67 -32.37 -25.23
O3 PO4 CA . 31.75 -33.65 -25.63
O4 PO4 CA . 31.77 -31.21 -25.74
C1 GOL DA . 2.40 6.95 14.77
O1 GOL DA . 3.09 5.80 15.20
C2 GOL DA . 3.36 7.93 14.10
O2 GOL DA . 3.90 7.32 12.94
C3 GOL DA . 4.46 8.30 15.07
O3 GOL DA . 5.47 9.12 14.51
OH SRO EA . 11.06 22.09 34.30
CZ3 SRO EA . 12.43 22.00 34.48
CH2 SRO EA . 13.00 22.30 35.73
CZ2 SRO EA . 14.37 22.19 35.93
CE2 SRO EA . 15.21 21.77 34.84
NE1 SRO EA . 16.58 21.60 34.78
CD1 SRO EA . 16.92 21.20 33.54
CG SRO EA . 15.76 21.12 32.78
CD2 SRO EA . 14.66 21.48 33.62
CE3 SRO EA . 13.26 21.59 33.43
CB SRO EA . 15.68 20.70 31.36
CA SRO EA . 16.38 19.42 31.07
NZ SRO EA . 15.88 18.25 31.73
C1 GOL FA . 10.23 17.02 43.07
O1 GOL FA . 10.90 15.89 43.59
C2 GOL FA . 8.73 16.81 43.26
O2 GOL FA . 8.06 17.99 42.87
C3 GOL FA . 8.45 16.54 44.72
O3 GOL FA . 9.06 17.56 45.49
P PO4 GA . 21.27 23.24 41.13
O1 PO4 GA . 20.64 22.43 40.03
O2 PO4 GA . 20.21 23.62 42.14
O3 PO4 GA . 22.34 22.39 41.79
O4 PO4 GA . 21.88 24.50 40.58
C1 GOL HA . 4.91 4.37 18.12
O1 GOL HA . 4.83 3.93 16.79
C2 GOL HA . 3.78 3.78 18.93
O2 GOL HA . 2.66 3.58 18.10
C3 GOL HA . 3.45 4.71 20.08
O3 GOL HA . 2.06 4.80 20.28
OH SRO IA . -11.54 31.25 26.07
CZ3 SRO IA . -10.98 32.45 25.68
CH2 SRO IA . -10.86 33.53 26.56
CZ2 SRO IA . -10.28 34.73 26.14
CE2 SRO IA . -9.80 34.85 24.81
NE1 SRO IA . -9.18 35.90 24.13
CD1 SRO IA . -8.91 35.51 22.86
CG SRO IA . -9.36 34.21 22.71
CD2 SRO IA . -9.90 33.78 23.95
CE3 SRO IA . -10.49 32.57 24.37
CB SRO IA . -9.27 33.36 21.49
CA SRO IA . -7.90 33.11 20.98
NZ SRO IA . -6.95 32.78 22.00
P PO4 JA . -8.22 42.98 28.00
O1 PO4 JA . -8.28 41.91 26.93
O2 PO4 JA . -8.89 42.51 29.28
O3 PO4 JA . -6.77 43.29 28.28
O4 PO4 JA . -8.91 44.21 27.49
C1 GOL KA . -0.23 11.88 14.89
O1 GOL KA . 0.90 12.39 14.21
C2 GOL KA . 0.00 12.00 16.40
O2 GOL KA . 1.37 12.25 16.61
C3 GOL KA . -0.81 13.14 17.01
O3 GOL KA . -1.22 12.80 18.33
OH SRO LA . -29.04 12.41 28.19
CZ3 SRO LA . -30.03 13.15 27.57
CH2 SRO LA . -30.88 13.99 28.29
CZ2 SRO LA . -31.86 14.76 27.66
CE2 SRO LA . -32.01 14.68 26.25
NE1 SRO LA . -32.89 15.32 25.38
CD1 SRO LA . -32.62 14.91 24.11
CG SRO LA . -31.56 14.00 24.16
CD2 SRO LA . -31.18 13.85 25.52
CE3 SRO LA . -30.18 13.08 26.18
CB SRO LA . -30.93 13.29 23.00
CA SRO LA . -30.35 14.10 21.91
NZ SRO LA . -29.63 15.28 22.29
P PO4 MA . -38.62 20.04 28.42
O1 PO4 MA . -37.62 19.30 27.57
O2 PO4 MA . -39.95 19.35 28.34
O3 PO4 MA . -38.14 20.07 29.85
O4 PO4 MA . -38.75 21.45 27.90
OH SRO NA . -17.25 -8.36 37.57
CZ3 SRO NA . -18.36 -9.17 37.42
CH2 SRO NA . -19.27 -9.35 38.48
CZ2 SRO NA . -20.39 -10.17 38.29
CE2 SRO NA . -20.60 -10.84 37.07
NE1 SRO NA . -21.60 -11.70 36.65
CD1 SRO NA . -21.36 -12.08 35.37
CG SRO NA . -20.19 -11.46 34.96
CD2 SRO NA . -19.70 -10.68 36.04
CE3 SRO NA . -18.59 -9.83 36.21
CB SRO NA . -19.54 -11.60 33.62
CA SRO NA . -20.46 -11.47 32.45
NZ SRO NA . -21.02 -10.18 32.22
P PO4 OA . -27.78 -13.41 41.60
O1 PO4 OA . -27.92 -14.81 42.13
O2 PO4 OA . -29.03 -13.04 40.84
O3 PO4 OA . -27.52 -12.44 42.74
O4 PO4 OA . -26.60 -13.36 40.66
OH SRO PA . 7.57 -2.62 41.55
CZ3 SRO PA . 7.89 -3.93 41.84
CH2 SRO PA . 7.83 -4.40 43.16
CZ2 SRO PA . 8.14 -5.73 43.45
CE2 SRO PA . 8.54 -6.60 42.39
NE1 SRO PA . 8.90 -7.94 42.38
CD1 SRO PA . 9.19 -8.32 41.12
CG SRO PA . 9.02 -7.22 40.28
CD2 SRO PA . 8.60 -6.13 41.09
CE3 SRO PA . 8.27 -4.78 40.82
CB SRO PA . 9.23 -7.18 38.81
CA SRO PA . 8.50 -8.18 38.00
NZ SRO PA . 7.10 -8.33 38.28
P PO4 QA . 9.13 -11.51 49.59
O1 PO4 QA . 9.61 -10.93 48.27
O2 PO4 QA . 7.93 -12.37 49.33
O3 PO4 QA . 10.21 -12.37 50.18
O4 PO4 QA . 8.80 -10.36 50.52
C1 GOL RA . 1.91 -0.97 17.57
O1 GOL RA . 3.08 -1.76 17.59
C2 GOL RA . 1.13 -1.15 16.27
O2 GOL RA . 1.61 -0.25 15.30
C3 GOL RA . -0.36 -0.89 16.54
O3 GOL RA . -1.02 -0.51 15.36
#